data_1JD6
# 
_entry.id   1JD6 
# 
_audit_conform.dict_name       mmcif_pdbx.dic 
_audit_conform.dict_version    5.386 
_audit_conform.dict_location   http://mmcif.pdb.org/dictionaries/ascii/mmcif_pdbx.dic 
# 
loop_
_database_2.database_id 
_database_2.database_code 
_database_2.pdbx_database_accession 
_database_2.pdbx_DOI 
PDB   1JD6         pdb_00001jd6 10.2210/pdb1jd6/pdb 
RCSB  RCSB013644   ?            ?                   
WWPDB D_1000013644 ?            ?                   
# 
loop_
_pdbx_audit_revision_history.ordinal 
_pdbx_audit_revision_history.data_content_type 
_pdbx_audit_revision_history.major_revision 
_pdbx_audit_revision_history.minor_revision 
_pdbx_audit_revision_history.revision_date 
1 'Structure model' 1 0 2001-12-05 
2 'Structure model' 1 1 2008-04-27 
3 'Structure model' 1 2 2011-07-13 
4 'Structure model' 1 3 2018-04-04 
5 'Structure model' 1 4 2024-02-07 
# 
_pdbx_audit_revision_details.ordinal             1 
_pdbx_audit_revision_details.revision_ordinal    1 
_pdbx_audit_revision_details.data_content_type   'Structure model' 
_pdbx_audit_revision_details.provider            repository 
_pdbx_audit_revision_details.type                'Initial release' 
_pdbx_audit_revision_details.description         ? 
_pdbx_audit_revision_details.details             ? 
# 
loop_
_pdbx_audit_revision_group.ordinal 
_pdbx_audit_revision_group.revision_ordinal 
_pdbx_audit_revision_group.data_content_type 
_pdbx_audit_revision_group.group 
1 2 'Structure model' 'Version format compliance' 
2 3 'Structure model' 'Version format compliance' 
3 4 'Structure model' 'Data collection'           
4 5 'Structure model' 'Data collection'           
5 5 'Structure model' 'Database references'       
6 5 'Structure model' 'Derived calculations'      
# 
loop_
_pdbx_audit_revision_category.ordinal 
_pdbx_audit_revision_category.revision_ordinal 
_pdbx_audit_revision_category.data_content_type 
_pdbx_audit_revision_category.category 
1 4 'Structure model' diffrn_source          
2 5 'Structure model' chem_comp_atom         
3 5 'Structure model' chem_comp_bond         
4 5 'Structure model' database_2             
5 5 'Structure model' pdbx_struct_conn_angle 
6 5 'Structure model' struct_conn            
7 5 'Structure model' struct_site            
# 
loop_
_pdbx_audit_revision_item.ordinal 
_pdbx_audit_revision_item.revision_ordinal 
_pdbx_audit_revision_item.data_content_type 
_pdbx_audit_revision_item.item 
1  4 'Structure model' '_diffrn_source.type'                         
2  5 'Structure model' '_database_2.pdbx_DOI'                        
3  5 'Structure model' '_database_2.pdbx_database_accession'         
4  5 'Structure model' '_pdbx_struct_conn_angle.ptnr1_auth_comp_id'  
5  5 'Structure model' '_pdbx_struct_conn_angle.ptnr1_auth_seq_id'   
6  5 'Structure model' '_pdbx_struct_conn_angle.ptnr1_label_atom_id' 
7  5 'Structure model' '_pdbx_struct_conn_angle.ptnr1_label_comp_id' 
8  5 'Structure model' '_pdbx_struct_conn_angle.ptnr1_label_seq_id'  
9  5 'Structure model' '_pdbx_struct_conn_angle.ptnr3_auth_comp_id'  
10 5 'Structure model' '_pdbx_struct_conn_angle.ptnr3_auth_seq_id'   
11 5 'Structure model' '_pdbx_struct_conn_angle.ptnr3_label_atom_id' 
12 5 'Structure model' '_pdbx_struct_conn_angle.ptnr3_label_comp_id' 
13 5 'Structure model' '_pdbx_struct_conn_angle.ptnr3_label_seq_id'  
14 5 'Structure model' '_pdbx_struct_conn_angle.value'               
15 5 'Structure model' '_struct_conn.pdbx_dist_value'                
16 5 'Structure model' '_struct_conn.ptnr1_auth_comp_id'             
17 5 'Structure model' '_struct_conn.ptnr1_auth_seq_id'              
18 5 'Structure model' '_struct_conn.ptnr1_label_asym_id'            
19 5 'Structure model' '_struct_conn.ptnr1_label_atom_id'            
20 5 'Structure model' '_struct_conn.ptnr1_label_comp_id'            
21 5 'Structure model' '_struct_conn.ptnr1_label_seq_id'             
22 5 'Structure model' '_struct_conn.ptnr2_auth_comp_id'             
23 5 'Structure model' '_struct_conn.ptnr2_auth_seq_id'              
24 5 'Structure model' '_struct_conn.ptnr2_label_asym_id'            
25 5 'Structure model' '_struct_conn.ptnr2_label_atom_id'            
26 5 'Structure model' '_struct_conn.ptnr2_label_comp_id'            
27 5 'Structure model' '_struct_conn.ptnr2_label_seq_id'             
28 5 'Structure model' '_struct_site.pdbx_auth_asym_id'              
29 5 'Structure model' '_struct_site.pdbx_auth_comp_id'              
30 5 'Structure model' '_struct_site.pdbx_auth_seq_id'               
# 
_pdbx_database_status.status_code                     REL 
_pdbx_database_status.entry_id                        1JD6 
_pdbx_database_status.recvd_initial_deposition_date   2001-06-12 
_pdbx_database_status.deposit_site                    RCSB 
_pdbx_database_status.process_site                    RCSB 
_pdbx_database_status.SG_entry                        . 
_pdbx_database_status.status_code_sf                  ? 
_pdbx_database_status.status_code_mr                  ? 
_pdbx_database_status.status_code_cs                  ? 
_pdbx_database_status.pdb_format_compatible           Y 
_pdbx_database_status.methods_development_category    ? 
_pdbx_database_status.status_code_nmr_data            ? 
# 
loop_
_pdbx_database_related.db_name 
_pdbx_database_related.db_id 
_pdbx_database_related.details 
_pdbx_database_related.content_type 
PDB 1JD4 'Crystal Structure of DIAP1-BIR2'      unspecified 
PDB 1JD5 'Crystal Structure of DIAP1-BIR2/GRIM' unspecified 
# 
loop_
_audit_author.name 
_audit_author.pdbx_ordinal 
'Wu, J.W.'     1 
'Cocina, A.E.' 2 
'Chai, J.'     3 
'Hay, B.A.'    4 
'Shi, Y.'      5 
# 
_citation.id                        primary 
_citation.title                     'Structural analysis of a functional DIAP1 fragment bound to grim and hid peptides.' 
_citation.journal_abbrev            Mol.Cell 
_citation.journal_volume            8 
_citation.page_first                95 
_citation.page_last                 104 
_citation.year                      2001 
_citation.journal_id_ASTM           MOCEFL 
_citation.country                   US 
_citation.journal_id_ISSN           1097-2765 
_citation.journal_id_CSD            2168 
_citation.book_publisher            ? 
_citation.pdbx_database_id_PubMed   11511363 
_citation.pdbx_database_id_DOI      '10.1016/S1097-2765(01)00282-9' 
# 
loop_
_citation_author.citation_id 
_citation_author.name 
_citation_author.ordinal 
_citation_author.identifier_ORCID 
primary 'Wu, J.W.'     1 ? 
primary 'Cocina, A.E.' 2 ? 
primary 'Chai, J.'     3 ? 
primary 'Hay, B.A.'    4 ? 
primary 'Shi, Y.'      5 ? 
# 
loop_
_entity.id 
_entity.type 
_entity.src_method 
_entity.pdbx_description 
_entity.formula_weight 
_entity.pdbx_number_of_molecules 
_entity.pdbx_ec 
_entity.pdbx_mutation 
_entity.pdbx_fragment 
_entity.details 
1 polymer     man 'APOPTOSIS 1 INHIBITOR'             14078.695 1 ? ? ? ? 
2 polymer     syn 'head involution defective protein' 1049.176  1 ? ? ? ? 
3 non-polymer syn 'ZINC ION'                          65.409    1 ? ? ? ? 
# 
_entity_name_com.entity_id   1 
_entity_name_com.name        DIAP1 
# 
loop_
_entity_poly.entity_id 
_entity_poly.type 
_entity_poly.nstd_linkage 
_entity_poly.nstd_monomer 
_entity_poly.pdbx_seq_one_letter_code 
_entity_poly.pdbx_seq_one_letter_code_can 
_entity_poly.pdbx_strand_id 
_entity_poly.pdbx_target_identifier 
1 'polypeptide(L)' no no 
;DVQPETCRPSAASGNYFPQYPEYAIETARLRTFEAWPRNLKQKPHQLAEAGFFYTGVGDRVRCFSCGGGLMDWNDNDEPW
EQHALWLSQCRFVKLMKGQLYIDTVAAKPVLAEEKEESTSIGGD
;
;DVQPETCRPSAASGNYFPQYPEYAIETARLRTFEAWPRNLKQKPHQLAEAGFFYTGVGDRVRCFSCGGGLMDWNDNDEPW
EQHALWLSQCRFVKLMKGQLYIDTVAAKPVLAEEKEESTSIGGD
;
A ? 
2 'polypeptide(L)' no no AVPFYLPEGG AVPFYLPEGG B ? 
# 
_pdbx_entity_nonpoly.entity_id   3 
_pdbx_entity_nonpoly.name        'ZINC ION' 
_pdbx_entity_nonpoly.comp_id     ZN 
# 
loop_
_entity_poly_seq.entity_id 
_entity_poly_seq.num 
_entity_poly_seq.mon_id 
_entity_poly_seq.hetero 
1 1   ASP n 
1 2   VAL n 
1 3   GLN n 
1 4   PRO n 
1 5   GLU n 
1 6   THR n 
1 7   CYS n 
1 8   ARG n 
1 9   PRO n 
1 10  SER n 
1 11  ALA n 
1 12  ALA n 
1 13  SER n 
1 14  GLY n 
1 15  ASN n 
1 16  TYR n 
1 17  PHE n 
1 18  PRO n 
1 19  GLN n 
1 20  TYR n 
1 21  PRO n 
1 22  GLU n 
1 23  TYR n 
1 24  ALA n 
1 25  ILE n 
1 26  GLU n 
1 27  THR n 
1 28  ALA n 
1 29  ARG n 
1 30  LEU n 
1 31  ARG n 
1 32  THR n 
1 33  PHE n 
1 34  GLU n 
1 35  ALA n 
1 36  TRP n 
1 37  PRO n 
1 38  ARG n 
1 39  ASN n 
1 40  LEU n 
1 41  LYS n 
1 42  GLN n 
1 43  LYS n 
1 44  PRO n 
1 45  HIS n 
1 46  GLN n 
1 47  LEU n 
1 48  ALA n 
1 49  GLU n 
1 50  ALA n 
1 51  GLY n 
1 52  PHE n 
1 53  PHE n 
1 54  TYR n 
1 55  THR n 
1 56  GLY n 
1 57  VAL n 
1 58  GLY n 
1 59  ASP n 
1 60  ARG n 
1 61  VAL n 
1 62  ARG n 
1 63  CYS n 
1 64  PHE n 
1 65  SER n 
1 66  CYS n 
1 67  GLY n 
1 68  GLY n 
1 69  GLY n 
1 70  LEU n 
1 71  MET n 
1 72  ASP n 
1 73  TRP n 
1 74  ASN n 
1 75  ASP n 
1 76  ASN n 
1 77  ASP n 
1 78  GLU n 
1 79  PRO n 
1 80  TRP n 
1 81  GLU n 
1 82  GLN n 
1 83  HIS n 
1 84  ALA n 
1 85  LEU n 
1 86  TRP n 
1 87  LEU n 
1 88  SER n 
1 89  GLN n 
1 90  CYS n 
1 91  ARG n 
1 92  PHE n 
1 93  VAL n 
1 94  LYS n 
1 95  LEU n 
1 96  MET n 
1 97  LYS n 
1 98  GLY n 
1 99  GLN n 
1 100 LEU n 
1 101 TYR n 
1 102 ILE n 
1 103 ASP n 
1 104 THR n 
1 105 VAL n 
1 106 ALA n 
1 107 ALA n 
1 108 LYS n 
1 109 PRO n 
1 110 VAL n 
1 111 LEU n 
1 112 ALA n 
1 113 GLU n 
1 114 GLU n 
1 115 LYS n 
1 116 GLU n 
1 117 GLU n 
1 118 SER n 
1 119 THR n 
1 120 SER n 
1 121 ILE n 
1 122 GLY n 
1 123 GLY n 
1 124 ASP n 
2 1   ALA n 
2 2   VAL n 
2 3   PRO n 
2 4   PHE n 
2 5   TYR n 
2 6   LEU n 
2 7   PRO n 
2 8   GLU n 
2 9   GLY n 
2 10  GLY n 
# 
_entity_src_gen.entity_id                          1 
_entity_src_gen.pdbx_src_id                        1 
_entity_src_gen.pdbx_alt_source_flag               sample 
_entity_src_gen.pdbx_seq_type                      ? 
_entity_src_gen.pdbx_beg_seq_num                   ? 
_entity_src_gen.pdbx_end_seq_num                   ? 
_entity_src_gen.gene_src_common_name               'fruit fly' 
_entity_src_gen.gene_src_genus                     Drosophila 
_entity_src_gen.pdbx_gene_src_gene                 DIAP1 
_entity_src_gen.gene_src_species                   ? 
_entity_src_gen.gene_src_strain                    ? 
_entity_src_gen.gene_src_tissue                    ? 
_entity_src_gen.gene_src_tissue_fraction           ? 
_entity_src_gen.gene_src_details                   ? 
_entity_src_gen.pdbx_gene_src_fragment             ? 
_entity_src_gen.pdbx_gene_src_scientific_name      'Drosophila melanogaster' 
_entity_src_gen.pdbx_gene_src_ncbi_taxonomy_id     7227 
_entity_src_gen.pdbx_gene_src_variant              ? 
_entity_src_gen.pdbx_gene_src_cell_line            ? 
_entity_src_gen.pdbx_gene_src_atcc                 ? 
_entity_src_gen.pdbx_gene_src_organ                ? 
_entity_src_gen.pdbx_gene_src_organelle            ? 
_entity_src_gen.pdbx_gene_src_cell                 ? 
_entity_src_gen.pdbx_gene_src_cellular_location    ? 
_entity_src_gen.host_org_common_name               ? 
_entity_src_gen.pdbx_host_org_scientific_name      'Escherichia coli BL21(DE3)' 
_entity_src_gen.pdbx_host_org_ncbi_taxonomy_id     469008 
_entity_src_gen.host_org_genus                     Escherichia 
_entity_src_gen.pdbx_host_org_gene                 ? 
_entity_src_gen.pdbx_host_org_organ                ? 
_entity_src_gen.host_org_species                   'Escherichia coli' 
_entity_src_gen.pdbx_host_org_tissue               ? 
_entity_src_gen.pdbx_host_org_tissue_fraction      ? 
_entity_src_gen.pdbx_host_org_strain               'BL21(DE3)' 
_entity_src_gen.pdbx_host_org_variant              ? 
_entity_src_gen.pdbx_host_org_cell_line            ? 
_entity_src_gen.pdbx_host_org_atcc                 ? 
_entity_src_gen.pdbx_host_org_culture_collection   ? 
_entity_src_gen.pdbx_host_org_cell                 ? 
_entity_src_gen.pdbx_host_org_organelle            ? 
_entity_src_gen.pdbx_host_org_cellular_location    ? 
_entity_src_gen.pdbx_host_org_vector_type          PLASMID 
_entity_src_gen.pdbx_host_org_vector               ? 
_entity_src_gen.host_org_details                   ? 
_entity_src_gen.expression_system_id               ? 
_entity_src_gen.plasmid_name                       PGEX2T 
_entity_src_gen.plasmid_details                    ? 
_entity_src_gen.pdbx_description                   ? 
# 
_pdbx_entity_src_syn.entity_id              2 
_pdbx_entity_src_syn.pdbx_src_id            1 
_pdbx_entity_src_syn.pdbx_alt_source_flag   sample 
_pdbx_entity_src_syn.pdbx_beg_seq_num       ? 
_pdbx_entity_src_syn.pdbx_end_seq_num       ? 
_pdbx_entity_src_syn.organism_scientific    ? 
_pdbx_entity_src_syn.organism_common_name   ? 
_pdbx_entity_src_syn.ncbi_taxonomy_id       ? 
_pdbx_entity_src_syn.details                
'This peptide was chemically synthesized. The sequence is naturally found in Drosophila melanogaster (fruit fly).' 
# 
loop_
_chem_comp.id 
_chem_comp.type 
_chem_comp.mon_nstd_flag 
_chem_comp.name 
_chem_comp.pdbx_synonyms 
_chem_comp.formula 
_chem_comp.formula_weight 
ALA 'L-peptide linking' y ALANINE         ? 'C3 H7 N O2'     89.093  
ARG 'L-peptide linking' y ARGININE        ? 'C6 H15 N4 O2 1' 175.209 
ASN 'L-peptide linking' y ASPARAGINE      ? 'C4 H8 N2 O3'    132.118 
ASP 'L-peptide linking' y 'ASPARTIC ACID' ? 'C4 H7 N O4'     133.103 
CYS 'L-peptide linking' y CYSTEINE        ? 'C3 H7 N O2 S'   121.158 
GLN 'L-peptide linking' y GLUTAMINE       ? 'C5 H10 N2 O3'   146.144 
GLU 'L-peptide linking' y 'GLUTAMIC ACID' ? 'C5 H9 N O4'     147.129 
GLY 'peptide linking'   y GLYCINE         ? 'C2 H5 N O2'     75.067  
HIS 'L-peptide linking' y HISTIDINE       ? 'C6 H10 N3 O2 1' 156.162 
ILE 'L-peptide linking' y ISOLEUCINE      ? 'C6 H13 N O2'    131.173 
LEU 'L-peptide linking' y LEUCINE         ? 'C6 H13 N O2'    131.173 
LYS 'L-peptide linking' y LYSINE          ? 'C6 H15 N2 O2 1' 147.195 
MET 'L-peptide linking' y METHIONINE      ? 'C5 H11 N O2 S'  149.211 
PHE 'L-peptide linking' y PHENYLALANINE   ? 'C9 H11 N O2'    165.189 
PRO 'L-peptide linking' y PROLINE         ? 'C5 H9 N O2'     115.130 
SER 'L-peptide linking' y SERINE          ? 'C3 H7 N O3'     105.093 
THR 'L-peptide linking' y THREONINE       ? 'C4 H9 N O3'     119.119 
TRP 'L-peptide linking' y TRYPTOPHAN      ? 'C11 H12 N2 O2'  204.225 
TYR 'L-peptide linking' y TYROSINE        ? 'C9 H11 N O3'    181.189 
VAL 'L-peptide linking' y VALINE          ? 'C5 H11 N O2'    117.146 
ZN  non-polymer         . 'ZINC ION'      ? 'Zn 2'           65.409  
# 
loop_
_pdbx_poly_seq_scheme.asym_id 
_pdbx_poly_seq_scheme.entity_id 
_pdbx_poly_seq_scheme.seq_id 
_pdbx_poly_seq_scheme.mon_id 
_pdbx_poly_seq_scheme.ndb_seq_num 
_pdbx_poly_seq_scheme.pdb_seq_num 
_pdbx_poly_seq_scheme.auth_seq_num 
_pdbx_poly_seq_scheme.pdb_mon_id 
_pdbx_poly_seq_scheme.auth_mon_id 
_pdbx_poly_seq_scheme.pdb_strand_id 
_pdbx_poly_seq_scheme.pdb_ins_code 
_pdbx_poly_seq_scheme.hetero 
A 1 1   ASP 1   201 ?   ?   ?   A . n 
A 1 2   VAL 2   202 ?   ?   ?   A . n 
A 1 3   GLN 3   203 ?   ?   ?   A . n 
A 1 4   PRO 4   204 ?   ?   ?   A . n 
A 1 5   GLU 5   205 ?   ?   ?   A . n 
A 1 6   THR 6   206 ?   ?   ?   A . n 
A 1 7   CYS 7   207 ?   ?   ?   A . n 
A 1 8   ARG 8   208 ?   ?   ?   A . n 
A 1 9   PRO 9   209 ?   ?   ?   A . n 
A 1 10  SER 10  210 ?   ?   ?   A . n 
A 1 11  ALA 11  211 ?   ?   ?   A . n 
A 1 12  ALA 12  212 ?   ?   ?   A . n 
A 1 13  SER 13  213 ?   ?   ?   A . n 
A 1 14  GLY 14  214 ?   ?   ?   A . n 
A 1 15  ASN 15  215 215 ASN ASN A . n 
A 1 16  TYR 16  216 216 TYR TYR A . n 
A 1 17  PHE 17  217 217 PHE PHE A . n 
A 1 18  PRO 18  218 218 PRO PRO A . n 
A 1 19  GLN 19  219 219 GLN GLN A . n 
A 1 20  TYR 20  220 220 TYR TYR A . n 
A 1 21  PRO 21  221 221 PRO PRO A . n 
A 1 22  GLU 22  222 222 GLU GLU A . n 
A 1 23  TYR 23  223 223 TYR TYR A . n 
A 1 24  ALA 24  224 224 ALA ALA A . n 
A 1 25  ILE 25  225 225 ILE ILE A . n 
A 1 26  GLU 26  226 226 GLU GLU A . n 
A 1 27  THR 27  227 227 THR THR A . n 
A 1 28  ALA 28  228 228 ALA ALA A . n 
A 1 29  ARG 29  229 229 ARG ARG A . n 
A 1 30  LEU 30  230 230 LEU LEU A . n 
A 1 31  ARG 31  231 231 ARG ARG A . n 
A 1 32  THR 32  232 232 THR THR A . n 
A 1 33  PHE 33  233 233 PHE PHE A . n 
A 1 34  GLU 34  234 234 GLU GLU A . n 
A 1 35  ALA 35  235 235 ALA ALA A . n 
A 1 36  TRP 36  236 236 TRP TRP A . n 
A 1 37  PRO 37  237 237 PRO PRO A . n 
A 1 38  ARG 38  238 238 ARG ARG A . n 
A 1 39  ASN 39  239 239 ASN ASN A . n 
A 1 40  LEU 40  240 240 LEU LEU A . n 
A 1 41  LYS 41  241 241 LYS LYS A . n 
A 1 42  GLN 42  242 242 GLN GLN A . n 
A 1 43  LYS 43  243 243 LYS LYS A . n 
A 1 44  PRO 44  244 244 PRO PRO A . n 
A 1 45  HIS 45  245 245 HIS HIS A . n 
A 1 46  GLN 46  246 246 GLN GLN A . n 
A 1 47  LEU 47  247 247 LEU LEU A . n 
A 1 48  ALA 48  248 248 ALA ALA A . n 
A 1 49  GLU 49  249 249 GLU GLU A . n 
A 1 50  ALA 50  250 250 ALA ALA A . n 
A 1 51  GLY 51  251 251 GLY GLY A . n 
A 1 52  PHE 52  252 252 PHE PHE A . n 
A 1 53  PHE 53  253 253 PHE PHE A . n 
A 1 54  TYR 54  254 254 TYR TYR A . n 
A 1 55  THR 55  255 255 THR THR A . n 
A 1 56  GLY 56  256 256 GLY GLY A . n 
A 1 57  VAL 57  257 257 VAL VAL A . n 
A 1 58  GLY 58  258 258 GLY GLY A . n 
A 1 59  ASP 59  259 259 ASP ASP A . n 
A 1 60  ARG 60  260 260 ARG ARG A . n 
A 1 61  VAL 61  261 261 VAL VAL A . n 
A 1 62  ARG 62  262 262 ARG ARG A . n 
A 1 63  CYS 63  263 263 CYS CYS A . n 
A 1 64  PHE 64  264 264 PHE PHE A . n 
A 1 65  SER 65  265 265 SER SER A . n 
A 1 66  CYS 66  266 266 CYS CYS A . n 
A 1 67  GLY 67  267 267 GLY GLY A . n 
A 1 68  GLY 68  268 268 GLY GLY A . n 
A 1 69  GLY 69  269 269 GLY GLY A . n 
A 1 70  LEU 70  270 270 LEU LEU A . n 
A 1 71  MET 71  271 271 MET MET A . n 
A 1 72  ASP 72  272 272 ASP ASP A . n 
A 1 73  TRP 73  273 273 TRP TRP A . n 
A 1 74  ASN 74  274 274 ASN ASN A . n 
A 1 75  ASP 75  275 275 ASP ASP A . n 
A 1 76  ASN 76  276 276 ASN ASN A . n 
A 1 77  ASP 77  277 277 ASP ASP A . n 
A 1 78  GLU 78  278 278 GLU GLU A . n 
A 1 79  PRO 79  279 279 PRO PRO A . n 
A 1 80  TRP 80  280 280 TRP TRP A . n 
A 1 81  GLU 81  281 281 GLU GLU A . n 
A 1 82  GLN 82  282 282 GLN GLN A . n 
A 1 83  HIS 83  283 283 HIS HIS A . n 
A 1 84  ALA 84  284 284 ALA ALA A . n 
A 1 85  LEU 85  285 285 LEU LEU A . n 
A 1 86  TRP 86  286 286 TRP TRP A . n 
A 1 87  LEU 87  287 287 LEU LEU A . n 
A 1 88  SER 88  288 288 SER SER A . n 
A 1 89  GLN 89  289 289 GLN GLN A . n 
A 1 90  CYS 90  290 290 CYS CYS A . n 
A 1 91  ARG 91  291 291 ARG ARG A . n 
A 1 92  PHE 92  292 292 PHE PHE A . n 
A 1 93  VAL 93  293 293 VAL VAL A . n 
A 1 94  LYS 94  294 294 LYS LYS A . n 
A 1 95  LEU 95  295 295 LEU LEU A . n 
A 1 96  MET 96  296 296 MET MET A . n 
A 1 97  LYS 97  297 297 LYS LYS A . n 
A 1 98  GLY 98  298 298 GLY GLY A . n 
A 1 99  GLN 99  299 299 GLN GLN A . n 
A 1 100 LEU 100 300 300 LEU LEU A . n 
A 1 101 TYR 101 301 301 TYR TYR A . n 
A 1 102 ILE 102 302 302 ILE ILE A . n 
A 1 103 ASP 103 303 303 ASP ASP A . n 
A 1 104 THR 104 304 304 THR THR A . n 
A 1 105 VAL 105 305 305 VAL VAL A . n 
A 1 106 ALA 106 306 306 ALA ALA A . n 
A 1 107 ALA 107 307 307 ALA ALA A . n 
A 1 108 LYS 108 308 308 LYS LYS A . n 
A 1 109 PRO 109 309 309 PRO PRO A . n 
A 1 110 VAL 110 310 310 VAL VAL A . n 
A 1 111 LEU 111 311 311 LEU LEU A . n 
A 1 112 ALA 112 312 312 ALA ALA A . n 
A 1 113 GLU 113 313 313 GLU GLU A . n 
A 1 114 GLU 114 314 314 GLU GLU A . n 
A 1 115 LYS 115 315 315 LYS LYS A . n 
A 1 116 GLU 116 316 316 GLU GLU A . n 
A 1 117 GLU 117 317 ?   ?   ?   A . n 
A 1 118 SER 118 318 ?   ?   ?   A . n 
A 1 119 THR 119 319 ?   ?   ?   A . n 
A 1 120 SER 120 320 ?   ?   ?   A . n 
A 1 121 ILE 121 321 ?   ?   ?   A . n 
A 1 122 GLY 122 322 ?   ?   ?   A . n 
A 1 123 GLY 123 323 ?   ?   ?   A . n 
A 1 124 ASP 124 324 ?   ?   ?   A . n 
B 2 1   ALA 1   1   1   ALA ALA B . n 
B 2 2   VAL 2   2   2   VAL VAL B . n 
B 2 3   PRO 3   3   3   PRO PRO B . n 
B 2 4   PHE 4   4   4   PHE PHE B . n 
B 2 5   TYR 5   5   5   TYR TYR B . n 
B 2 6   LEU 6   6   6   LEU LEU B . n 
B 2 7   PRO 7   7   7   PRO PRO B . n 
B 2 8   GLU 8   8   8   GLU GLU B . n 
B 2 9   GLY 9   9   ?   ?   ?   B . n 
B 2 10  GLY 10  10  ?   ?   ?   B . n 
# 
_pdbx_nonpoly_scheme.asym_id         C 
_pdbx_nonpoly_scheme.entity_id       3 
_pdbx_nonpoly_scheme.mon_id          ZN 
_pdbx_nonpoly_scheme.ndb_seq_num     1 
_pdbx_nonpoly_scheme.pdb_seq_num     501 
_pdbx_nonpoly_scheme.auth_seq_num    501 
_pdbx_nonpoly_scheme.pdb_mon_id      ZN 
_pdbx_nonpoly_scheme.auth_mon_id     ZN 
_pdbx_nonpoly_scheme.pdb_strand_id   A 
_pdbx_nonpoly_scheme.pdb_ins_code    . 
# 
loop_
_software.name 
_software.classification 
_software.version 
_software.citation_id 
_software.pdbx_ordinal 
AMoRE     phasing          .   ? 1 
X-PLOR    refinement       3.1 ? 2 
DENZO     'data reduction' .   ? 3 
SCALEPACK 'data scaling'   .   ? 4 
# 
_cell.entry_id           1JD6 
_cell.length_a           62.7 
_cell.length_b           62.7 
_cell.length_c           130.7 
_cell.angle_alpha        90 
_cell.angle_beta         90 
_cell.angle_gamma        120 
_cell.Z_PDB              12 
_cell.pdbx_unique_axis   ? 
_cell.length_a_esd       ? 
_cell.length_b_esd       ? 
_cell.length_c_esd       ? 
_cell.angle_alpha_esd    ? 
_cell.angle_beta_esd     ? 
_cell.angle_gamma_esd    ? 
# 
_symmetry.entry_id                         1JD6 
_symmetry.space_group_name_H-M             'P 65 2 2' 
_symmetry.pdbx_full_space_group_name_H-M   ? 
_symmetry.cell_setting                     ? 
_symmetry.Int_Tables_number                179 
_symmetry.space_group_name_Hall            ? 
# 
_exptl.entry_id          1JD6 
_exptl.method            'X-RAY DIFFRACTION' 
_exptl.crystals_number   1 
# 
_exptl_crystal.id                    1 
_exptl_crystal.density_meas          ? 
_exptl_crystal.density_Matthews      2.45 
_exptl_crystal.density_percent_sol   49.79 
_exptl_crystal.description           ? 
_exptl_crystal.F_000                 ? 
_exptl_crystal.preparation           ? 
# 
_exptl_crystal_grow.crystal_id      1 
_exptl_crystal_grow.method          'VAPOR DIFFUSION, HANGING DROP' 
_exptl_crystal_grow.temp            296 
_exptl_crystal_grow.temp_details    ? 
_exptl_crystal_grow.pH              8.5 
_exptl_crystal_grow.pdbx_details    'TRIS, AMMONIUM DIHYDROGEN PHOSPHATE, pH 8.5, VAPOR DIFFUSION, HANGING DROP, temperature 296K' 
_exptl_crystal_grow.pdbx_pH_range   . 
# 
_diffrn.id                     1 
_diffrn.ambient_temp           100.0 
_diffrn.ambient_temp_details   ? 
_diffrn.crystal_id             1 
# 
_diffrn_detector.diffrn_id              1 
_diffrn_detector.detector               'IMAGE PLATE' 
_diffrn_detector.type                   'RIGAKU RAXIS IV' 
_diffrn_detector.pdbx_collection_date   2001-01-08 
_diffrn_detector.details                MIRRORS 
# 
_diffrn_radiation.diffrn_id                        1 
_diffrn_radiation.wavelength_id                    1 
_diffrn_radiation.pdbx_monochromatic_or_laue_m_l   M 
_diffrn_radiation.monochromator                    GRAPHITE 
_diffrn_radiation.pdbx_diffrn_protocol             'SINGLE WAVELENGTH' 
_diffrn_radiation.pdbx_scattering_type             x-ray 
# 
_diffrn_radiation_wavelength.id           1 
_diffrn_radiation_wavelength.wavelength   1.5418 
_diffrn_radiation_wavelength.wt           1.0 
# 
_diffrn_source.diffrn_id                   1 
_diffrn_source.source                      'ROTATING ANODE' 
_diffrn_source.type                        'RIGAKU RU200' 
_diffrn_source.pdbx_synchrotron_site       ? 
_diffrn_source.pdbx_synchrotron_beamline   ? 
_diffrn_source.pdbx_wavelength             ? 
_diffrn_source.pdbx_wavelength_list        1.5418 
# 
_reflns.entry_id                     1JD6 
_reflns.observed_criterion_sigma_I   2.0 
_reflns.observed_criterion_sigma_F   1.4 
_reflns.d_resolution_low             99 
_reflns.d_resolution_high            2.7 
_reflns.number_obs                   4535 
_reflns.number_all                   4613 
_reflns.percent_possible_obs         98.3 
_reflns.pdbx_Rmerge_I_obs            0.1330000 
_reflns.pdbx_Rsym_value              ? 
_reflns.pdbx_netI_over_sigmaI        25 
_reflns.B_iso_Wilson_estimate        36 
_reflns.pdbx_redundancy              19 
_reflns.R_free_details               ? 
_reflns.limit_h_max                  ? 
_reflns.limit_h_min                  ? 
_reflns.limit_k_max                  ? 
_reflns.limit_k_min                  ? 
_reflns.limit_l_max                  ? 
_reflns.limit_l_min                  ? 
_reflns.observed_criterion_F_max     ? 
_reflns.observed_criterion_F_min     ? 
_reflns.pdbx_chi_squared             ? 
_reflns.pdbx_scaling_rejects         ? 
_reflns.pdbx_diffrn_id               1 
_reflns.pdbx_ordinal                 1 
# 
_reflns_shell.d_res_high             2.7 
_reflns_shell.d_res_low              2.8 
_reflns_shell.percent_possible_all   ? 
_reflns_shell.Rmerge_I_obs           0.0430000 
_reflns_shell.pdbx_Rsym_value        ? 
_reflns_shell.meanI_over_sigI_obs    ? 
_reflns_shell.pdbx_redundancy        12 
_reflns_shell.percent_possible_obs   ? 
_reflns_shell.number_unique_all      ? 
_reflns_shell.number_measured_all    ? 
_reflns_shell.number_measured_obs    ? 
_reflns_shell.number_unique_obs      ? 
_reflns_shell.pdbx_chi_squared       ? 
_reflns_shell.pdbx_diffrn_id         ? 
_reflns_shell.pdbx_ordinal           1 
# 
_refine.entry_id                                 1JD6 
_refine.ls_number_reflns_obs                     4613 
_refine.ls_number_reflns_all                     4613 
_refine.pdbx_ls_sigma_I                          0 
_refine.pdbx_ls_sigma_F                          0 
_refine.pdbx_data_cutoff_high_absF               ? 
_refine.pdbx_data_cutoff_low_absF                ? 
_refine.ls_d_res_low                             20 
_refine.ls_d_res_high                            2.7 
_refine.ls_percent_reflns_obs                    ? 
_refine.ls_R_factor_obs                          0.2190000 
_refine.ls_R_factor_all                          0.2200000 
_refine.ls_R_factor_R_work                       0.2170000 
_refine.ls_R_factor_R_free                       0.2870000 
_refine.ls_R_factor_R_free_error                 ? 
_refine.ls_R_factor_R_free_error_details         ? 
_refine.ls_percent_reflns_R_free                 ? 
_refine.ls_number_reflns_R_free                  ? 
_refine.ls_number_parameters                     ? 
_refine.ls_number_restraints                     ? 
_refine.occupancy_min                            ? 
_refine.occupancy_max                            ? 
_refine.B_iso_mean                               ? 
_refine.aniso_B[1][1]                            ? 
_refine.aniso_B[2][2]                            ? 
_refine.aniso_B[3][3]                            ? 
_refine.aniso_B[1][2]                            ? 
_refine.aniso_B[1][3]                            ? 
_refine.aniso_B[2][3]                            ? 
_refine.solvent_model_details                    ? 
_refine.solvent_model_param_ksol                 ? 
_refine.solvent_model_param_bsol                 ? 
_refine.pdbx_ls_cross_valid_method               THROUGHOUT 
_refine.details                                  ? 
_refine.pdbx_starting_model                      ? 
_refine.pdbx_method_to_determine_struct          'MOLECULAR REPLACEMENT' 
_refine.pdbx_isotropic_thermal_model             ? 
_refine.pdbx_stereochemistry_target_values       'Engh & Huber' 
_refine.pdbx_stereochem_target_val_spec_case     ? 
_refine.pdbx_R_Free_selection_details            random 
_refine.pdbx_overall_ESU_R_Free                  ? 
_refine.overall_SU_B                             ? 
_refine.ls_redundancy_reflns_obs                 ? 
_refine.B_iso_min                                ? 
_refine.B_iso_max                                ? 
_refine.correlation_coeff_Fo_to_Fc               ? 
_refine.correlation_coeff_Fo_to_Fc_free          ? 
_refine.overall_SU_R_Cruickshank_DPI             ? 
_refine.overall_SU_R_free                        ? 
_refine.overall_SU_ML                            ? 
_refine.pdbx_data_cutoff_high_rms_absF           ? 
_refine.pdbx_refine_id                           'X-RAY DIFFRACTION' 
_refine.pdbx_overall_ESU_R                       ? 
_refine.pdbx_overall_phase_error                 ? 
_refine.pdbx_solvent_vdw_probe_radii             ? 
_refine.pdbx_solvent_ion_probe_radii             ? 
_refine.pdbx_solvent_shrinkage_radii             ? 
_refine.ls_wR_factor_R_free                      ? 
_refine.ls_wR_factor_R_work                      ? 
_refine.overall_FOM_free_R_set                   ? 
_refine.overall_FOM_work_R_set                   ? 
_refine.pdbx_diffrn_id                           1 
_refine.pdbx_TLS_residual_ADP_flag               ? 
_refine.pdbx_overall_SU_R_free_Cruickshank_DPI   ? 
_refine.pdbx_overall_SU_R_Blow_DPI               ? 
_refine.pdbx_overall_SU_R_free_Blow_DPI          ? 
# 
_refine_hist.pdbx_refine_id                   'X-RAY DIFFRACTION' 
_refine_hist.cycle_id                         LAST 
_refine_hist.pdbx_number_atoms_protein        907 
_refine_hist.pdbx_number_atoms_nucleic_acid   0 
_refine_hist.pdbx_number_atoms_ligand         1 
_refine_hist.number_atoms_solvent             0 
_refine_hist.number_atoms_total               908 
_refine_hist.d_res_high                       2.7 
_refine_hist.d_res_low                        20 
# 
loop_
_refine_ls_restr.type 
_refine_ls_restr.dev_ideal 
_refine_ls_restr.dev_ideal_target 
_refine_ls_restr.weight 
_refine_ls_restr.number 
_refine_ls_restr.pdbx_refine_id 
_refine_ls_restr.pdbx_restraint_function 
x_bond_d    0.010 ? ? ? 'X-RAY DIFFRACTION' ? 
x_angle_deg 1.434 ? ? ? 'X-RAY DIFFRACTION' ? 
# 
_refine_ls_shell.pdbx_total_number_of_bins_used   ? 
_refine_ls_shell.d_res_high                       2.7 
_refine_ls_shell.d_res_low                        2.82 
_refine_ls_shell.number_reflns_R_work             ? 
_refine_ls_shell.R_factor_R_work                  0.2760000 
_refine_ls_shell.percent_reflns_obs               98.4 
_refine_ls_shell.R_factor_R_free                  0.4150000 
_refine_ls_shell.R_factor_R_free_error            0.012 
_refine_ls_shell.percent_reflns_R_free            ? 
_refine_ls_shell.number_reflns_R_free             29 
_refine_ls_shell.number_reflns_obs                538 
_refine_ls_shell.redundancy_reflns_obs            ? 
_refine_ls_shell.number_reflns_all                ? 
_refine_ls_shell.pdbx_refine_id                   'X-RAY DIFFRACTION' 
_refine_ls_shell.R_factor_all                     ? 
# 
_struct.entry_id                  1JD6 
_struct.title                     'Crystal Structure of DIAP1-BIR2/Hid Complex' 
_struct.pdbx_model_details        ? 
_struct.pdbx_CASP_flag            ? 
_struct.pdbx_model_type_details   ? 
# 
_struct_keywords.entry_id        1JD6 
_struct_keywords.pdbx_keywords   Hydrolase/Peptide 
_struct_keywords.text            'APOPTOSIS, IAP, HID, CASPASE ACTIVATION, DROSOPHILA, Hydrolase-Peptide complex' 
# 
loop_
_struct_asym.id 
_struct_asym.pdbx_blank_PDB_chainid_flag 
_struct_asym.pdbx_modified 
_struct_asym.entity_id 
_struct_asym.details 
A N N 1 ? 
B N N 2 ? 
C N N 3 ? 
# 
loop_
_struct_ref.id 
_struct_ref.db_name 
_struct_ref.db_code 
_struct_ref.entity_id 
_struct_ref.pdbx_db_accession 
_struct_ref.pdbx_align_begin 
_struct_ref.pdbx_seq_one_letter_code 
_struct_ref.pdbx_db_isoform 
1 UNP IAP1_DROME 1 Q24306 201 
;DVQPETCRPSAASGNYFPQYPEYAIETARLRTFEAWPRNLKQKPHQLAEAGFFYTGVGDRVRCFSCGGGLMDWNDNDEPW
EQHALWLSQCRFVKLMKGQLYIDTVAAKPVLAEEKEESTSIGGD
;
? 
2 GB  HID_DROME  2 Q24106 2   AVPFYLPEGG ? 
# 
loop_
_struct_ref_seq.align_id 
_struct_ref_seq.ref_id 
_struct_ref_seq.pdbx_PDB_id_code 
_struct_ref_seq.pdbx_strand_id 
_struct_ref_seq.seq_align_beg 
_struct_ref_seq.pdbx_seq_align_beg_ins_code 
_struct_ref_seq.seq_align_end 
_struct_ref_seq.pdbx_seq_align_end_ins_code 
_struct_ref_seq.pdbx_db_accession 
_struct_ref_seq.db_align_beg 
_struct_ref_seq.pdbx_db_align_beg_ins_code 
_struct_ref_seq.db_align_end 
_struct_ref_seq.pdbx_db_align_end_ins_code 
_struct_ref_seq.pdbx_auth_seq_align_beg 
_struct_ref_seq.pdbx_auth_seq_align_end 
1 1 1JD6 A 1 ? 124 ? Q24306 201 ? 324 ? 201 324 
2 2 1JD6 B 1 ? 10  ? Q24106 2   ? 11  ? 1   10  
# 
_pdbx_struct_assembly.id                   1 
_pdbx_struct_assembly.details              author_and_software_defined_assembly 
_pdbx_struct_assembly.method_details       PISA 
_pdbx_struct_assembly.oligomeric_details   dimeric 
_pdbx_struct_assembly.oligomeric_count     2 
# 
loop_
_pdbx_struct_assembly_prop.biol_id 
_pdbx_struct_assembly_prop.type 
_pdbx_struct_assembly_prop.value 
_pdbx_struct_assembly_prop.details 
1 'ABSA (A^2)' 980  ? 
1 MORE         -6   ? 
1 'SSA (A^2)'  6430 ? 
# 
_pdbx_struct_assembly_gen.assembly_id       1 
_pdbx_struct_assembly_gen.oper_expression   1 
_pdbx_struct_assembly_gen.asym_id_list      A,B,C 
# 
_pdbx_struct_oper_list.id                   1 
_pdbx_struct_oper_list.type                 'identity operation' 
_pdbx_struct_oper_list.name                 1_555 
_pdbx_struct_oper_list.symmetry_operation   x,y,z 
_pdbx_struct_oper_list.matrix[1][1]         1.0000000000 
_pdbx_struct_oper_list.matrix[1][2]         0.0000000000 
_pdbx_struct_oper_list.matrix[1][3]         0.0000000000 
_pdbx_struct_oper_list.vector[1]            0.0000000000 
_pdbx_struct_oper_list.matrix[2][1]         0.0000000000 
_pdbx_struct_oper_list.matrix[2][2]         1.0000000000 
_pdbx_struct_oper_list.matrix[2][3]         0.0000000000 
_pdbx_struct_oper_list.vector[2]            0.0000000000 
_pdbx_struct_oper_list.matrix[3][1]         0.0000000000 
_pdbx_struct_oper_list.matrix[3][2]         0.0000000000 
_pdbx_struct_oper_list.matrix[3][3]         1.0000000000 
_pdbx_struct_oper_list.vector[3]            0.0000000000 
# 
_struct_biol.id        1 
_struct_biol.details   ? 
# 
loop_
_struct_conf.conf_type_id 
_struct_conf.id 
_struct_conf.pdbx_PDB_helix_id 
_struct_conf.beg_label_comp_id 
_struct_conf.beg_label_asym_id 
_struct_conf.beg_label_seq_id 
_struct_conf.pdbx_beg_PDB_ins_code 
_struct_conf.end_label_comp_id 
_struct_conf.end_label_asym_id 
_struct_conf.end_label_seq_id 
_struct_conf.pdbx_end_PDB_ins_code 
_struct_conf.beg_auth_comp_id 
_struct_conf.beg_auth_asym_id 
_struct_conf.beg_auth_seq_id 
_struct_conf.end_auth_comp_id 
_struct_conf.end_auth_asym_id 
_struct_conf.end_auth_seq_id 
_struct_conf.pdbx_PDB_helix_class 
_struct_conf.details 
_struct_conf.pdbx_PDB_helix_length 
HELX_P HELX_P1 1 TYR A 20  ? ALA A 24  ? TYR A 220 ALA A 224 5 ? 5  
HELX_P HELX_P2 2 ILE A 25  ? PHE A 33  ? ILE A 225 PHE A 233 1 ? 9  
HELX_P HELX_P3 3 GLU A 34  ? TRP A 36  ? GLU A 234 TRP A 236 5 ? 3  
HELX_P HELX_P4 4 LYS A 43  ? ALA A 50  ? LYS A 243 ALA A 250 1 ? 8  
HELX_P HELX_P5 5 GLU A 78  ? LEU A 87  ? GLU A 278 LEU A 287 1 ? 10 
HELX_P HELX_P6 6 CYS A 90  ? GLY A 98  ? CYS A 290 GLY A 298 1 ? 9  
HELX_P HELX_P7 7 GLY A 98  ? LYS A 108 ? GLY A 298 LYS A 308 1 ? 11 
HELX_P HELX_P8 8 LYS A 108 ? GLU A 116 ? LYS A 308 GLU A 316 1 ? 9  
# 
_struct_conf_type.id          HELX_P 
_struct_conf_type.criteria    ? 
_struct_conf_type.reference   ? 
# 
loop_
_struct_conn.id 
_struct_conn.conn_type_id 
_struct_conn.pdbx_leaving_atom_flag 
_struct_conn.pdbx_PDB_id 
_struct_conn.ptnr1_label_asym_id 
_struct_conn.ptnr1_label_comp_id 
_struct_conn.ptnr1_label_seq_id 
_struct_conn.ptnr1_label_atom_id 
_struct_conn.pdbx_ptnr1_label_alt_id 
_struct_conn.pdbx_ptnr1_PDB_ins_code 
_struct_conn.pdbx_ptnr1_standard_comp_id 
_struct_conn.ptnr1_symmetry 
_struct_conn.ptnr2_label_asym_id 
_struct_conn.ptnr2_label_comp_id 
_struct_conn.ptnr2_label_seq_id 
_struct_conn.ptnr2_label_atom_id 
_struct_conn.pdbx_ptnr2_label_alt_id 
_struct_conn.pdbx_ptnr2_PDB_ins_code 
_struct_conn.ptnr1_auth_asym_id 
_struct_conn.ptnr1_auth_comp_id 
_struct_conn.ptnr1_auth_seq_id 
_struct_conn.ptnr2_auth_asym_id 
_struct_conn.ptnr2_auth_comp_id 
_struct_conn.ptnr2_auth_seq_id 
_struct_conn.ptnr2_symmetry 
_struct_conn.pdbx_ptnr3_label_atom_id 
_struct_conn.pdbx_ptnr3_label_seq_id 
_struct_conn.pdbx_ptnr3_label_comp_id 
_struct_conn.pdbx_ptnr3_label_asym_id 
_struct_conn.pdbx_ptnr3_label_alt_id 
_struct_conn.pdbx_ptnr3_PDB_ins_code 
_struct_conn.details 
_struct_conn.pdbx_dist_value 
_struct_conn.pdbx_value_order 
_struct_conn.pdbx_role 
metalc1 metalc ? ? A CYS 63 SG  ? ? ? 1_555 C ZN . ZN ? ? A CYS 263 A ZN 501 1_555 ? ? ? ? ? ? ? 2.207 ? ? 
metalc2 metalc ? ? A CYS 66 SG  ? ? ? 1_555 C ZN . ZN ? ? A CYS 266 A ZN 501 1_555 ? ? ? ? ? ? ? 2.214 ? ? 
metalc3 metalc ? ? A HIS 83 NE2 ? ? ? 1_555 C ZN . ZN ? ? A HIS 283 A ZN 501 1_555 ? ? ? ? ? ? ? 2.622 ? ? 
metalc4 metalc ? ? A CYS 90 SG  ? ? ? 1_555 C ZN . ZN ? ? A CYS 290 A ZN 501 1_555 ? ? ? ? ? ? ? 2.077 ? ? 
# 
_struct_conn_type.id          metalc 
_struct_conn_type.criteria    ? 
_struct_conn_type.reference   ? 
# 
loop_
_pdbx_struct_conn_angle.id 
_pdbx_struct_conn_angle.ptnr1_label_atom_id 
_pdbx_struct_conn_angle.ptnr1_label_alt_id 
_pdbx_struct_conn_angle.ptnr1_label_asym_id 
_pdbx_struct_conn_angle.ptnr1_label_comp_id 
_pdbx_struct_conn_angle.ptnr1_label_seq_id 
_pdbx_struct_conn_angle.ptnr1_auth_atom_id 
_pdbx_struct_conn_angle.ptnr1_auth_asym_id 
_pdbx_struct_conn_angle.ptnr1_auth_comp_id 
_pdbx_struct_conn_angle.ptnr1_auth_seq_id 
_pdbx_struct_conn_angle.ptnr1_PDB_ins_code 
_pdbx_struct_conn_angle.ptnr1_symmetry 
_pdbx_struct_conn_angle.ptnr2_label_atom_id 
_pdbx_struct_conn_angle.ptnr2_label_alt_id 
_pdbx_struct_conn_angle.ptnr2_label_asym_id 
_pdbx_struct_conn_angle.ptnr2_label_comp_id 
_pdbx_struct_conn_angle.ptnr2_label_seq_id 
_pdbx_struct_conn_angle.ptnr2_auth_atom_id 
_pdbx_struct_conn_angle.ptnr2_auth_asym_id 
_pdbx_struct_conn_angle.ptnr2_auth_comp_id 
_pdbx_struct_conn_angle.ptnr2_auth_seq_id 
_pdbx_struct_conn_angle.ptnr2_PDB_ins_code 
_pdbx_struct_conn_angle.ptnr2_symmetry 
_pdbx_struct_conn_angle.ptnr3_label_atom_id 
_pdbx_struct_conn_angle.ptnr3_label_alt_id 
_pdbx_struct_conn_angle.ptnr3_label_asym_id 
_pdbx_struct_conn_angle.ptnr3_label_comp_id 
_pdbx_struct_conn_angle.ptnr3_label_seq_id 
_pdbx_struct_conn_angle.ptnr3_auth_atom_id 
_pdbx_struct_conn_angle.ptnr3_auth_asym_id 
_pdbx_struct_conn_angle.ptnr3_auth_comp_id 
_pdbx_struct_conn_angle.ptnr3_auth_seq_id 
_pdbx_struct_conn_angle.ptnr3_PDB_ins_code 
_pdbx_struct_conn_angle.ptnr3_symmetry 
_pdbx_struct_conn_angle.value 
_pdbx_struct_conn_angle.value_esd 
1 SG  ? A CYS 63 ? A CYS 263 ? 1_555 ZN ? C ZN . ? A ZN 501 ? 1_555 SG  ? A CYS 66 ? A CYS 266 ? 1_555 108.1 ? 
2 SG  ? A CYS 63 ? A CYS 263 ? 1_555 ZN ? C ZN . ? A ZN 501 ? 1_555 NE2 ? A HIS 83 ? A HIS 283 ? 1_555 77.4  ? 
3 SG  ? A CYS 66 ? A CYS 266 ? 1_555 ZN ? C ZN . ? A ZN 501 ? 1_555 NE2 ? A HIS 83 ? A HIS 283 ? 1_555 130.7 ? 
4 SG  ? A CYS 63 ? A CYS 263 ? 1_555 ZN ? C ZN . ? A ZN 501 ? 1_555 SG  ? A CYS 90 ? A CYS 290 ? 1_555 113.5 ? 
5 SG  ? A CYS 66 ? A CYS 266 ? 1_555 ZN ? C ZN . ? A ZN 501 ? 1_555 SG  ? A CYS 90 ? A CYS 290 ? 1_555 106.9 ? 
6 NE2 ? A HIS 83 ? A HIS 283 ? 1_555 ZN ? C ZN . ? A ZN 501 ? 1_555 SG  ? A CYS 90 ? A CYS 290 ? 1_555 115.5 ? 
# 
_struct_sheet.id               A 
_struct_sheet.type             ? 
_struct_sheet.number_strands   4 
_struct_sheet.details          ? 
# 
loop_
_struct_sheet_order.sheet_id 
_struct_sheet_order.range_id_1 
_struct_sheet_order.range_id_2 
_struct_sheet_order.offset 
_struct_sheet_order.sense 
A 1 2 ? anti-parallel 
A 2 3 ? anti-parallel 
A 3 4 ? anti-parallel 
# 
loop_
_struct_sheet_range.sheet_id 
_struct_sheet_range.id 
_struct_sheet_range.beg_label_comp_id 
_struct_sheet_range.beg_label_asym_id 
_struct_sheet_range.beg_label_seq_id 
_struct_sheet_range.pdbx_beg_PDB_ins_code 
_struct_sheet_range.end_label_comp_id 
_struct_sheet_range.end_label_asym_id 
_struct_sheet_range.end_label_seq_id 
_struct_sheet_range.pdbx_end_PDB_ins_code 
_struct_sheet_range.beg_auth_comp_id 
_struct_sheet_range.beg_auth_asym_id 
_struct_sheet_range.beg_auth_seq_id 
_struct_sheet_range.end_auth_comp_id 
_struct_sheet_range.end_auth_asym_id 
_struct_sheet_range.end_auth_seq_id 
A 1 PHE A 52 ? TYR A 54 ? PHE A 252 TYR A 254 
A 2 VAL A 61 ? CYS A 63 ? VAL A 261 CYS A 263 
A 3 GLY A 69 ? MET A 71 ? GLY A 269 MET A 271 
A 4 VAL B 2  ? TYR B 5  ? VAL B 2   TYR B 5   
# 
loop_
_pdbx_struct_sheet_hbond.sheet_id 
_pdbx_struct_sheet_hbond.range_id_1 
_pdbx_struct_sheet_hbond.range_id_2 
_pdbx_struct_sheet_hbond.range_1_label_atom_id 
_pdbx_struct_sheet_hbond.range_1_label_comp_id 
_pdbx_struct_sheet_hbond.range_1_label_asym_id 
_pdbx_struct_sheet_hbond.range_1_label_seq_id 
_pdbx_struct_sheet_hbond.range_1_PDB_ins_code 
_pdbx_struct_sheet_hbond.range_1_auth_atom_id 
_pdbx_struct_sheet_hbond.range_1_auth_comp_id 
_pdbx_struct_sheet_hbond.range_1_auth_asym_id 
_pdbx_struct_sheet_hbond.range_1_auth_seq_id 
_pdbx_struct_sheet_hbond.range_2_label_atom_id 
_pdbx_struct_sheet_hbond.range_2_label_comp_id 
_pdbx_struct_sheet_hbond.range_2_label_asym_id 
_pdbx_struct_sheet_hbond.range_2_label_seq_id 
_pdbx_struct_sheet_hbond.range_2_PDB_ins_code 
_pdbx_struct_sheet_hbond.range_2_auth_atom_id 
_pdbx_struct_sheet_hbond.range_2_auth_comp_id 
_pdbx_struct_sheet_hbond.range_2_auth_asym_id 
_pdbx_struct_sheet_hbond.range_2_auth_seq_id 
A 1 2 O PHE A 53 ? O PHE A 253 N ARG A 62 ? N ARG A 262 
A 2 3 N VAL A 61 ? N VAL A 261 O LEU A 70 ? O LEU A 270 
A 3 4 O MET A 71 ? O MET A 271 N VAL B 2  ? N VAL B 2   
# 
_struct_site.id                   AC1 
_struct_site.pdbx_evidence_code   Software 
_struct_site.pdbx_auth_asym_id    A 
_struct_site.pdbx_auth_comp_id    ZN 
_struct_site.pdbx_auth_seq_id     501 
_struct_site.pdbx_auth_ins_code   ? 
_struct_site.pdbx_num_residues    5 
_struct_site.details              'BINDING SITE FOR RESIDUE ZN A 501' 
# 
loop_
_struct_site_gen.id 
_struct_site_gen.site_id 
_struct_site_gen.pdbx_num_res 
_struct_site_gen.label_comp_id 
_struct_site_gen.label_asym_id 
_struct_site_gen.label_seq_id 
_struct_site_gen.pdbx_auth_ins_code 
_struct_site_gen.auth_comp_id 
_struct_site_gen.auth_asym_id 
_struct_site_gen.auth_seq_id 
_struct_site_gen.label_atom_id 
_struct_site_gen.label_alt_id 
_struct_site_gen.symmetry 
_struct_site_gen.details 
1 AC1 5 CYS A 63 ? CYS A 263 . ? 1_555 ? 
2 AC1 5 SER A 65 ? SER A 265 . ? 1_555 ? 
3 AC1 5 CYS A 66 ? CYS A 266 . ? 1_555 ? 
4 AC1 5 HIS A 83 ? HIS A 283 . ? 1_555 ? 
5 AC1 5 CYS A 90 ? CYS A 290 . ? 1_555 ? 
# 
_pdbx_validate_torsion.id              1 
_pdbx_validate_torsion.PDB_model_num   1 
_pdbx_validate_torsion.auth_comp_id    LEU 
_pdbx_validate_torsion.auth_asym_id    A 
_pdbx_validate_torsion.auth_seq_id     287 
_pdbx_validate_torsion.PDB_ins_code    ? 
_pdbx_validate_torsion.label_alt_id    ? 
_pdbx_validate_torsion.phi             -113.80 
_pdbx_validate_torsion.psi             58.14 
# 
loop_
_pdbx_unobs_or_zero_occ_residues.id 
_pdbx_unobs_or_zero_occ_residues.PDB_model_num 
_pdbx_unobs_or_zero_occ_residues.polymer_flag 
_pdbx_unobs_or_zero_occ_residues.occupancy_flag 
_pdbx_unobs_or_zero_occ_residues.auth_asym_id 
_pdbx_unobs_or_zero_occ_residues.auth_comp_id 
_pdbx_unobs_or_zero_occ_residues.auth_seq_id 
_pdbx_unobs_or_zero_occ_residues.PDB_ins_code 
_pdbx_unobs_or_zero_occ_residues.label_asym_id 
_pdbx_unobs_or_zero_occ_residues.label_comp_id 
_pdbx_unobs_or_zero_occ_residues.label_seq_id 
1  1 Y 1 A ASP 201 ? A ASP 1   
2  1 Y 1 A VAL 202 ? A VAL 2   
3  1 Y 1 A GLN 203 ? A GLN 3   
4  1 Y 1 A PRO 204 ? A PRO 4   
5  1 Y 1 A GLU 205 ? A GLU 5   
6  1 Y 1 A THR 206 ? A THR 6   
7  1 Y 1 A CYS 207 ? A CYS 7   
8  1 Y 1 A ARG 208 ? A ARG 8   
9  1 Y 1 A PRO 209 ? A PRO 9   
10 1 Y 1 A SER 210 ? A SER 10  
11 1 Y 1 A ALA 211 ? A ALA 11  
12 1 Y 1 A ALA 212 ? A ALA 12  
13 1 Y 1 A SER 213 ? A SER 13  
14 1 Y 1 A GLY 214 ? A GLY 14  
15 1 Y 1 A GLU 317 ? A GLU 117 
16 1 Y 1 A SER 318 ? A SER 118 
17 1 Y 1 A THR 319 ? A THR 119 
18 1 Y 1 A SER 320 ? A SER 120 
19 1 Y 1 A ILE 321 ? A ILE 121 
20 1 Y 1 A GLY 322 ? A GLY 122 
21 1 Y 1 A GLY 323 ? A GLY 123 
22 1 Y 1 A ASP 324 ? A ASP 124 
23 1 Y 1 B GLY 9   ? B GLY 9   
24 1 Y 1 B GLY 10  ? B GLY 10  
# 
loop_
_chem_comp_atom.comp_id 
_chem_comp_atom.atom_id 
_chem_comp_atom.type_symbol 
_chem_comp_atom.pdbx_aromatic_flag 
_chem_comp_atom.pdbx_stereo_config 
_chem_comp_atom.pdbx_ordinal 
ALA N    N  N N 1   
ALA CA   C  N S 2   
ALA C    C  N N 3   
ALA O    O  N N 4   
ALA CB   C  N N 5   
ALA OXT  O  N N 6   
ALA H    H  N N 7   
ALA H2   H  N N 8   
ALA HA   H  N N 9   
ALA HB1  H  N N 10  
ALA HB2  H  N N 11  
ALA HB3  H  N N 12  
ALA HXT  H  N N 13  
ARG N    N  N N 14  
ARG CA   C  N S 15  
ARG C    C  N N 16  
ARG O    O  N N 17  
ARG CB   C  N N 18  
ARG CG   C  N N 19  
ARG CD   C  N N 20  
ARG NE   N  N N 21  
ARG CZ   C  N N 22  
ARG NH1  N  N N 23  
ARG NH2  N  N N 24  
ARG OXT  O  N N 25  
ARG H    H  N N 26  
ARG H2   H  N N 27  
ARG HA   H  N N 28  
ARG HB2  H  N N 29  
ARG HB3  H  N N 30  
ARG HG2  H  N N 31  
ARG HG3  H  N N 32  
ARG HD2  H  N N 33  
ARG HD3  H  N N 34  
ARG HE   H  N N 35  
ARG HH11 H  N N 36  
ARG HH12 H  N N 37  
ARG HH21 H  N N 38  
ARG HH22 H  N N 39  
ARG HXT  H  N N 40  
ASN N    N  N N 41  
ASN CA   C  N S 42  
ASN C    C  N N 43  
ASN O    O  N N 44  
ASN CB   C  N N 45  
ASN CG   C  N N 46  
ASN OD1  O  N N 47  
ASN ND2  N  N N 48  
ASN OXT  O  N N 49  
ASN H    H  N N 50  
ASN H2   H  N N 51  
ASN HA   H  N N 52  
ASN HB2  H  N N 53  
ASN HB3  H  N N 54  
ASN HD21 H  N N 55  
ASN HD22 H  N N 56  
ASN HXT  H  N N 57  
ASP N    N  N N 58  
ASP CA   C  N S 59  
ASP C    C  N N 60  
ASP O    O  N N 61  
ASP CB   C  N N 62  
ASP CG   C  N N 63  
ASP OD1  O  N N 64  
ASP OD2  O  N N 65  
ASP OXT  O  N N 66  
ASP H    H  N N 67  
ASP H2   H  N N 68  
ASP HA   H  N N 69  
ASP HB2  H  N N 70  
ASP HB3  H  N N 71  
ASP HD2  H  N N 72  
ASP HXT  H  N N 73  
CYS N    N  N N 74  
CYS CA   C  N R 75  
CYS C    C  N N 76  
CYS O    O  N N 77  
CYS CB   C  N N 78  
CYS SG   S  N N 79  
CYS OXT  O  N N 80  
CYS H    H  N N 81  
CYS H2   H  N N 82  
CYS HA   H  N N 83  
CYS HB2  H  N N 84  
CYS HB3  H  N N 85  
CYS HG   H  N N 86  
CYS HXT  H  N N 87  
GLN N    N  N N 88  
GLN CA   C  N S 89  
GLN C    C  N N 90  
GLN O    O  N N 91  
GLN CB   C  N N 92  
GLN CG   C  N N 93  
GLN CD   C  N N 94  
GLN OE1  O  N N 95  
GLN NE2  N  N N 96  
GLN OXT  O  N N 97  
GLN H    H  N N 98  
GLN H2   H  N N 99  
GLN HA   H  N N 100 
GLN HB2  H  N N 101 
GLN HB3  H  N N 102 
GLN HG2  H  N N 103 
GLN HG3  H  N N 104 
GLN HE21 H  N N 105 
GLN HE22 H  N N 106 
GLN HXT  H  N N 107 
GLU N    N  N N 108 
GLU CA   C  N S 109 
GLU C    C  N N 110 
GLU O    O  N N 111 
GLU CB   C  N N 112 
GLU CG   C  N N 113 
GLU CD   C  N N 114 
GLU OE1  O  N N 115 
GLU OE2  O  N N 116 
GLU OXT  O  N N 117 
GLU H    H  N N 118 
GLU H2   H  N N 119 
GLU HA   H  N N 120 
GLU HB2  H  N N 121 
GLU HB3  H  N N 122 
GLU HG2  H  N N 123 
GLU HG3  H  N N 124 
GLU HE2  H  N N 125 
GLU HXT  H  N N 126 
GLY N    N  N N 127 
GLY CA   C  N N 128 
GLY C    C  N N 129 
GLY O    O  N N 130 
GLY OXT  O  N N 131 
GLY H    H  N N 132 
GLY H2   H  N N 133 
GLY HA2  H  N N 134 
GLY HA3  H  N N 135 
GLY HXT  H  N N 136 
HIS N    N  N N 137 
HIS CA   C  N S 138 
HIS C    C  N N 139 
HIS O    O  N N 140 
HIS CB   C  N N 141 
HIS CG   C  Y N 142 
HIS ND1  N  Y N 143 
HIS CD2  C  Y N 144 
HIS CE1  C  Y N 145 
HIS NE2  N  Y N 146 
HIS OXT  O  N N 147 
HIS H    H  N N 148 
HIS H2   H  N N 149 
HIS HA   H  N N 150 
HIS HB2  H  N N 151 
HIS HB3  H  N N 152 
HIS HD1  H  N N 153 
HIS HD2  H  N N 154 
HIS HE1  H  N N 155 
HIS HE2  H  N N 156 
HIS HXT  H  N N 157 
ILE N    N  N N 158 
ILE CA   C  N S 159 
ILE C    C  N N 160 
ILE O    O  N N 161 
ILE CB   C  N S 162 
ILE CG1  C  N N 163 
ILE CG2  C  N N 164 
ILE CD1  C  N N 165 
ILE OXT  O  N N 166 
ILE H    H  N N 167 
ILE H2   H  N N 168 
ILE HA   H  N N 169 
ILE HB   H  N N 170 
ILE HG12 H  N N 171 
ILE HG13 H  N N 172 
ILE HG21 H  N N 173 
ILE HG22 H  N N 174 
ILE HG23 H  N N 175 
ILE HD11 H  N N 176 
ILE HD12 H  N N 177 
ILE HD13 H  N N 178 
ILE HXT  H  N N 179 
LEU N    N  N N 180 
LEU CA   C  N S 181 
LEU C    C  N N 182 
LEU O    O  N N 183 
LEU CB   C  N N 184 
LEU CG   C  N N 185 
LEU CD1  C  N N 186 
LEU CD2  C  N N 187 
LEU OXT  O  N N 188 
LEU H    H  N N 189 
LEU H2   H  N N 190 
LEU HA   H  N N 191 
LEU HB2  H  N N 192 
LEU HB3  H  N N 193 
LEU HG   H  N N 194 
LEU HD11 H  N N 195 
LEU HD12 H  N N 196 
LEU HD13 H  N N 197 
LEU HD21 H  N N 198 
LEU HD22 H  N N 199 
LEU HD23 H  N N 200 
LEU HXT  H  N N 201 
LYS N    N  N N 202 
LYS CA   C  N S 203 
LYS C    C  N N 204 
LYS O    O  N N 205 
LYS CB   C  N N 206 
LYS CG   C  N N 207 
LYS CD   C  N N 208 
LYS CE   C  N N 209 
LYS NZ   N  N N 210 
LYS OXT  O  N N 211 
LYS H    H  N N 212 
LYS H2   H  N N 213 
LYS HA   H  N N 214 
LYS HB2  H  N N 215 
LYS HB3  H  N N 216 
LYS HG2  H  N N 217 
LYS HG3  H  N N 218 
LYS HD2  H  N N 219 
LYS HD3  H  N N 220 
LYS HE2  H  N N 221 
LYS HE3  H  N N 222 
LYS HZ1  H  N N 223 
LYS HZ2  H  N N 224 
LYS HZ3  H  N N 225 
LYS HXT  H  N N 226 
MET N    N  N N 227 
MET CA   C  N S 228 
MET C    C  N N 229 
MET O    O  N N 230 
MET CB   C  N N 231 
MET CG   C  N N 232 
MET SD   S  N N 233 
MET CE   C  N N 234 
MET OXT  O  N N 235 
MET H    H  N N 236 
MET H2   H  N N 237 
MET HA   H  N N 238 
MET HB2  H  N N 239 
MET HB3  H  N N 240 
MET HG2  H  N N 241 
MET HG3  H  N N 242 
MET HE1  H  N N 243 
MET HE2  H  N N 244 
MET HE3  H  N N 245 
MET HXT  H  N N 246 
PHE N    N  N N 247 
PHE CA   C  N S 248 
PHE C    C  N N 249 
PHE O    O  N N 250 
PHE CB   C  N N 251 
PHE CG   C  Y N 252 
PHE CD1  C  Y N 253 
PHE CD2  C  Y N 254 
PHE CE1  C  Y N 255 
PHE CE2  C  Y N 256 
PHE CZ   C  Y N 257 
PHE OXT  O  N N 258 
PHE H    H  N N 259 
PHE H2   H  N N 260 
PHE HA   H  N N 261 
PHE HB2  H  N N 262 
PHE HB3  H  N N 263 
PHE HD1  H  N N 264 
PHE HD2  H  N N 265 
PHE HE1  H  N N 266 
PHE HE2  H  N N 267 
PHE HZ   H  N N 268 
PHE HXT  H  N N 269 
PRO N    N  N N 270 
PRO CA   C  N S 271 
PRO C    C  N N 272 
PRO O    O  N N 273 
PRO CB   C  N N 274 
PRO CG   C  N N 275 
PRO CD   C  N N 276 
PRO OXT  O  N N 277 
PRO H    H  N N 278 
PRO HA   H  N N 279 
PRO HB2  H  N N 280 
PRO HB3  H  N N 281 
PRO HG2  H  N N 282 
PRO HG3  H  N N 283 
PRO HD2  H  N N 284 
PRO HD3  H  N N 285 
PRO HXT  H  N N 286 
SER N    N  N N 287 
SER CA   C  N S 288 
SER C    C  N N 289 
SER O    O  N N 290 
SER CB   C  N N 291 
SER OG   O  N N 292 
SER OXT  O  N N 293 
SER H    H  N N 294 
SER H2   H  N N 295 
SER HA   H  N N 296 
SER HB2  H  N N 297 
SER HB3  H  N N 298 
SER HG   H  N N 299 
SER HXT  H  N N 300 
THR N    N  N N 301 
THR CA   C  N S 302 
THR C    C  N N 303 
THR O    O  N N 304 
THR CB   C  N R 305 
THR OG1  O  N N 306 
THR CG2  C  N N 307 
THR OXT  O  N N 308 
THR H    H  N N 309 
THR H2   H  N N 310 
THR HA   H  N N 311 
THR HB   H  N N 312 
THR HG1  H  N N 313 
THR HG21 H  N N 314 
THR HG22 H  N N 315 
THR HG23 H  N N 316 
THR HXT  H  N N 317 
TRP N    N  N N 318 
TRP CA   C  N S 319 
TRP C    C  N N 320 
TRP O    O  N N 321 
TRP CB   C  N N 322 
TRP CG   C  Y N 323 
TRP CD1  C  Y N 324 
TRP CD2  C  Y N 325 
TRP NE1  N  Y N 326 
TRP CE2  C  Y N 327 
TRP CE3  C  Y N 328 
TRP CZ2  C  Y N 329 
TRP CZ3  C  Y N 330 
TRP CH2  C  Y N 331 
TRP OXT  O  N N 332 
TRP H    H  N N 333 
TRP H2   H  N N 334 
TRP HA   H  N N 335 
TRP HB2  H  N N 336 
TRP HB3  H  N N 337 
TRP HD1  H  N N 338 
TRP HE1  H  N N 339 
TRP HE3  H  N N 340 
TRP HZ2  H  N N 341 
TRP HZ3  H  N N 342 
TRP HH2  H  N N 343 
TRP HXT  H  N N 344 
TYR N    N  N N 345 
TYR CA   C  N S 346 
TYR C    C  N N 347 
TYR O    O  N N 348 
TYR CB   C  N N 349 
TYR CG   C  Y N 350 
TYR CD1  C  Y N 351 
TYR CD2  C  Y N 352 
TYR CE1  C  Y N 353 
TYR CE2  C  Y N 354 
TYR CZ   C  Y N 355 
TYR OH   O  N N 356 
TYR OXT  O  N N 357 
TYR H    H  N N 358 
TYR H2   H  N N 359 
TYR HA   H  N N 360 
TYR HB2  H  N N 361 
TYR HB3  H  N N 362 
TYR HD1  H  N N 363 
TYR HD2  H  N N 364 
TYR HE1  H  N N 365 
TYR HE2  H  N N 366 
TYR HH   H  N N 367 
TYR HXT  H  N N 368 
VAL N    N  N N 369 
VAL CA   C  N S 370 
VAL C    C  N N 371 
VAL O    O  N N 372 
VAL CB   C  N N 373 
VAL CG1  C  N N 374 
VAL CG2  C  N N 375 
VAL OXT  O  N N 376 
VAL H    H  N N 377 
VAL H2   H  N N 378 
VAL HA   H  N N 379 
VAL HB   H  N N 380 
VAL HG11 H  N N 381 
VAL HG12 H  N N 382 
VAL HG13 H  N N 383 
VAL HG21 H  N N 384 
VAL HG22 H  N N 385 
VAL HG23 H  N N 386 
VAL HXT  H  N N 387 
ZN  ZN   ZN N N 388 
# 
loop_
_chem_comp_bond.comp_id 
_chem_comp_bond.atom_id_1 
_chem_comp_bond.atom_id_2 
_chem_comp_bond.value_order 
_chem_comp_bond.pdbx_aromatic_flag 
_chem_comp_bond.pdbx_stereo_config 
_chem_comp_bond.pdbx_ordinal 
ALA N   CA   sing N N 1   
ALA N   H    sing N N 2   
ALA N   H2   sing N N 3   
ALA CA  C    sing N N 4   
ALA CA  CB   sing N N 5   
ALA CA  HA   sing N N 6   
ALA C   O    doub N N 7   
ALA C   OXT  sing N N 8   
ALA CB  HB1  sing N N 9   
ALA CB  HB2  sing N N 10  
ALA CB  HB3  sing N N 11  
ALA OXT HXT  sing N N 12  
ARG N   CA   sing N N 13  
ARG N   H    sing N N 14  
ARG N   H2   sing N N 15  
ARG CA  C    sing N N 16  
ARG CA  CB   sing N N 17  
ARG CA  HA   sing N N 18  
ARG C   O    doub N N 19  
ARG C   OXT  sing N N 20  
ARG CB  CG   sing N N 21  
ARG CB  HB2  sing N N 22  
ARG CB  HB3  sing N N 23  
ARG CG  CD   sing N N 24  
ARG CG  HG2  sing N N 25  
ARG CG  HG3  sing N N 26  
ARG CD  NE   sing N N 27  
ARG CD  HD2  sing N N 28  
ARG CD  HD3  sing N N 29  
ARG NE  CZ   sing N N 30  
ARG NE  HE   sing N N 31  
ARG CZ  NH1  sing N N 32  
ARG CZ  NH2  doub N N 33  
ARG NH1 HH11 sing N N 34  
ARG NH1 HH12 sing N N 35  
ARG NH2 HH21 sing N N 36  
ARG NH2 HH22 sing N N 37  
ARG OXT HXT  sing N N 38  
ASN N   CA   sing N N 39  
ASN N   H    sing N N 40  
ASN N   H2   sing N N 41  
ASN CA  C    sing N N 42  
ASN CA  CB   sing N N 43  
ASN CA  HA   sing N N 44  
ASN C   O    doub N N 45  
ASN C   OXT  sing N N 46  
ASN CB  CG   sing N N 47  
ASN CB  HB2  sing N N 48  
ASN CB  HB3  sing N N 49  
ASN CG  OD1  doub N N 50  
ASN CG  ND2  sing N N 51  
ASN ND2 HD21 sing N N 52  
ASN ND2 HD22 sing N N 53  
ASN OXT HXT  sing N N 54  
ASP N   CA   sing N N 55  
ASP N   H    sing N N 56  
ASP N   H2   sing N N 57  
ASP CA  C    sing N N 58  
ASP CA  CB   sing N N 59  
ASP CA  HA   sing N N 60  
ASP C   O    doub N N 61  
ASP C   OXT  sing N N 62  
ASP CB  CG   sing N N 63  
ASP CB  HB2  sing N N 64  
ASP CB  HB3  sing N N 65  
ASP CG  OD1  doub N N 66  
ASP CG  OD2  sing N N 67  
ASP OD2 HD2  sing N N 68  
ASP OXT HXT  sing N N 69  
CYS N   CA   sing N N 70  
CYS N   H    sing N N 71  
CYS N   H2   sing N N 72  
CYS CA  C    sing N N 73  
CYS CA  CB   sing N N 74  
CYS CA  HA   sing N N 75  
CYS C   O    doub N N 76  
CYS C   OXT  sing N N 77  
CYS CB  SG   sing N N 78  
CYS CB  HB2  sing N N 79  
CYS CB  HB3  sing N N 80  
CYS SG  HG   sing N N 81  
CYS OXT HXT  sing N N 82  
GLN N   CA   sing N N 83  
GLN N   H    sing N N 84  
GLN N   H2   sing N N 85  
GLN CA  C    sing N N 86  
GLN CA  CB   sing N N 87  
GLN CA  HA   sing N N 88  
GLN C   O    doub N N 89  
GLN C   OXT  sing N N 90  
GLN CB  CG   sing N N 91  
GLN CB  HB2  sing N N 92  
GLN CB  HB3  sing N N 93  
GLN CG  CD   sing N N 94  
GLN CG  HG2  sing N N 95  
GLN CG  HG3  sing N N 96  
GLN CD  OE1  doub N N 97  
GLN CD  NE2  sing N N 98  
GLN NE2 HE21 sing N N 99  
GLN NE2 HE22 sing N N 100 
GLN OXT HXT  sing N N 101 
GLU N   CA   sing N N 102 
GLU N   H    sing N N 103 
GLU N   H2   sing N N 104 
GLU CA  C    sing N N 105 
GLU CA  CB   sing N N 106 
GLU CA  HA   sing N N 107 
GLU C   O    doub N N 108 
GLU C   OXT  sing N N 109 
GLU CB  CG   sing N N 110 
GLU CB  HB2  sing N N 111 
GLU CB  HB3  sing N N 112 
GLU CG  CD   sing N N 113 
GLU CG  HG2  sing N N 114 
GLU CG  HG3  sing N N 115 
GLU CD  OE1  doub N N 116 
GLU CD  OE2  sing N N 117 
GLU OE2 HE2  sing N N 118 
GLU OXT HXT  sing N N 119 
GLY N   CA   sing N N 120 
GLY N   H    sing N N 121 
GLY N   H2   sing N N 122 
GLY CA  C    sing N N 123 
GLY CA  HA2  sing N N 124 
GLY CA  HA3  sing N N 125 
GLY C   O    doub N N 126 
GLY C   OXT  sing N N 127 
GLY OXT HXT  sing N N 128 
HIS N   CA   sing N N 129 
HIS N   H    sing N N 130 
HIS N   H2   sing N N 131 
HIS CA  C    sing N N 132 
HIS CA  CB   sing N N 133 
HIS CA  HA   sing N N 134 
HIS C   O    doub N N 135 
HIS C   OXT  sing N N 136 
HIS CB  CG   sing N N 137 
HIS CB  HB2  sing N N 138 
HIS CB  HB3  sing N N 139 
HIS CG  ND1  sing Y N 140 
HIS CG  CD2  doub Y N 141 
HIS ND1 CE1  doub Y N 142 
HIS ND1 HD1  sing N N 143 
HIS CD2 NE2  sing Y N 144 
HIS CD2 HD2  sing N N 145 
HIS CE1 NE2  sing Y N 146 
HIS CE1 HE1  sing N N 147 
HIS NE2 HE2  sing N N 148 
HIS OXT HXT  sing N N 149 
ILE N   CA   sing N N 150 
ILE N   H    sing N N 151 
ILE N   H2   sing N N 152 
ILE CA  C    sing N N 153 
ILE CA  CB   sing N N 154 
ILE CA  HA   sing N N 155 
ILE C   O    doub N N 156 
ILE C   OXT  sing N N 157 
ILE CB  CG1  sing N N 158 
ILE CB  CG2  sing N N 159 
ILE CB  HB   sing N N 160 
ILE CG1 CD1  sing N N 161 
ILE CG1 HG12 sing N N 162 
ILE CG1 HG13 sing N N 163 
ILE CG2 HG21 sing N N 164 
ILE CG2 HG22 sing N N 165 
ILE CG2 HG23 sing N N 166 
ILE CD1 HD11 sing N N 167 
ILE CD1 HD12 sing N N 168 
ILE CD1 HD13 sing N N 169 
ILE OXT HXT  sing N N 170 
LEU N   CA   sing N N 171 
LEU N   H    sing N N 172 
LEU N   H2   sing N N 173 
LEU CA  C    sing N N 174 
LEU CA  CB   sing N N 175 
LEU CA  HA   sing N N 176 
LEU C   O    doub N N 177 
LEU C   OXT  sing N N 178 
LEU CB  CG   sing N N 179 
LEU CB  HB2  sing N N 180 
LEU CB  HB3  sing N N 181 
LEU CG  CD1  sing N N 182 
LEU CG  CD2  sing N N 183 
LEU CG  HG   sing N N 184 
LEU CD1 HD11 sing N N 185 
LEU CD1 HD12 sing N N 186 
LEU CD1 HD13 sing N N 187 
LEU CD2 HD21 sing N N 188 
LEU CD2 HD22 sing N N 189 
LEU CD2 HD23 sing N N 190 
LEU OXT HXT  sing N N 191 
LYS N   CA   sing N N 192 
LYS N   H    sing N N 193 
LYS N   H2   sing N N 194 
LYS CA  C    sing N N 195 
LYS CA  CB   sing N N 196 
LYS CA  HA   sing N N 197 
LYS C   O    doub N N 198 
LYS C   OXT  sing N N 199 
LYS CB  CG   sing N N 200 
LYS CB  HB2  sing N N 201 
LYS CB  HB3  sing N N 202 
LYS CG  CD   sing N N 203 
LYS CG  HG2  sing N N 204 
LYS CG  HG3  sing N N 205 
LYS CD  CE   sing N N 206 
LYS CD  HD2  sing N N 207 
LYS CD  HD3  sing N N 208 
LYS CE  NZ   sing N N 209 
LYS CE  HE2  sing N N 210 
LYS CE  HE3  sing N N 211 
LYS NZ  HZ1  sing N N 212 
LYS NZ  HZ2  sing N N 213 
LYS NZ  HZ3  sing N N 214 
LYS OXT HXT  sing N N 215 
MET N   CA   sing N N 216 
MET N   H    sing N N 217 
MET N   H2   sing N N 218 
MET CA  C    sing N N 219 
MET CA  CB   sing N N 220 
MET CA  HA   sing N N 221 
MET C   O    doub N N 222 
MET C   OXT  sing N N 223 
MET CB  CG   sing N N 224 
MET CB  HB2  sing N N 225 
MET CB  HB3  sing N N 226 
MET CG  SD   sing N N 227 
MET CG  HG2  sing N N 228 
MET CG  HG3  sing N N 229 
MET SD  CE   sing N N 230 
MET CE  HE1  sing N N 231 
MET CE  HE2  sing N N 232 
MET CE  HE3  sing N N 233 
MET OXT HXT  sing N N 234 
PHE N   CA   sing N N 235 
PHE N   H    sing N N 236 
PHE N   H2   sing N N 237 
PHE CA  C    sing N N 238 
PHE CA  CB   sing N N 239 
PHE CA  HA   sing N N 240 
PHE C   O    doub N N 241 
PHE C   OXT  sing N N 242 
PHE CB  CG   sing N N 243 
PHE CB  HB2  sing N N 244 
PHE CB  HB3  sing N N 245 
PHE CG  CD1  doub Y N 246 
PHE CG  CD2  sing Y N 247 
PHE CD1 CE1  sing Y N 248 
PHE CD1 HD1  sing N N 249 
PHE CD2 CE2  doub Y N 250 
PHE CD2 HD2  sing N N 251 
PHE CE1 CZ   doub Y N 252 
PHE CE1 HE1  sing N N 253 
PHE CE2 CZ   sing Y N 254 
PHE CE2 HE2  sing N N 255 
PHE CZ  HZ   sing N N 256 
PHE OXT HXT  sing N N 257 
PRO N   CA   sing N N 258 
PRO N   CD   sing N N 259 
PRO N   H    sing N N 260 
PRO CA  C    sing N N 261 
PRO CA  CB   sing N N 262 
PRO CA  HA   sing N N 263 
PRO C   O    doub N N 264 
PRO C   OXT  sing N N 265 
PRO CB  CG   sing N N 266 
PRO CB  HB2  sing N N 267 
PRO CB  HB3  sing N N 268 
PRO CG  CD   sing N N 269 
PRO CG  HG2  sing N N 270 
PRO CG  HG3  sing N N 271 
PRO CD  HD2  sing N N 272 
PRO CD  HD3  sing N N 273 
PRO OXT HXT  sing N N 274 
SER N   CA   sing N N 275 
SER N   H    sing N N 276 
SER N   H2   sing N N 277 
SER CA  C    sing N N 278 
SER CA  CB   sing N N 279 
SER CA  HA   sing N N 280 
SER C   O    doub N N 281 
SER C   OXT  sing N N 282 
SER CB  OG   sing N N 283 
SER CB  HB2  sing N N 284 
SER CB  HB3  sing N N 285 
SER OG  HG   sing N N 286 
SER OXT HXT  sing N N 287 
THR N   CA   sing N N 288 
THR N   H    sing N N 289 
THR N   H2   sing N N 290 
THR CA  C    sing N N 291 
THR CA  CB   sing N N 292 
THR CA  HA   sing N N 293 
THR C   O    doub N N 294 
THR C   OXT  sing N N 295 
THR CB  OG1  sing N N 296 
THR CB  CG2  sing N N 297 
THR CB  HB   sing N N 298 
THR OG1 HG1  sing N N 299 
THR CG2 HG21 sing N N 300 
THR CG2 HG22 sing N N 301 
THR CG2 HG23 sing N N 302 
THR OXT HXT  sing N N 303 
TRP N   CA   sing N N 304 
TRP N   H    sing N N 305 
TRP N   H2   sing N N 306 
TRP CA  C    sing N N 307 
TRP CA  CB   sing N N 308 
TRP CA  HA   sing N N 309 
TRP C   O    doub N N 310 
TRP C   OXT  sing N N 311 
TRP CB  CG   sing N N 312 
TRP CB  HB2  sing N N 313 
TRP CB  HB3  sing N N 314 
TRP CG  CD1  doub Y N 315 
TRP CG  CD2  sing Y N 316 
TRP CD1 NE1  sing Y N 317 
TRP CD1 HD1  sing N N 318 
TRP CD2 CE2  doub Y N 319 
TRP CD2 CE3  sing Y N 320 
TRP NE1 CE2  sing Y N 321 
TRP NE1 HE1  sing N N 322 
TRP CE2 CZ2  sing Y N 323 
TRP CE3 CZ3  doub Y N 324 
TRP CE3 HE3  sing N N 325 
TRP CZ2 CH2  doub Y N 326 
TRP CZ2 HZ2  sing N N 327 
TRP CZ3 CH2  sing Y N 328 
TRP CZ3 HZ3  sing N N 329 
TRP CH2 HH2  sing N N 330 
TRP OXT HXT  sing N N 331 
TYR N   CA   sing N N 332 
TYR N   H    sing N N 333 
TYR N   H2   sing N N 334 
TYR CA  C    sing N N 335 
TYR CA  CB   sing N N 336 
TYR CA  HA   sing N N 337 
TYR C   O    doub N N 338 
TYR C   OXT  sing N N 339 
TYR CB  CG   sing N N 340 
TYR CB  HB2  sing N N 341 
TYR CB  HB3  sing N N 342 
TYR CG  CD1  doub Y N 343 
TYR CG  CD2  sing Y N 344 
TYR CD1 CE1  sing Y N 345 
TYR CD1 HD1  sing N N 346 
TYR CD2 CE2  doub Y N 347 
TYR CD2 HD2  sing N N 348 
TYR CE1 CZ   doub Y N 349 
TYR CE1 HE1  sing N N 350 
TYR CE2 CZ   sing Y N 351 
TYR CE2 HE2  sing N N 352 
TYR CZ  OH   sing N N 353 
TYR OH  HH   sing N N 354 
TYR OXT HXT  sing N N 355 
VAL N   CA   sing N N 356 
VAL N   H    sing N N 357 
VAL N   H2   sing N N 358 
VAL CA  C    sing N N 359 
VAL CA  CB   sing N N 360 
VAL CA  HA   sing N N 361 
VAL C   O    doub N N 362 
VAL C   OXT  sing N N 363 
VAL CB  CG1  sing N N 364 
VAL CB  CG2  sing N N 365 
VAL CB  HB   sing N N 366 
VAL CG1 HG11 sing N N 367 
VAL CG1 HG12 sing N N 368 
VAL CG1 HG13 sing N N 369 
VAL CG2 HG21 sing N N 370 
VAL CG2 HG22 sing N N 371 
VAL CG2 HG23 sing N N 372 
VAL OXT HXT  sing N N 373 
# 
_atom_sites.entry_id                    1JD6 
_atom_sites.fract_transf_matrix[1][1]   -0.01826556 
_atom_sites.fract_transf_matrix[1][2]   0.00004696 
_atom_sites.fract_transf_matrix[1][3]   -0.00235054 
_atom_sites.fract_transf_matrix[2][1]   -0.00816265 
_atom_sites.fract_transf_matrix[2][2]   -0.01384614 
_atom_sites.fract_transf_matrix[2][3]   -0.00898914 
_atom_sites.fract_transf_matrix[3][1]   -0.00085878 
_atom_sites.fract_transf_matrix[3][2]   -0.00377722 
_atom_sites.fract_transf_matrix[3][3]   0.00659795 
_atom_sites.fract_transf_vector[1]      0.598142 
_atom_sites.fract_transf_vector[2]      0.943898 
_atom_sites.fract_transf_vector[3]      0.129482 
# 
loop_
_atom_type.symbol 
C  
N  
O  
S  
ZN 
# 
loop_
_atom_site.group_PDB 
_atom_site.id 
_atom_site.type_symbol 
_atom_site.label_atom_id 
_atom_site.label_alt_id 
_atom_site.label_comp_id 
_atom_site.label_asym_id 
_atom_site.label_entity_id 
_atom_site.label_seq_id 
_atom_site.pdbx_PDB_ins_code 
_atom_site.Cartn_x 
_atom_site.Cartn_y 
_atom_site.Cartn_z 
_atom_site.occupancy 
_atom_site.B_iso_or_equiv 
_atom_site.pdbx_formal_charge 
_atom_site.auth_seq_id 
_atom_site.auth_comp_id 
_atom_site.auth_asym_id 
_atom_site.auth_atom_id 
_atom_site.pdbx_PDB_model_num 
ATOM   1   N  N   . ASN A 1 15  ? 6.400   -15.769 -14.869 1.00 9.17  ? 215 ASN A N   1 
ATOM   2   C  CA  . ASN A 1 15  ? 5.052   -15.710 -14.236 1.00 17.42 ? 215 ASN A CA  1 
ATOM   3   C  C   . ASN A 1 15  ? 5.095   -14.876 -12.975 1.00 16.98 ? 215 ASN A C   1 
ATOM   4   O  O   . ASN A 1 15  ? 6.174   -14.610 -12.427 1.00 12.51 ? 215 ASN A O   1 
ATOM   5   C  CB  . ASN A 1 15  ? 4.532   -17.111 -13.866 1.00 11.43 ? 215 ASN A CB  1 
ATOM   6   C  CG  . ASN A 1 15  ? 4.170   -17.942 -15.073 1.00 13.21 ? 215 ASN A CG  1 
ATOM   7   O  OD1 . ASN A 1 15  ? 4.146   -17.449 -16.202 1.00 19.08 ? 215 ASN A OD1 1 
ATOM   8   N  ND2 . ASN A 1 15  ? 3.876   -19.214 -14.844 1.00 15.15 ? 215 ASN A ND2 1 
ATOM   9   N  N   . TYR A 1 16  ? 3.920   -14.424 -12.550 1.00 16.19 ? 216 TYR A N   1 
ATOM   10  C  CA  . TYR A 1 16  ? 3.772   -13.645 -11.334 1.00 20.17 ? 216 TYR A CA  1 
ATOM   11  C  C   . TYR A 1 16  ? 3.649   -14.562 -10.129 1.00 23.28 ? 216 TYR A C   1 
ATOM   12  O  O   . TYR A 1 16  ? 3.116   -15.672 -10.227 1.00 27.83 ? 216 TYR A O   1 
ATOM   13  C  CB  . TYR A 1 16  ? 2.529   -12.722 -11.412 1.00 19.75 ? 216 TYR A CB  1 
ATOM   14  C  CG  . TYR A 1 16  ? 1.994   -12.267 -10.064 1.00 18.99 ? 216 TYR A CG  1 
ATOM   15  C  CD1 . TYR A 1 16  ? 2.662   -11.313 -9.301  1.00 21.50 ? 216 TYR A CD1 1 
ATOM   16  C  CD2 . TYR A 1 16  ? 0.888   -12.873 -9.494  1.00 21.18 ? 216 TYR A CD2 1 
ATOM   17  C  CE1 . TYR A 1 16  ? 2.229   -10.986 -7.997  1.00 16.04 ? 216 TYR A CE1 1 
ATOM   18  C  CE2 . TYR A 1 16  ? 0.463   -12.551 -8.189  1.00 22.27 ? 216 TYR A CE2 1 
ATOM   19  C  CZ  . TYR A 1 16  ? 1.145   -11.621 -7.452  1.00 20.76 ? 216 TYR A CZ  1 
ATOM   20  O  OH  . TYR A 1 16  ? 0.773   -11.409 -6.129  1.00 28.46 ? 216 TYR A OH  1 
ATOM   21  N  N   . PHE A 1 17  ? 4.189   -14.077 -9.016  1.00 19.34 ? 217 PHE A N   1 
ATOM   22  C  CA  . PHE A 1 17  ? 4.162   -14.740 -7.716  1.00 15.21 ? 217 PHE A CA  1 
ATOM   23  C  C   . PHE A 1 17  ? 4.452   -13.621 -6.698  1.00 14.41 ? 217 PHE A C   1 
ATOM   24  O  O   . PHE A 1 17  ? 5.295   -12.775 -6.934  1.00 11.82 ? 217 PHE A O   1 
ATOM   25  C  CB  . PHE A 1 17  ? 5.225   -15.864 -7.635  1.00 11.81 ? 217 PHE A CB  1 
ATOM   26  C  CG  . PHE A 1 17  ? 4.993   -16.833 -6.519  1.00 7.12  ? 217 PHE A CG  1 
ATOM   27  C  CD1 . PHE A 1 17  ? 5.768   -16.812 -5.363  1.00 11.80 ? 217 PHE A CD1 1 
ATOM   28  C  CD2 . PHE A 1 17  ? 3.958   -17.753 -6.598  1.00 10.29 ? 217 PHE A CD2 1 
ATOM   29  C  CE1 . PHE A 1 17  ? 5.492   -17.685 -4.311  1.00 10.09 ? 217 PHE A CE1 1 
ATOM   30  C  CE2 . PHE A 1 17  ? 3.689   -18.618 -5.542  1.00 7.79  ? 217 PHE A CE2 1 
ATOM   31  C  CZ  . PHE A 1 17  ? 4.463   -18.582 -4.408  1.00 6.97  ? 217 PHE A CZ  1 
ATOM   32  N  N   . PRO A 1 18  ? 3.678   -13.548 -5.598  1.00 9.63  ? 218 PRO A N   1 
ATOM   33  C  CA  . PRO A 1 18  ? 3.914   -12.500 -4.589  1.00 7.75  ? 218 PRO A CA  1 
ATOM   34  C  C   . PRO A 1 18  ? 5.332   -12.471 -4.026  1.00 9.34  ? 218 PRO A C   1 
ATOM   35  O  O   . PRO A 1 18  ? 5.918   -13.534 -3.752  1.00 15.57 ? 218 PRO A O   1 
ATOM   36  C  CB  . PRO A 1 18  ? 2.849   -12.810 -3.515  1.00 7.46  ? 218 PRO A CB  1 
ATOM   37  C  CG  . PRO A 1 18  ? 2.552   -14.264 -3.717  1.00 6.52  ? 218 PRO A CG  1 
ATOM   38  C  CD  . PRO A 1 18  ? 2.527   -14.374 -5.232  1.00 5.25  ? 218 PRO A CD  1 
ATOM   39  N  N   . GLN A 1 19  ? 5.821   -11.249 -3.796  1.00 15.20 ? 219 GLN A N   1 
ATOM   40  C  CA  . GLN A 1 19  ? 7.155   -10.976 -3.275  1.00 16.03 ? 219 GLN A CA  1 
ATOM   41  C  C   . GLN A 1 19  ? 7.283   -11.560 -1.861  1.00 17.48 ? 219 GLN A C   1 
ATOM   42  O  O   . GLN A 1 19  ? 8.332   -12.067 -1.472  1.00 21.46 ? 219 GLN A O   1 
ATOM   43  C  CB  . GLN A 1 19  ? 7.383   -9.455  -3.246  1.00 21.14 ? 219 GLN A CB  1 
ATOM   44  C  CG  . GLN A 1 19  ? 8.841   -9.036  -3.304  1.00 39.40 ? 219 GLN A CG  1 
ATOM   45  C  CD  . GLN A 1 19  ? 9.398   -9.071  -4.712  1.00 46.52 ? 219 GLN A CD  1 
ATOM   46  O  OE1 . GLN A 1 19  ? 8.920   -8.356  -5.591  1.00 48.39 ? 219 GLN A OE1 1 
ATOM   47  N  NE2 . GLN A 1 19  ? 10.447  -9.851  -4.916  1.00 49.94 ? 219 GLN A NE2 1 
ATOM   48  N  N   . TYR A 1 20  ? 6.214   -11.427 -1.074  1.00 15.98 ? 220 TYR A N   1 
ATOM   49  C  CA  . TYR A 1 20  ? 6.143   -11.940 0.286   1.00 19.81 ? 220 TYR A CA  1 
ATOM   50  C  C   . TYR A 1 20  ? 4.915   -12.882 0.340   1.00 23.79 ? 220 TYR A C   1 
ATOM   51  O  O   . TYR A 1 20  ? 3.823   -12.481 0.718   1.00 21.50 ? 220 TYR A O   1 
ATOM   52  C  CB  . TYR A 1 20  ? 5.998   -10.775 1.288   1.00 13.30 ? 220 TYR A CB  1 
ATOM   53  C  CG  . TYR A 1 20  ? 7.141   -9.787  1.282   1.00 16.46 ? 220 TYR A CG  1 
ATOM   54  C  CD1 . TYR A 1 20  ? 7.131   -8.682  0.444   1.00 18.32 ? 220 TYR A CD1 1 
ATOM   55  C  CD2 . TYR A 1 20  ? 8.262   -9.978  2.076   1.00 16.98 ? 220 TYR A CD2 1 
ATOM   56  C  CE1 . TYR A 1 20  ? 8.213   -7.802  0.385   1.00 18.69 ? 220 TYR A CE1 1 
ATOM   57  C  CE2 . TYR A 1 20  ? 9.356   -9.085  2.029   1.00 20.95 ? 220 TYR A CE2 1 
ATOM   58  C  CZ  . TYR A 1 20  ? 9.314   -8.009  1.178   1.00 21.74 ? 220 TYR A CZ  1 
ATOM   59  O  OH  . TYR A 1 20  ? 10.376  -7.132  1.107   1.00 19.45 ? 220 TYR A OH  1 
ATOM   60  N  N   . PRO A 1 21  ? 5.099   -14.166 -0.027  1.00 21.68 ? 221 PRO A N   1 
ATOM   61  C  CA  . PRO A 1 21  ? 4.040   -15.183 -0.038  1.00 14.38 ? 221 PRO A CA  1 
ATOM   62  C  C   . PRO A 1 21  ? 3.410   -15.382 1.333   1.00 16.74 ? 221 PRO A C   1 
ATOM   63  O  O   . PRO A 1 21  ? 2.213   -15.695 1.436   1.00 17.22 ? 221 PRO A O   1 
ATOM   64  C  CB  . PRO A 1 21  ? 4.797   -16.456 -0.471  1.00 17.04 ? 221 PRO A CB  1 
ATOM   65  C  CG  . PRO A 1 21  ? 5.893   -15.923 -1.330  1.00 16.93 ? 221 PRO A CG  1 
ATOM   66  C  CD  . PRO A 1 21  ? 6.366   -14.751 -0.479  1.00 20.14 ? 221 PRO A CD  1 
ATOM   67  N  N   . GLU A 1 22  ? 4.219   -15.168 2.369   1.00 17.89 ? 222 GLU A N   1 
ATOM   68  C  CA  . GLU A 1 22  ? 3.818   -15.330 3.761   1.00 14.28 ? 222 GLU A CA  1 
ATOM   69  C  C   . GLU A 1 22  ? 2.739   -14.329 4.208   1.00 17.12 ? 222 GLU A C   1 
ATOM   70  O  O   . GLU A 1 22  ? 1.953   -14.609 5.103   1.00 22.31 ? 222 GLU A O   1 
ATOM   71  C  CB  . GLU A 1 22  ? 5.057   -15.255 4.679   1.00 7.79  ? 222 GLU A CB  1 
ATOM   72  C  CG  . GLU A 1 22  ? 5.787   -13.906 4.708   1.00 11.03 ? 222 GLU A CG  1 
ATOM   73  C  CD  . GLU A 1 22  ? 7.064   -13.819 3.854   1.00 19.42 ? 222 GLU A CD  1 
ATOM   74  O  OE1 . GLU A 1 22  ? 7.029   -14.196 2.667   1.00 18.51 ? 222 GLU A OE1 1 
ATOM   75  O  OE2 . GLU A 1 22  ? 8.112   -13.360 4.373   1.00 24.15 ? 222 GLU A OE2 1 
ATOM   76  N  N   . TYR A 1 23  ? 2.727   -13.156 3.581   1.00 16.70 ? 223 TYR A N   1 
ATOM   77  C  CA  . TYR A 1 23  ? 1.735   -12.132 3.909   1.00 16.24 ? 223 TYR A CA  1 
ATOM   78  C  C   . TYR A 1 23  ? 0.628   -12.031 2.845   1.00 15.04 ? 223 TYR A C   1 
ATOM   79  O  O   . TYR A 1 23  ? 0.012   -10.980 2.674   1.00 14.98 ? 223 TYR A O   1 
ATOM   80  C  CB  . TYR A 1 23  ? 2.449   -10.788 4.145   1.00 18.52 ? 223 TYR A CB  1 
ATOM   81  C  CG  . TYR A 1 23  ? 3.414   -10.807 5.297   1.00 13.61 ? 223 TYR A CG  1 
ATOM   82  C  CD1 . TYR A 1 23  ? 4.742   -10.454 5.134   1.00 14.58 ? 223 TYR A CD1 1 
ATOM   83  C  CD2 . TYR A 1 23  ? 3.020   -11.258 6.552   1.00 14.72 ? 223 TYR A CD2 1 
ATOM   84  C  CE1 . TYR A 1 23  ? 5.657   -10.550 6.198   1.00 14.80 ? 223 TYR A CE1 1 
ATOM   85  C  CE2 . TYR A 1 23  ? 3.926   -11.374 7.612   1.00 15.88 ? 223 TYR A CE2 1 
ATOM   86  C  CZ  . TYR A 1 23  ? 5.238   -11.019 7.419   1.00 17.02 ? 223 TYR A CZ  1 
ATOM   87  O  OH  . TYR A 1 23  ? 6.161   -11.157 8.427   1.00 20.50 ? 223 TYR A OH  1 
ATOM   88  N  N   . ALA A 1 24  ? 0.354   -13.132 2.151   1.00 9.02  ? 224 ALA A N   1 
ATOM   89  C  CA  . ALA A 1 24  ? -0.665  -13.159 1.120   1.00 13.66 ? 224 ALA A CA  1 
ATOM   90  C  C   . ALA A 1 24  ? -2.049  -13.195 1.780   1.00 19.47 ? 224 ALA A C   1 
ATOM   91  O  O   . ALA A 1 24  ? -3.038  -12.766 1.195   1.00 23.43 ? 224 ALA A O   1 
ATOM   92  C  CB  . ALA A 1 24  ? -0.453  -14.363 0.203   1.00 4.61  ? 224 ALA A CB  1 
ATOM   93  N  N   . ILE A 1 25  ? -2.091  -13.693 3.016   1.00 23.97 ? 225 ILE A N   1 
ATOM   94  C  CA  . ILE A 1 25  ? -3.321  -13.788 3.798   1.00 20.95 ? 225 ILE A CA  1 
ATOM   95  C  C   . ILE A 1 25  ? -3.539  -12.499 4.587   1.00 18.68 ? 225 ILE A C   1 
ATOM   96  O  O   . ILE A 1 25  ? -2.607  -11.993 5.223   1.00 17.70 ? 225 ILE A O   1 
ATOM   97  C  CB  . ILE A 1 25  ? -3.260  -14.985 4.784   1.00 21.84 ? 225 ILE A CB  1 
ATOM   98  C  CG1 . ILE A 1 25  ? -3.019  -16.275 4.000   1.00 25.23 ? 225 ILE A CG1 1 
ATOM   99  C  CG2 . ILE A 1 25  ? -4.540  -15.074 5.589   1.00 14.27 ? 225 ILE A CG2 1 
ATOM   100 C  CD1 . ILE A 1 25  ? -2.828  -17.512 4.870   1.00 29.15 ? 225 ILE A CD1 1 
ATOM   101 N  N   . GLU A 1 26  ? -4.761  -11.971 4.496   1.00 21.45 ? 226 GLU A N   1 
ATOM   102 C  CA  . GLU A 1 26  ? -5.190  -10.743 5.153   1.00 18.53 ? 226 GLU A CA  1 
ATOM   103 C  C   . GLU A 1 26  ? -4.920  -10.745 6.652   1.00 20.75 ? 226 GLU A C   1 
ATOM   104 O  O   . GLU A 1 26  ? -4.388  -9.774  7.186   1.00 21.54 ? 226 GLU A O   1 
ATOM   105 C  CB  . GLU A 1 26  ? -6.685  -10.495 4.847   1.00 25.43 ? 226 GLU A CB  1 
ATOM   106 C  CG  . GLU A 1 26  ? -7.515  -9.694  5.888   1.00 25.80 ? 226 GLU A CG  1 
ATOM   107 C  CD  . GLU A 1 26  ? -7.067  -8.254  6.115   1.00 26.14 ? 226 GLU A CD  1 
ATOM   108 O  OE1 . GLU A 1 26  ? -6.656  -7.584  5.148   1.00 34.78 ? 226 GLU A OE1 1 
ATOM   109 O  OE2 . GLU A 1 26  ? -7.173  -7.775  7.267   1.00 22.71 ? 226 GLU A OE2 1 
ATOM   110 N  N   . THR A 1 27  ? -5.289  -11.831 7.320   1.00 18.66 ? 227 THR A N   1 
ATOM   111 C  CA  . THR A 1 27  ? -5.095  -11.944 8.762   1.00 16.62 ? 227 THR A CA  1 
ATOM   112 C  C   . THR A 1 27  ? -3.618  -11.918 9.169   1.00 13.70 ? 227 THR A C   1 
ATOM   113 O  O   . THR A 1 27  ? -3.272  -11.424 10.247  1.00 18.58 ? 227 THR A O   1 
ATOM   114 C  CB  . THR A 1 27  ? -5.811  -13.208 9.337   1.00 11.16 ? 227 THR A CB  1 
ATOM   115 O  OG1 . THR A 1 27  ? -5.374  -14.392 8.650   1.00 13.75 ? 227 THR A OG1 1 
ATOM   116 C  CG2 . THR A 1 27  ? -7.321  -13.059 9.181   1.00 11.33 ? 227 THR A CG2 1 
ATOM   117 N  N   . ALA A 1 28  ? -2.760  -12.450 8.300   1.00 11.27 ? 228 ALA A N   1 
ATOM   118 C  CA  . ALA A 1 28  ? -1.315  -12.489 8.530   1.00 7.75  ? 228 ALA A CA  1 
ATOM   119 C  C   . ALA A 1 28  ? -0.784  -11.053 8.471   1.00 8.91  ? 228 ALA A C   1 
ATOM   120 O  O   . ALA A 1 28  ? 0.073   -10.655 9.269   1.00 14.10 ? 228 ALA A O   1 
ATOM   121 C  CB  . ALA A 1 28  ? -0.634  -13.379 7.460   1.00 12.33 ? 228 ALA A CB  1 
ATOM   122 N  N   . ARG A 1 29  ? -1.293  -10.294 7.498   1.00 7.83  ? 229 ARG A N   1 
ATOM   123 C  CA  . ARG A 1 29  ? -0.929  -8.896  7.308   1.00 11.06 ? 229 ARG A CA  1 
ATOM   124 C  C   . ARG A 1 29  ? -1.405  -8.083  8.515   1.00 11.34 ? 229 ARG A C   1 
ATOM   125 O  O   . ARG A 1 29  ? -0.644  -7.287  9.070   1.00 8.56  ? 229 ARG A O   1 
ATOM   126 C  CB  . ARG A 1 29  ? -1.585  -8.357  6.030   1.00 11.26 ? 229 ARG A CB  1 
ATOM   127 C  CG  . ARG A 1 29  ? -0.772  -8.552  4.754   1.00 11.08 ? 229 ARG A CG  1 
ATOM   128 C  CD  . ARG A 1 29  ? -1.545  -8.175  3.509   1.00 17.48 ? 229 ARG A CD  1 
ATOM   129 N  NE  . ARG A 1 29  ? -2.429  -9.257  3.079   1.00 25.64 ? 229 ARG A NE  1 
ATOM   130 C  CZ  . ARG A 1 29  ? -3.477  -9.103  2.277   1.00 19.86 ? 229 ARG A CZ  1 
ATOM   131 N  NH1 . ARG A 1 29  ? -3.793  -7.911  1.808   1.00 28.07 ? 229 ARG A NH1 1 
ATOM   132 N  NH2 . ARG A 1 29  ? -4.199  -10.165 1.938   1.00 29.72 ? 229 ARG A NH2 1 
ATOM   133 N  N   . LEU A 1 30  ? -2.664  -8.293  8.916   1.00 12.15 ? 230 LEU A N   1 
ATOM   134 C  CA  . LEU A 1 30  ? -3.268  -7.582  10.051  1.00 13.30 ? 230 LEU A CA  1 
ATOM   135 C  C   . LEU A 1 30  ? -2.464  -7.783  11.327  1.00 13.60 ? 230 LEU A C   1 
ATOM   136 O  O   . LEU A 1 30  ? -2.300  -6.848  12.123  1.00 18.79 ? 230 LEU A O   1 
ATOM   137 C  CB  . LEU A 1 30  ? -4.733  -8.030  10.271  1.00 7.45  ? 230 LEU A CB  1 
ATOM   138 C  CG  . LEU A 1 30  ? -5.790  -7.132  10.962  1.00 10.57 ? 230 LEU A CG  1 
ATOM   139 C  CD1 . LEU A 1 30  ? -5.639  -7.027  12.482  1.00 24.23 ? 230 LEU A CD1 1 
ATOM   140 C  CD2 . LEU A 1 30  ? -5.723  -5.751  10.343  1.00 11.91 ? 230 LEU A CD2 1 
ATOM   141 N  N   . ARG A 1 31  ? -1.978  -9.005  11.515  1.00 17.09 ? 231 ARG A N   1 
ATOM   142 C  CA  . ARG A 1 31  ? -1.209  -9.378  12.695  1.00 18.79 ? 231 ARG A CA  1 
ATOM   143 C  C   . ARG A 1 31  ? 0.069   -8.541  12.884  1.00 21.35 ? 231 ARG A C   1 
ATOM   144 O  O   . ARG A 1 31  ? 0.435   -8.218  14.024  1.00 20.13 ? 231 ARG A O   1 
ATOM   145 C  CB  . ARG A 1 31  ? -0.858  -10.873 12.626  1.00 24.05 ? 231 ARG A CB  1 
ATOM   146 C  CG  . ARG A 1 31  ? -0.621  -11.548 13.977  1.00 28.73 ? 231 ARG A CG  1 
ATOM   147 C  CD  . ARG A 1 31  ? -0.415  -13.046 13.839  1.00 28.27 ? 231 ARG A CD  1 
ATOM   148 N  NE  . ARG A 1 31  ? -1.604  -13.738 13.348  1.00 25.84 ? 231 ARG A NE  1 
ATOM   149 C  CZ  . ARG A 1 31  ? -1.698  -14.339 12.164  1.00 25.63 ? 231 ARG A CZ  1 
ATOM   150 N  NH1 . ARG A 1 31  ? -0.664  -14.339 11.326  1.00 20.03 ? 231 ARG A NH1 1 
ATOM   151 N  NH2 . ARG A 1 31  ? -2.824  -14.948 11.822  1.00 20.49 ? 231 ARG A NH2 1 
ATOM   152 N  N   . THR A 1 32  ? 0.732   -8.199  11.774  1.00 21.63 ? 232 THR A N   1 
ATOM   153 C  CA  . THR A 1 32  ? 1.969   -7.410  11.802  1.00 17.62 ? 232 THR A CA  1 
ATOM   154 C  C   . THR A 1 32  ? 1.763   -5.996  12.323  1.00 16.65 ? 232 THR A C   1 
ATOM   155 O  O   . THR A 1 32  ? 2.713   -5.341  12.778  1.00 19.65 ? 232 THR A O   1 
ATOM   156 C  CB  . THR A 1 32  ? 2.691   -7.379  10.400  1.00 16.20 ? 232 THR A CB  1 
ATOM   157 O  OG1 . THR A 1 32  ? 1.927   -6.633  9.443   1.00 15.85 ? 232 THR A OG1 1 
ATOM   158 C  CG2 . THR A 1 32  ? 2.889   -8.791  9.886   1.00 15.97 ? 232 THR A CG2 1 
ATOM   159 N  N   . PHE A 1 33  ? 0.516   -5.528  12.242  1.00 16.05 ? 233 PHE A N   1 
ATOM   160 C  CA  . PHE A 1 33  ? 0.155   -4.190  12.685  1.00 18.28 ? 233 PHE A CA  1 
ATOM   161 C  C   . PHE A 1 33  ? -0.089  -4.088  14.184  1.00 22.92 ? 233 PHE A C   1 
ATOM   162 O  O   . PHE A 1 33  ? -0.547  -3.048  14.658  1.00 22.57 ? 233 PHE A O   1 
ATOM   163 C  CB  . PHE A 1 33  ? -1.091  -3.694  11.929  1.00 14.36 ? 233 PHE A CB  1 
ATOM   164 C  CG  . PHE A 1 33  ? -0.845  -3.388  10.492  1.00 20.98 ? 233 PHE A CG  1 
ATOM   165 C  CD1 . PHE A 1 33  ? -1.235  -4.269  9.495   1.00 22.54 ? 233 PHE A CD1 1 
ATOM   166 C  CD2 . PHE A 1 33  ? -0.198  -2.218  10.118  1.00 15.86 ? 233 PHE A CD2 1 
ATOM   167 C  CE1 . PHE A 1 33  ? -0.977  -3.992  8.164   1.00 20.00 ? 233 PHE A CE1 1 
ATOM   168 C  CE2 . PHE A 1 33  ? 0.056   -1.952  8.790   1.00 21.84 ? 233 PHE A CE2 1 
ATOM   169 C  CZ  . PHE A 1 33  ? -0.334  -2.830  7.824   1.00 25.91 ? 233 PHE A CZ  1 
ATOM   170 N  N   . GLU A 1 34  ? 0.230   -5.140  14.931  1.00 28.07 ? 234 GLU A N   1 
ATOM   171 C  CA  . GLU A 1 34  ? 0.037   -5.174  16.371  1.00 29.12 ? 234 GLU A CA  1 
ATOM   172 C  C   . GLU A 1 34  ? 0.767   -3.992  17.016  1.00 23.77 ? 234 GLU A C   1 
ATOM   173 O  O   . GLU A 1 34  ? 0.246   -3.313  17.900  1.00 22.93 ? 234 GLU A O   1 
ATOM   174 C  CB  . GLU A 1 34  ? 0.560   -6.511  16.921  1.00 37.64 ? 234 GLU A CB  1 
ATOM   175 C  CG  . GLU A 1 34  ? 0.461   -6.683  18.432  1.00 53.19 ? 234 GLU A CG  1 
ATOM   176 C  CD  . GLU A 1 34  ? 1.143   -7.953  18.931  1.00 62.69 ? 234 GLU A CD  1 
ATOM   177 O  OE1 . GLU A 1 34  ? 2.350   -8.131  18.663  1.00 67.39 ? 234 GLU A OE1 1 
ATOM   178 O  OE2 . GLU A 1 34  ? 0.474   -8.767  19.605  1.00 64.96 ? 234 GLU A OE2 1 
ATOM   179 N  N   . ALA A 1 35  ? 2.009   -3.800  16.589  1.00 17.62 ? 235 ALA A N   1 
ATOM   180 C  CA  . ALA A 1 35  ? 2.842   -2.714  17.098  1.00 14.77 ? 235 ALA A CA  1 
ATOM   181 C  C   . ALA A 1 35  ? 2.630   -1.363  16.402  1.00 18.85 ? 235 ALA A C   1 
ATOM   182 O  O   . ALA A 1 35  ? 3.268   -0.371  16.758  1.00 21.37 ? 235 ALA A O   1 
ATOM   183 C  CB  . ALA A 1 35  ? 4.321   -3.140  17.035  1.00 6.12  ? 235 ALA A CB  1 
ATOM   184 N  N   . TRP A 1 36  ? 1.762   -1.328  15.387  1.00 18.69 ? 236 TRP A N   1 
ATOM   185 C  CA  . TRP A 1 36  ? 1.459   -0.108  14.623  1.00 16.76 ? 236 TRP A CA  1 
ATOM   186 C  C   . TRP A 1 36  ? 1.100   1.055   15.559  1.00 18.08 ? 236 TRP A C   1 
ATOM   187 O  O   . TRP A 1 36  ? 0.358   0.880   16.505  1.00 19.48 ? 236 TRP A O   1 
ATOM   188 C  CB  . TRP A 1 36  ? 0.332   -0.394  13.604  1.00 20.40 ? 236 TRP A CB  1 
ATOM   189 C  CG  . TRP A 1 36  ? -0.065  0.779   12.665  1.00 20.85 ? 236 TRP A CG  1 
ATOM   190 C  CD1 . TRP A 1 36  ? -1.176  1.585   12.772  1.00 20.24 ? 236 TRP A CD1 1 
ATOM   191 C  CD2 . TRP A 1 36  ? 0.636   1.237   11.488  1.00 13.81 ? 236 TRP A CD2 1 
ATOM   192 N  NE1 . TRP A 1 36  ? -1.202  2.502   11.757  1.00 16.66 ? 236 TRP A NE1 1 
ATOM   193 C  CE2 . TRP A 1 36  ? -0.115  2.309   10.959  1.00 12.38 ? 236 TRP A CE2 1 
ATOM   194 C  CE3 . TRP A 1 36  ? 1.810   0.844   10.847  1.00 15.35 ? 236 TRP A CE3 1 
ATOM   195 C  CZ2 . TRP A 1 36  ? 0.282   2.994   9.801   1.00 17.49 ? 236 TRP A CZ2 1 
ATOM   196 C  CZ3 . TRP A 1 36  ? 2.204   1.532   9.697   1.00 5.25  ? 236 TRP A CZ3 1 
ATOM   197 C  CH2 . TRP A 1 36  ? 1.440   2.590   9.191   1.00 12.66 ? 236 TRP A CH2 1 
ATOM   198 N  N   . PRO A 1 37  ? 1.698   2.247   15.345  1.00 18.18 ? 237 PRO A N   1 
ATOM   199 C  CA  . PRO A 1 37  ? 1.413   3.412   16.189  1.00 20.77 ? 237 PRO A CA  1 
ATOM   200 C  C   . PRO A 1 37  ? -0.041  3.859   16.111  1.00 27.10 ? 237 PRO A C   1 
ATOM   201 O  O   . PRO A 1 37  ? -0.530  4.167   15.020  1.00 31.72 ? 237 PRO A O   1 
ATOM   202 C  CB  . PRO A 1 37  ? 2.332   4.488   15.599  1.00 15.79 ? 237 PRO A CB  1 
ATOM   203 C  CG  . PRO A 1 37  ? 3.469   3.721   15.068  1.00 15.69 ? 237 PRO A CG  1 
ATOM   204 C  CD  . PRO A 1 37  ? 2.782   2.533   14.399  1.00 20.00 ? 237 PRO A CD  1 
ATOM   205 N  N   . ARG A 1 38  ? -0.693  3.947   17.272  1.00 32.13 ? 238 ARG A N   1 
ATOM   206 C  CA  . ARG A 1 38  ? -2.096  4.346   17.399  1.00 35.58 ? 238 ARG A CA  1 
ATOM   207 C  C   . ARG A 1 38  ? -2.272  5.798   16.946  1.00 30.38 ? 238 ARG A C   1 
ATOM   208 O  O   . ARG A 1 38  ? -3.384  6.273   16.682  1.00 26.24 ? 238 ARG A O   1 
ATOM   209 C  CB  . ARG A 1 38  ? -2.540  4.177   18.865  1.00 39.74 ? 238 ARG A CB  1 
ATOM   210 C  CG  . ARG A 1 38  ? -3.427  2.946   19.127  1.00 48.69 ? 238 ARG A CG  1 
ATOM   211 C  CD  . ARG A 1 38  ? -2.661  1.627   18.982  1.00 56.46 ? 238 ARG A CD  1 
ATOM   212 N  NE  . ARG A 1 38  ? -1.672  1.451   20.046  1.00 64.70 ? 238 ARG A NE  1 
ATOM   213 C  CZ  . ARG A 1 38  ? -1.192  0.274   20.446  1.00 67.26 ? 238 ARG A CZ  1 
ATOM   214 N  NH1 . ARG A 1 38  ? -1.608  -0.848  19.867  1.00 60.85 ? 238 ARG A NH1 1 
ATOM   215 N  NH2 . ARG A 1 38  ? -0.300  0.216   21.430  1.00 68.17 ? 238 ARG A NH2 1 
ATOM   216 N  N   . ASN A 1 39  ? -1.128  6.459   16.822  1.00 33.39 ? 239 ASN A N   1 
ATOM   217 C  CA  . ASN A 1 39  ? -0.961  7.841   16.412  1.00 31.46 ? 239 ASN A CA  1 
ATOM   218 C  C   . ASN A 1 39  ? -1.488  8.101   14.982  1.00 31.29 ? 239 ASN A C   1 
ATOM   219 O  O   . ASN A 1 39  ? -2.121  9.126   14.709  1.00 33.25 ? 239 ASN A O   1 
ATOM   220 C  CB  . ASN A 1 39  ? 0.537   8.159   16.490  1.00 26.83 ? 239 ASN A CB  1 
ATOM   221 C  CG  . ASN A 1 39  ? 0.840   9.623   16.345  1.00 36.55 ? 239 ASN A CG  1 
ATOM   222 O  OD1 . ASN A 1 39  ? 0.717   10.385  17.296  1.00 43.70 ? 239 ASN A OD1 1 
ATOM   223 N  ND2 . ASN A 1 39  ? 1.236   10.035  15.140  1.00 39.11 ? 239 ASN A ND2 1 
ATOM   224 N  N   . LEU A 1 40  ? -1.165  7.181   14.075  1.00 28.28 ? 240 LEU A N   1 
ATOM   225 C  CA  . LEU A 1 40  ? -1.558  7.263   12.665  1.00 27.38 ? 240 LEU A CA  1 
ATOM   226 C  C   . LEU A 1 40  ? -3.043  7.053   12.355  1.00 29.91 ? 240 LEU A C   1 
ATOM   227 O  O   . LEU A 1 40  ? -3.694  6.176   12.919  1.00 32.94 ? 240 LEU A O   1 
ATOM   228 C  CB  . LEU A 1 40  ? -0.697  6.302   11.847  1.00 23.78 ? 240 LEU A CB  1 
ATOM   229 C  CG  . LEU A 1 40  ? 0.783   6.681   11.946  1.00 23.03 ? 240 LEU A CG  1 
ATOM   230 C  CD1 . LEU A 1 40  ? 1.632   5.431   12.043  1.00 19.18 ? 240 LEU A CD1 1 
ATOM   231 C  CD2 . LEU A 1 40  ? 1.213   7.536   10.761  1.00 24.25 ? 240 LEU A CD2 1 
ATOM   232 N  N   . LYS A 1 41  ? -3.563  7.884   11.450  1.00 28.27 ? 241 LYS A N   1 
ATOM   233 C  CA  . LYS A 1 41  ? -4.975  7.853   11.041  1.00 26.28 ? 241 LYS A CA  1 
ATOM   234 C  C   . LYS A 1 41  ? -5.363  6.613   10.235  1.00 21.42 ? 241 LYS A C   1 
ATOM   235 O  O   . LYS A 1 41  ? -6.528  6.202   10.232  1.00 22.80 ? 241 LYS A O   1 
ATOM   236 C  CB  . LYS A 1 41  ? -5.353  9.139   10.282  1.00 29.35 ? 241 LYS A CB  1 
ATOM   237 C  CG  . LYS A 1 41  ? -5.719  10.326  11.187  1.00 39.94 ? 241 LYS A CG  1 
ATOM   238 C  CD  . LYS A 1 41  ? -4.508  10.803  11.973  1.00 51.72 ? 241 LYS A CD  1 
ATOM   239 C  CE  . LYS A 1 41  ? -4.834  11.825  13.046  1.00 52.44 ? 241 LYS A CE  1 
ATOM   240 N  NZ  . LYS A 1 41  ? -3.553  12.302  13.637  1.00 53.31 ? 241 LYS A NZ  1 
ATOM   241 N  N   . GLN A 1 42  ? -4.392  6.072   9.509   1.00 18.54 ? 242 GLN A N   1 
ATOM   242 C  CA  . GLN A 1 42  ? -4.572  4.874   8.715   1.00 19.47 ? 242 GLN A CA  1 
ATOM   243 C  C   . GLN A 1 42  ? -4.570  3.730   9.724   1.00 19.27 ? 242 GLN A C   1 
ATOM   244 O  O   . GLN A 1 42  ? -3.549  3.455   10.354  1.00 20.86 ? 242 GLN A O   1 
ATOM   245 C  CB  . GLN A 1 42  ? -3.413  4.732   7.711   1.00 16.95 ? 242 GLN A CB  1 
ATOM   246 C  CG  . GLN A 1 42  ? -3.431  5.720   6.540   1.00 10.28 ? 242 GLN A CG  1 
ATOM   247 C  CD  . GLN A 1 42  ? -3.103  7.151   6.933   1.00 23.31 ? 242 GLN A CD  1 
ATOM   248 O  OE1 . GLN A 1 42  ? -2.344  7.392   7.870   1.00 33.83 ? 242 GLN A OE1 1 
ATOM   249 N  NE2 . GLN A 1 42  ? -3.619  8.108   6.168   1.00 17.68 ? 242 GLN A NE2 1 
ATOM   250 N  N   . LYS A 1 43  ? -5.744  3.140   9.933   1.00 27.45 ? 243 LYS A N   1 
ATOM   251 C  CA  . LYS A 1 43  ? -5.913  2.039   10.860  1.00 29.78 ? 243 LYS A CA  1 
ATOM   252 C  C   . LYS A 1 43  ? -5.491  0.726   10.195  1.00 24.26 ? 243 LYS A C   1 
ATOM   253 O  O   . LYS A 1 43  ? -5.568  0.580   8.981   1.00 19.99 ? 243 LYS A O   1 
ATOM   254 C  CB  . LYS A 1 43  ? -7.373  1.988   11.357  1.00 38.41 ? 243 LYS A CB  1 
ATOM   255 C  CG  . LYS A 1 43  ? -8.433  1.535   10.342  1.00 51.76 ? 243 LYS A CG  1 
ATOM   256 C  CD  . LYS A 1 43  ? -9.817  1.287   10.972  1.00 56.15 ? 243 LYS A CD  1 
ATOM   257 C  CE  . LYS A 1 43  ? -10.910 1.174   9.906   1.00 59.06 ? 243 LYS A CE  1 
ATOM   258 N  NZ  . LYS A 1 43  ? -10.714 0.044   8.930   1.00 48.53 ? 243 LYS A NZ  1 
ATOM   259 N  N   . PRO A 1 44  ? -4.934  -0.209  10.981  1.00 22.28 ? 244 PRO A N   1 
ATOM   260 C  CA  . PRO A 1 44  ? -4.466  -1.522  10.533  1.00 22.38 ? 244 PRO A CA  1 
ATOM   261 C  C   . PRO A 1 44  ? -5.348  -2.221  9.509   1.00 20.29 ? 244 PRO A C   1 
ATOM   262 O  O   . PRO A 1 44  ? -4.838  -2.851  8.576   1.00 23.05 ? 244 PRO A O   1 
ATOM   263 C  CB  . PRO A 1 44  ? -4.399  -2.303  11.851  1.00 18.43 ? 244 PRO A CB  1 
ATOM   264 C  CG  . PRO A 1 44  ? -3.831  -1.307  12.762  1.00 19.71 ? 244 PRO A CG  1 
ATOM   265 C  CD  . PRO A 1 44  ? -4.632  -0.020  12.406  1.00 20.24 ? 244 PRO A CD  1 
ATOM   266 N  N   . HIS A 1 45  ? -6.657  -2.143  9.720   1.00 21.68 ? 245 HIS A N   1 
ATOM   267 C  CA  . HIS A 1 45  ? -7.639  -2.772  8.851   1.00 22.72 ? 245 HIS A CA  1 
ATOM   268 C  C   . HIS A 1 45  ? -7.533  -2.262  7.415   1.00 19.90 ? 245 HIS A C   1 
ATOM   269 O  O   . HIS A 1 45  ? -7.531  -3.060  6.475   1.00 17.21 ? 245 HIS A O   1 
ATOM   270 C  CB  . HIS A 1 45  ? -9.070  -2.575  9.396   1.00 30.15 ? 245 HIS A CB  1 
ATOM   271 C  CG  . HIS A 1 45  ? -9.252  -2.981  10.836  1.00 48.34 ? 245 HIS A CG  1 
ATOM   272 N  ND1 . HIS A 1 45  ? -9.819  -4.180  11.215  1.00 49.55 ? 245 HIS A ND1 1 
ATOM   273 C  CD2 . HIS A 1 45  ? -8.932  -2.341  11.986  1.00 52.58 ? 245 HIS A CD2 1 
ATOM   274 C  CE1 . HIS A 1 45  ? -9.845  -4.258  12.534  1.00 49.59 ? 245 HIS A CE1 1 
ATOM   275 N  NE2 . HIS A 1 45  ? -9.312  -3.154  13.026  1.00 53.13 ? 245 HIS A NE2 1 
ATOM   276 N  N   . GLN A 1 46  ? -7.484  -0.940  7.261   1.00 19.76 ? 246 GLN A N   1 
ATOM   277 C  CA  . GLN A 1 46  ? -7.377  -0.301  5.948   1.00 17.90 ? 246 GLN A CA  1 
ATOM   278 C  C   . GLN A 1 46  ? -6.116  -0.710  5.192   1.00 15.29 ? 246 GLN A C   1 
ATOM   279 O  O   . GLN A 1 46  ? -6.167  -1.042  4.006   1.00 13.23 ? 246 GLN A O   1 
ATOM   280 C  CB  . GLN A 1 46  ? -7.376  1.227   6.097   1.00 27.05 ? 246 GLN A CB  1 
ATOM   281 C  CG  . GLN A 1 46  ? -8.689  1.840   6.560   1.00 29.80 ? 246 GLN A CG  1 
ATOM   282 C  CD  . GLN A 1 46  ? -8.530  3.281   6.977   1.00 38.99 ? 246 GLN A CD  1 
ATOM   283 O  OE1 . GLN A 1 46  ? -7.602  3.616   7.702   1.00 37.21 ? 246 GLN A OE1 1 
ATOM   284 N  NE2 . GLN A 1 46  ? -9.427  4.151   6.511   1.00 47.05 ? 246 GLN A NE2 1 
ATOM   285 N  N   . LEU A 1 47  ? -4.979  -0.614  5.875   1.00 11.56 ? 247 LEU A N   1 
ATOM   286 C  CA  . LEU A 1 47  ? -3.695  -0.951  5.282   1.00 10.69 ? 247 LEU A CA  1 
ATOM   287 C  C   . LEU A 1 47  ? -3.555  -2.415  4.888   1.00 11.29 ? 247 LEU A C   1 
ATOM   288 O  O   . LEU A 1 47  ? -3.078  -2.723  3.794   1.00 4.70  ? 247 LEU A O   1 
ATOM   289 C  CB  . LEU A 1 47  ? -2.565  -0.542  6.229   1.00 6.92  ? 247 LEU A CB  1 
ATOM   290 C  CG  . LEU A 1 47  ? -2.479  0.957   6.534   1.00 9.37  ? 247 LEU A CG  1 
ATOM   291 C  CD1 . LEU A 1 47  ? -1.833  1.106   7.885   1.00 4.31  ? 247 LEU A CD1 1 
ATOM   292 C  CD2 . LEU A 1 47  ? -1.692  1.731   5.470   1.00 2.00  ? 247 LEU A CD2 1 
ATOM   293 N  N   . ALA A 1 48  ? -3.927  -3.303  5.805   1.00 14.55 ? 248 ALA A N   1 
ATOM   294 C  CA  . ALA A 1 48  ? -3.846  -4.743  5.585   1.00 14.13 ? 248 ALA A CA  1 
ATOM   295 C  C   . ALA A 1 48  ? -4.730  -5.155  4.406   1.00 14.77 ? 248 ALA A C   1 
ATOM   296 O  O   . ALA A 1 48  ? -4.360  -6.034  3.615   1.00 15.24 ? 248 ALA A O   1 
ATOM   297 C  CB  . ALA A 1 48  ? -4.265  -5.500  6.879   1.00 11.31 ? 248 ALA A CB  1 
ATOM   298 N  N   . GLU A 1 49  ? -5.929  -4.574  4.344   1.00 15.69 ? 249 GLU A N   1 
ATOM   299 C  CA  . GLU A 1 49  ? -6.885  -4.852  3.269   1.00 14.78 ? 249 GLU A CA  1 
ATOM   300 C  C   . GLU A 1 49  ? -6.363  -4.274  1.942   1.00 13.67 ? 249 GLU A C   1 
ATOM   301 O  O   . GLU A 1 49  ? -6.740  -4.733  0.862   1.00 9.62  ? 249 GLU A O   1 
ATOM   302 C  CB  . GLU A 1 49  ? -8.269  -4.260  3.623   1.00 14.79 ? 249 GLU A CB  1 
ATOM   303 C  CG  . GLU A 1 49  ? -9.056  -5.094  4.648   1.00 18.14 ? 249 GLU A CG  1 
ATOM   304 C  CD  . GLU A 1 49  ? -10.204 -4.345  5.295   1.00 23.46 ? 249 GLU A CD  1 
ATOM   305 O  OE1 . GLU A 1 49  ? -10.724 -3.393  4.679   1.00 22.62 ? 249 GLU A OE1 1 
ATOM   306 O  OE2 . GLU A 1 49  ? -10.581 -4.713  6.429   1.00 26.37 ? 249 GLU A OE2 1 
ATOM   307 N  N   . ALA A 1 50  ? -5.469  -3.292  2.029   1.00 8.88  ? 250 ALA A N   1 
ATOM   308 C  CA  . ALA A 1 50  ? -4.899  -2.682  0.840   1.00 8.83  ? 250 ALA A CA  1 
ATOM   309 C  C   . ALA A 1 50  ? -3.728  -3.500  0.304   1.00 7.70  ? 250 ALA A C   1 
ATOM   310 O  O   . ALA A 1 50  ? -3.163  -3.195  -0.736  1.00 4.64  ? 250 ALA A O   1 
ATOM   311 C  CB  . ALA A 1 50  ? -4.486  -1.238  1.125   1.00 10.82 ? 250 ALA A CB  1 
ATOM   312 N  N   . GLY A 1 51  ? -3.344  -4.527  1.057   1.00 7.40  ? 251 GLY A N   1 
ATOM   313 C  CA  . GLY A 1 51  ? -2.240  -5.387  0.655   1.00 2.00  ? 251 GLY A CA  1 
ATOM   314 C  C   . GLY A 1 51  ? -0.936  -5.126  1.366   1.00 5.06  ? 251 GLY A C   1 
ATOM   315 O  O   . GLY A 1 51  ? 0.098   -5.701  1.037   1.00 6.55  ? 251 GLY A O   1 
ATOM   316 N  N   . PHE A 1 52  ? -1.001  -4.285  2.383   1.00 9.76  ? 252 PHE A N   1 
ATOM   317 C  CA  . PHE A 1 52  ? 0.163   -3.898  3.151   1.00 11.13 ? 252 PHE A CA  1 
ATOM   318 C  C   . PHE A 1 52  ? 0.373   -4.641  4.465   1.00 13.29 ? 252 PHE A C   1 
ATOM   319 O  O   . PHE A 1 52  ? -0.586  -5.068  5.114   1.00 16.99 ? 252 PHE A O   1 
ATOM   320 C  CB  . PHE A 1 52  ? 0.097   -2.403  3.488   1.00 12.52 ? 252 PHE A CB  1 
ATOM   321 C  CG  . PHE A 1 52  ? 0.143   -1.490  2.309   1.00 15.66 ? 252 PHE A CG  1 
ATOM   322 C  CD1 . PHE A 1 52  ? -0.901  -0.614  2.053   1.00 12.74 ? 252 PHE A CD1 1 
ATOM   323 C  CD2 . PHE A 1 52  ? 1.257   -1.454  1.474   1.00 16.54 ? 252 PHE A CD2 1 
ATOM   324 C  CE1 . PHE A 1 52  ? -0.823  0.289   0.987   1.00 12.04 ? 252 PHE A CE1 1 
ATOM   325 C  CE2 . PHE A 1 52  ? 1.325   -0.551  0.416   1.00 10.88 ? 252 PHE A CE2 1 
ATOM   326 C  CZ  . PHE A 1 52  ? 0.287   0.310   0.184   1.00 15.13 ? 252 PHE A CZ  1 
ATOM   327 N  N   . PHE A 1 53  ? 1.639   -4.785  4.844   1.00 9.69  ? 253 PHE A N   1 
ATOM   328 C  CA  . PHE A 1 53  ? 2.012   -5.382  6.115   1.00 13.35 ? 253 PHE A CA  1 
ATOM   329 C  C   . PHE A 1 53  ? 3.053   -4.459  6.728   1.00 11.66 ? 253 PHE A C   1 
ATOM   330 O  O   . PHE A 1 53  ? 3.818   -3.817  5.999   1.00 14.32 ? 253 PHE A O   1 
ATOM   331 C  CB  . PHE A 1 53  ? 2.528   -6.838  5.966   1.00 16.40 ? 253 PHE A CB  1 
ATOM   332 C  CG  . PHE A 1 53  ? 3.854   -6.985  5.250   1.00 18.13 ? 253 PHE A CG  1 
ATOM   333 C  CD1 . PHE A 1 53  ? 5.066   -6.935  5.939   1.00 15.60 ? 253 PHE A CD1 1 
ATOM   334 C  CD2 . PHE A 1 53  ? 3.897   -7.215  3.881   1.00 17.00 ? 253 PHE A CD2 1 
ATOM   335 C  CE1 . PHE A 1 53  ? 6.279   -7.122  5.255   1.00 16.28 ? 253 PHE A CE1 1 
ATOM   336 C  CE2 . PHE A 1 53  ? 5.122   -7.401  3.219   1.00 16.59 ? 253 PHE A CE2 1 
ATOM   337 C  CZ  . PHE A 1 53  ? 6.291   -7.352  3.909   1.00 17.50 ? 253 PHE A CZ  1 
ATOM   338 N  N   . TYR A 1 54  ? 2.984   -4.291  8.043   1.00 12.66 ? 254 TYR A N   1 
ATOM   339 C  CA  . TYR A 1 54  ? 3.903   -3.432  8.790   1.00 11.27 ? 254 TYR A CA  1 
ATOM   340 C  C   . TYR A 1 54  ? 5.337   -3.959  8.855   1.00 11.65 ? 254 TYR A C   1 
ATOM   341 O  O   . TYR A 1 54  ? 5.546   -5.122  9.166   1.00 7.86  ? 254 TYR A O   1 
ATOM   342 C  CB  . TYR A 1 54  ? 3.360   -3.216  10.208  1.00 12.76 ? 254 TYR A CB  1 
ATOM   343 C  CG  . TYR A 1 54  ? 4.048   -2.178  11.069  1.00 15.62 ? 254 TYR A CG  1 
ATOM   344 C  CD1 . TYR A 1 54  ? 4.647   -1.054  10.526  1.00 16.26 ? 254 TYR A CD1 1 
ATOM   345 C  CD2 . TYR A 1 54  ? 4.063   -2.300  12.454  1.00 18.27 ? 254 TYR A CD2 1 
ATOM   346 C  CE1 . TYR A 1 54  ? 5.258   -0.089  11.338  1.00 20.53 ? 254 TYR A CE1 1 
ATOM   347 C  CE2 . TYR A 1 54  ? 4.672   -1.333  13.283  1.00 21.41 ? 254 TYR A CE2 1 
ATOM   348 C  CZ  . TYR A 1 54  ? 5.249   -0.232  12.712  1.00 20.25 ? 254 TYR A CZ  1 
ATOM   349 O  OH  . TYR A 1 54  ? 5.849   0.707   13.518  1.00 25.31 ? 254 TYR A OH  1 
ATOM   350 N  N   . THR A 1 55  ? 6.293   -3.056  8.632   1.00 15.72 ? 255 THR A N   1 
ATOM   351 C  CA  . THR A 1 55  ? 7.724   -3.356  8.656   1.00 20.93 ? 255 THR A CA  1 
ATOM   352 C  C   . THR A 1 55  ? 8.237   -3.430  10.113  1.00 17.28 ? 255 THR A C   1 
ATOM   353 O  O   . THR A 1 55  ? 9.262   -4.060  10.402  1.00 10.25 ? 255 THR A O   1 
ATOM   354 C  CB  . THR A 1 55  ? 8.514   -2.256  7.865   1.00 18.51 ? 255 THR A CB  1 
ATOM   355 O  OG1 . THR A 1 55  ? 7.955   -2.106  6.549   1.00 33.18 ? 255 THR A OG1 1 
ATOM   356 C  CG2 . THR A 1 55  ? 9.990   -2.604  7.742   1.00 30.50 ? 255 THR A CG2 1 
ATOM   357 N  N   . GLY A 1 56  ? 7.518   -2.768  11.021  1.00 16.62 ? 256 GLY A N   1 
ATOM   358 C  CA  . GLY A 1 56  ? 7.914   -2.756  12.420  1.00 12.67 ? 256 GLY A CA  1 
ATOM   359 C  C   . GLY A 1 56  ? 8.719   -1.505  12.762  1.00 14.44 ? 256 GLY A C   1 
ATOM   360 O  O   . GLY A 1 56  ? 9.072   -1.278  13.925  1.00 14.32 ? 256 GLY A O   1 
ATOM   361 N  N   . VAL A 1 57  ? 9.032   -0.709  11.738  1.00 11.28 ? 257 VAL A N   1 
ATOM   362 C  CA  . VAL A 1 57  ? 9.776   0.542   11.878  1.00 11.04 ? 257 VAL A CA  1 
ATOM   363 C  C   . VAL A 1 57  ? 8.916   1.747   11.439  1.00 12.50 ? 257 VAL A C   1 
ATOM   364 O  O   . VAL A 1 57  ? 8.434   1.798   10.293  1.00 10.67 ? 257 VAL A O   1 
ATOM   365 C  CB  . VAL A 1 57  ? 11.093  0.521   11.029  1.00 11.17 ? 257 VAL A CB  1 
ATOM   366 C  CG1 . VAL A 1 57  ? 11.928  1.777   11.274  1.00 2.37  ? 257 VAL A CG1 1 
ATOM   367 C  CG2 . VAL A 1 57  ? 11.911  -0.727  11.314  1.00 11.83 ? 257 VAL A CG2 1 
ATOM   368 N  N   . GLY A 1 58  ? 8.774   2.723   12.340  1.00 18.07 ? 258 GLY A N   1 
ATOM   369 C  CA  . GLY A 1 58  ? 8.001   3.929   12.077  1.00 15.69 ? 258 GLY A CA  1 
ATOM   370 C  C   . GLY A 1 58  ? 6.611   3.679   11.533  1.00 16.97 ? 258 GLY A C   1 
ATOM   371 O  O   . GLY A 1 58  ? 5.739   3.160   12.234  1.00 20.99 ? 258 GLY A O   1 
ATOM   372 N  N   . ASP A 1 59  ? 6.400   4.108   10.292  1.00 19.34 ? 259 ASP A N   1 
ATOM   373 C  CA  . ASP A 1 59  ? 5.120   3.928   9.623   1.00 15.33 ? 259 ASP A CA  1 
ATOM   374 C  C   . ASP A 1 59  ? 5.310   3.284   8.253   1.00 11.26 ? 259 ASP A C   1 
ATOM   375 O  O   . ASP A 1 59  ? 4.425   3.339   7.392   1.00 16.57 ? 259 ASP A O   1 
ATOM   376 C  CB  . ASP A 1 59  ? 4.358   5.262   9.548   1.00 13.11 ? 259 ASP A CB  1 
ATOM   377 C  CG  . ASP A 1 59  ? 4.925   6.254   8.527   1.00 19.52 ? 259 ASP A CG  1 
ATOM   378 O  OD1 . ASP A 1 59  ? 6.137   6.234   8.194   1.00 18.64 ? 259 ASP A OD1 1 
ATOM   379 O  OD2 . ASP A 1 59  ? 4.132   7.114   8.089   1.00 15.73 ? 259 ASP A OD2 1 
ATOM   380 N  N   . ARG A 1 60  ? 6.444   2.596   8.121   1.00 7.49  ? 260 ARG A N   1 
ATOM   381 C  CA  . ARG A 1 60  ? 6.817   1.884   6.913   1.00 14.13 ? 260 ARG A CA  1 
ATOM   382 C  C   . ARG A 1 60  ? 6.001   0.596   6.726   1.00 15.70 ? 260 ARG A C   1 
ATOM   383 O  O   . ARG A 1 60  ? 5.835   -0.200  7.662   1.00 12.89 ? 260 ARG A O   1 
ATOM   384 C  CB  . ARG A 1 60  ? 8.301   1.537   6.973   1.00 17.98 ? 260 ARG A CB  1 
ATOM   385 C  CG  . ARG A 1 60  ? 9.207   2.738   7.049   1.00 17.37 ? 260 ARG A CG  1 
ATOM   386 C  CD  . ARG A 1 60  ? 10.602  2.247   7.276   1.00 29.15 ? 260 ARG A CD  1 
ATOM   387 N  NE  . ARG A 1 60  ? 11.563  3.313   7.483   1.00 42.27 ? 260 ARG A NE  1 
ATOM   388 C  CZ  . ARG A 1 60  ? 12.287  3.864   6.517   1.00 49.64 ? 260 ARG A CZ  1 
ATOM   389 N  NH1 . ARG A 1 60  ? 12.158  3.457   5.257   1.00 52.36 ? 260 ARG A NH1 1 
ATOM   390 N  NH2 . ARG A 1 60  ? 13.152  4.816   6.819   1.00 55.17 ? 260 ARG A NH2 1 
ATOM   391 N  N   . VAL A 1 61  ? 5.460   0.427   5.523   1.00 15.65 ? 261 VAL A N   1 
ATOM   392 C  CA  . VAL A 1 61  ? 4.692   -0.755  5.155   1.00 12.83 ? 261 VAL A CA  1 
ATOM   393 C  C   . VAL A 1 61  ? 5.159   -1.257  3.787   1.00 16.79 ? 261 VAL A C   1 
ATOM   394 O  O   . VAL A 1 61  ? 5.732   -0.503  2.997   1.00 19.66 ? 261 VAL A O   1 
ATOM   395 C  CB  . VAL A 1 61  ? 3.149   -0.482  5.078   1.00 12.97 ? 261 VAL A CB  1 
ATOM   396 C  CG1 . VAL A 1 61  ? 2.566   -0.231  6.453   1.00 8.94  ? 261 VAL A CG1 1 
ATOM   397 C  CG2 . VAL A 1 61  ? 2.840   0.681   4.127   1.00 13.35 ? 261 VAL A CG2 1 
ATOM   398 N  N   . ARG A 1 62  ? 4.927   -2.534  3.522   1.00 17.01 ? 262 ARG A N   1 
ATOM   399 C  CA  . ARG A 1 62  ? 5.261   -3.127  2.244   1.00 17.40 ? 262 ARG A CA  1 
ATOM   400 C  C   . ARG A 1 62  ? 4.092   -3.944  1.731   1.00 13.84 ? 262 ARG A C   1 
ATOM   401 O  O   . ARG A 1 62  ? 3.343   -4.518  2.517   1.00 16.31 ? 262 ARG A O   1 
ATOM   402 C  CB  . ARG A 1 62  ? 6.514   -4.007  2.349   1.00 17.52 ? 262 ARG A CB  1 
ATOM   403 C  CG  . ARG A 1 62  ? 7.798   -3.256  2.296   1.00 15.52 ? 262 ARG A CG  1 
ATOM   404 C  CD  . ARG A 1 62  ? 8.971   -4.166  2.529   1.00 23.65 ? 262 ARG A CD  1 
ATOM   405 N  NE  . ARG A 1 62  ? 10.223  -3.470  2.275   1.00 32.35 ? 262 ARG A NE  1 
ATOM   406 C  CZ  . ARG A 1 62  ? 10.910  -3.563  1.144   1.00 39.40 ? 262 ARG A CZ  1 
ATOM   407 N  NH1 . ARG A 1 62  ? 10.475  -4.338  0.154   1.00 44.35 ? 262 ARG A NH1 1 
ATOM   408 N  NH2 . ARG A 1 62  ? 12.003  -2.832  0.983   1.00 50.45 ? 262 ARG A NH2 1 
ATOM   409 N  N   . CYS A 1 63  ? 3.936   -3.980  0.413   1.00 7.68  ? 263 CYS A N   1 
ATOM   410 C  CA  . CYS A 1 63  ? 2.884   -4.741  -0.224  1.00 8.26  ? 263 CYS A CA  1 
ATOM   411 C  C   . CYS A 1 63  ? 3.381   -6.141  -0.534  1.00 8.49  ? 263 CYS A C   1 
ATOM   412 O  O   . CYS A 1 63  ? 4.370   -6.304  -1.246  1.00 10.95 ? 263 CYS A O   1 
ATOM   413 C  CB  . CYS A 1 63  ? 2.460   -4.047  -1.516  1.00 12.21 ? 263 CYS A CB  1 
ATOM   414 S  SG  . CYS A 1 63  ? 1.292   -4.994  -2.506  1.00 9.66  ? 263 CYS A SG  1 
ATOM   415 N  N   . PHE A 1 64  ? 2.688   -7.155  -0.021  1.00 8.09  ? 264 PHE A N   1 
ATOM   416 C  CA  . PHE A 1 64  ? 3.076   -8.548  -0.234  1.00 13.00 ? 264 PHE A CA  1 
ATOM   417 C  C   . PHE A 1 64  ? 3.287   -8.982  -1.691  1.00 16.05 ? 264 PHE A C   1 
ATOM   418 O  O   . PHE A 1 64  ? 4.153   -9.799  -1.969  1.00 23.77 ? 264 PHE A O   1 
ATOM   419 C  CB  . PHE A 1 64  ? 2.080   -9.509  0.444   1.00 11.76 ? 264 PHE A CB  1 
ATOM   420 C  CG  . PHE A 1 64  ? 0.754   -9.669  -0.279  1.00 12.90 ? 264 PHE A CG  1 
ATOM   421 C  CD1 . PHE A 1 64  ? 0.543   -10.715 -1.183  1.00 6.95  ? 264 PHE A CD1 1 
ATOM   422 C  CD2 . PHE A 1 64  ? -0.292  -8.770  -0.059  1.00 10.10 ? 264 PHE A CD2 1 
ATOM   423 C  CE1 . PHE A 1 64  ? -0.690  -10.844 -1.837  1.00 7.78  ? 264 PHE A CE1 1 
ATOM   424 C  CE2 . PHE A 1 64  ? -1.518  -8.917  -0.723  1.00 3.88  ? 264 PHE A CE2 1 
ATOM   425 C  CZ  . PHE A 1 64  ? -1.707  -9.947  -1.592  1.00 7.45  ? 264 PHE A CZ  1 
ATOM   426 N  N   . SER A 1 65  ? 2.468   -8.456  -2.600  1.00 15.13 ? 265 SER A N   1 
ATOM   427 C  CA  . SER A 1 65  ? 2.551   -8.806  -4.014  1.00 17.27 ? 265 SER A CA  1 
ATOM   428 C  C   . SER A 1 65  ? 3.707   -8.156  -4.770  1.00 16.40 ? 265 SER A C   1 
ATOM   429 O  O   . SER A 1 65  ? 4.602   -8.851  -5.238  1.00 15.10 ? 265 SER A O   1 
ATOM   430 C  CB  . SER A 1 65  ? 1.215   -8.520  -4.729  1.00 13.56 ? 265 SER A CB  1 
ATOM   431 O  OG  . SER A 1 65  ? 0.750   -7.210  -4.496  1.00 37.89 ? 265 SER A OG  1 
ATOM   432 N  N   . CYS A 1 66  ? 3.697   -6.827  -4.854  1.00 7.41  ? 266 CYS A N   1 
ATOM   433 C  CA  . CYS A 1 66  ? 4.741   -6.096  -5.584  1.00 10.95 ? 266 CYS A CA  1 
ATOM   434 C  C   . CYS A 1 66  ? 6.017   -5.792  -4.790  1.00 11.08 ? 266 CYS A C   1 
ATOM   435 O  O   . CYS A 1 66  ? 7.049   -5.427  -5.358  1.00 16.48 ? 266 CYS A O   1 
ATOM   436 C  CB  . CYS A 1 66  ? 4.168   -4.789  -6.165  1.00 11.71 ? 266 CYS A CB  1 
ATOM   437 S  SG  . CYS A 1 66  ? 3.503   -3.602  -4.951  1.00 16.19 ? 266 CYS A SG  1 
ATOM   438 N  N   . GLY A 1 67  ? 5.926   -5.895  -3.470  1.00 5.44  ? 267 GLY A N   1 
ATOM   439 C  CA  . GLY A 1 67  ? 7.076   -5.647  -2.622  1.00 9.40  ? 267 GLY A CA  1 
ATOM   440 C  C   . GLY A 1 67  ? 7.371   -4.189  -2.338  1.00 11.16 ? 267 GLY A C   1 
ATOM   441 O  O   . GLY A 1 67  ? 8.224   -3.870  -1.492  1.00 19.06 ? 267 GLY A O   1 
ATOM   442 N  N   . GLY A 1 68  ? 6.658   -3.313  -3.037  1.00 10.29 ? 268 GLY A N   1 
ATOM   443 C  CA  . GLY A 1 68  ? 6.814   -1.884  -2.857  1.00 11.98 ? 268 GLY A CA  1 
ATOM   444 C  C   . GLY A 1 68  ? 6.551   -1.435  -1.437  1.00 12.40 ? 268 GLY A C   1 
ATOM   445 O  O   . GLY A 1 68  ? 5.699   -1.996  -0.750  1.00 9.22  ? 268 GLY A O   1 
ATOM   446 N  N   . GLY A 1 69  ? 7.249   -0.395  -0.995  1.00 11.74 ? 269 GLY A N   1 
ATOM   447 C  CA  . GLY A 1 69  ? 7.038   0.082   0.358   1.00 11.27 ? 269 GLY A CA  1 
ATOM   448 C  C   . GLY A 1 69  ? 6.724   1.560   0.422   1.00 13.31 ? 269 GLY A C   1 
ATOM   449 O  O   . GLY A 1 69  ? 7.338   2.380   -0.264  1.00 10.03 ? 269 GLY A O   1 
ATOM   450 N  N   . LEU A 1 70  ? 5.745   1.894   1.250   1.00 15.84 ? 270 LEU A N   1 
ATOM   451 C  CA  . LEU A 1 70  ? 5.319   3.273   1.452   1.00 14.94 ? 270 LEU A CA  1 
ATOM   452 C  C   . LEU A 1 70  ? 5.494   3.722   2.915   1.00 14.07 ? 270 LEU A C   1 
ATOM   453 O  O   . LEU A 1 70  ? 5.349   2.921   3.841   1.00 14.66 ? 270 LEU A O   1 
ATOM   454 C  CB  . LEU A 1 70  ? 3.854   3.440   1.009   1.00 12.79 ? 270 LEU A CB  1 
ATOM   455 C  CG  . LEU A 1 70  ? 3.417   3.058   -0.420  1.00 15.22 ? 270 LEU A CG  1 
ATOM   456 C  CD1 . LEU A 1 70  ? 1.931   3.354   -0.568  1.00 7.25  ? 270 LEU A CD1 1 
ATOM   457 C  CD2 . LEU A 1 70  ? 4.200   3.829   -1.477  1.00 12.68 ? 270 LEU A CD2 1 
ATOM   458 N  N   . MET A 1 71  ? 5.814   5.005   3.092   1.00 12.55 ? 271 MET A N   1 
ATOM   459 C  CA  . MET A 1 71  ? 6.018   5.625   4.395   1.00 16.43 ? 271 MET A CA  1 
ATOM   460 C  C   . MET A 1 71  ? 5.518   7.079   4.361   1.00 19.47 ? 271 MET A C   1 
ATOM   461 O  O   . MET A 1 71  ? 5.083   7.569   3.309   1.00 14.14 ? 271 MET A O   1 
ATOM   462 C  CB  . MET A 1 71  ? 7.508   5.579   4.776   1.00 14.64 ? 271 MET A CB  1 
ATOM   463 C  CG  . MET A 1 71  ? 8.412   6.355   3.815   1.00 12.05 ? 271 MET A CG  1 
ATOM   464 S  SD  . MET A 1 71  ? 10.175  6.139   4.225   1.00 24.90 ? 271 MET A SD  1 
ATOM   465 C  CE  . MET A 1 71  ? 10.294  7.144   5.701   1.00 27.90 ? 271 MET A CE  1 
ATOM   466 N  N   . ASP A 1 72  ? 5.630   7.762   5.503   1.00 22.77 ? 272 ASP A N   1 
ATOM   467 C  CA  . ASP A 1 72  ? 5.202   9.158   5.690   1.00 26.80 ? 272 ASP A CA  1 
ATOM   468 C  C   . ASP A 1 72  ? 3.759   9.429   5.269   1.00 25.20 ? 272 ASP A C   1 
ATOM   469 O  O   . ASP A 1 72  ? 3.479   10.196  4.335   1.00 28.32 ? 272 ASP A O   1 
ATOM   470 C  CB  . ASP A 1 72  ? 6.180   10.148  5.032   1.00 31.58 ? 272 ASP A CB  1 
ATOM   471 C  CG  . ASP A 1 72  ? 7.613   10.015  5.567   1.00 38.14 ? 272 ASP A CG  1 
ATOM   472 O  OD1 . ASP A 1 72  ? 7.801   9.915   6.802   1.00 35.60 ? 272 ASP A OD1 1 
ATOM   473 O  OD2 . ASP A 1 72  ? 8.556   10.002  4.751   1.00 38.18 ? 272 ASP A OD2 1 
ATOM   474 N  N   . TRP A 1 73  ? 2.855   8.705   5.920   1.00 21.66 ? 273 TRP A N   1 
ATOM   475 C  CA  . TRP A 1 73  ? 1.434   8.814   5.668   1.00 21.70 ? 273 TRP A CA  1 
ATOM   476 C  C   . TRP A 1 73  ? 0.839   10.115  6.214   1.00 19.81 ? 273 TRP A C   1 
ATOM   477 O  O   . TRP A 1 73  ? 1.064   10.490  7.364   1.00 19.73 ? 273 TRP A O   1 
ATOM   478 C  CB  . TRP A 1 73  ? 0.699   7.602   6.274   1.00 18.57 ? 273 TRP A CB  1 
ATOM   479 C  CG  . TRP A 1 73  ? 1.091   6.282   5.641   1.00 13.38 ? 273 TRP A CG  1 
ATOM   480 C  CD1 . TRP A 1 73  ? 2.180   5.529   5.939   1.00 14.01 ? 273 TRP A CD1 1 
ATOM   481 C  CD2 . TRP A 1 73  ? 0.400   5.597   4.585   1.00 12.18 ? 273 TRP A CD2 1 
ATOM   482 N  NE1 . TRP A 1 73  ? 2.232   4.420   5.144   1.00 8.10  ? 273 TRP A NE1 1 
ATOM   483 C  CE2 . TRP A 1 73  ? 1.157   4.433   4.304   1.00 12.96 ? 273 TRP A CE2 1 
ATOM   484 C  CE3 . TRP A 1 73  ? -0.759  5.840   3.853   1.00 8.78  ? 273 TRP A CE3 1 
ATOM   485 C  CZ2 . TRP A 1 73  ? 0.777   3.524   3.315   1.00 17.27 ? 273 TRP A CZ2 1 
ATOM   486 C  CZ3 . TRP A 1 73  ? -1.136  4.933   2.867   1.00 3.24  ? 273 TRP A CZ3 1 
ATOM   487 C  CH2 . TRP A 1 73  ? -0.370  3.793   2.610   1.00 13.00 ? 273 TRP A CH2 1 
ATOM   488 N  N   . ASN A 1 74  ? 0.084   10.802  5.361   1.00 19.79 ? 274 ASN A N   1 
ATOM   489 C  CA  . ASN A 1 74  ? -0.594  12.038  5.741   1.00 22.44 ? 274 ASN A CA  1 
ATOM   490 C  C   . ASN A 1 74  ? -1.982  11.621  6.224   1.00 19.20 ? 274 ASN A C   1 
ATOM   491 O  O   . ASN A 1 74  ? -2.492  10.581  5.805   1.00 21.52 ? 274 ASN A O   1 
ATOM   492 C  CB  . ASN A 1 74  ? -0.718  12.967  4.535   1.00 27.79 ? 274 ASN A CB  1 
ATOM   493 C  CG  . ASN A 1 74  ? 0.624   13.389  3.966   1.00 38.07 ? 274 ASN A CG  1 
ATOM   494 O  OD1 . ASN A 1 74  ? 1.515   13.800  4.708   1.00 40.57 ? 274 ASN A OD1 1 
ATOM   495 N  ND2 . ASN A 1 74  ? 0.759   13.326  2.649   1.00 43.25 ? 274 ASN A ND2 1 
ATOM   496 N  N   . ASP A 1 75  ? -2.596  12.431  7.083   1.00 13.27 ? 275 ASP A N   1 
ATOM   497 C  CA  . ASP A 1 75  ? -3.922  12.162  7.653   1.00 17.70 ? 275 ASP A CA  1 
ATOM   498 C  C   . ASP A 1 75  ? -4.988  11.871  6.578   1.00 18.62 ? 275 ASP A C   1 
ATOM   499 O  O   . ASP A 1 75  ? -5.898  11.070  6.798   1.00 27.25 ? 275 ASP A O   1 
ATOM   500 C  CB  . ASP A 1 75  ? -4.379  13.360  8.509   1.00 20.33 ? 275 ASP A CB  1 
ATOM   501 C  CG  . ASP A 1 75  ? -3.304  13.850  9.479   1.00 26.17 ? 275 ASP A CG  1 
ATOM   502 O  OD1 . ASP A 1 75  ? -3.417  13.571  10.701  1.00 23.73 ? 275 ASP A OD1 1 
ATOM   503 O  OD2 . ASP A 1 75  ? -2.351  14.514  9.012   1.00 35.61 ? 275 ASP A OD2 1 
ATOM   504 N  N   . ASN A 1 76  ? -4.858  12.556  5.442   1.00 21.37 ? 276 ASN A N   1 
ATOM   505 C  CA  . ASN A 1 76  ? -5.756  12.466  4.286   1.00 20.47 ? 276 ASN A CA  1 
ATOM   506 C  C   . ASN A 1 76  ? -5.498  11.315  3.318   1.00 18.70 ? 276 ASN A C   1 
ATOM   507 O  O   . ASN A 1 76  ? -6.224  11.154  2.331   1.00 16.86 ? 276 ASN A O   1 
ATOM   508 C  CB  . ASN A 1 76  ? -5.683  13.783  3.512   1.00 31.13 ? 276 ASN A CB  1 
ATOM   509 C  CG  . ASN A 1 76  ? -4.264  14.108  3.020   1.00 44.22 ? 276 ASN A CG  1 
ATOM   510 O  OD1 . ASN A 1 76  ? -3.386  14.467  3.815   1.00 43.83 ? 276 ASN A OD1 1 
ATOM   511 N  ND2 . ASN A 1 76  ? -4.037  13.992  1.710   1.00 48.45 ? 276 ASN A ND2 1 
ATOM   512 N  N   . ASP A 1 77  ? -4.502  10.486  3.609   1.00 20.86 ? 277 ASP A N   1 
ATOM   513 C  CA  . ASP A 1 77  ? -4.170  9.367   2.734   1.00 17.05 ? 277 ASP A CA  1 
ATOM   514 C  C   . ASP A 1 77  ? -5.075  8.137   2.845   1.00 19.16 ? 277 ASP A C   1 
ATOM   515 O  O   . ASP A 1 77  ? -5.417  7.679   3.943   1.00 12.27 ? 277 ASP A O   1 
ATOM   516 C  CB  . ASP A 1 77  ? -2.715  8.925   2.943   1.00 15.93 ? 277 ASP A CB  1 
ATOM   517 C  CG  . ASP A 1 77  ? -1.699  9.863   2.326   1.00 13.12 ? 277 ASP A CG  1 
ATOM   518 O  OD1 . ASP A 1 77  ? -2.087  10.822  1.628   1.00 18.79 ? 277 ASP A OD1 1 
ATOM   519 O  OD2 . ASP A 1 77  ? -0.496  9.628   2.547   1.00 13.65 ? 277 ASP A OD2 1 
ATOM   520 N  N   . GLU A 1 78  ? -5.447  7.601   1.686   1.00 18.53 ? 278 GLU A N   1 
ATOM   521 C  CA  . GLU A 1 78  ? -6.258  6.408   1.590   1.00 16.29 ? 278 GLU A CA  1 
ATOM   522 C  C   . GLU A 1 78  ? -5.291  5.345   1.071   1.00 15.74 ? 278 GLU A C   1 
ATOM   523 O  O   . GLU A 1 78  ? -4.707  5.511   0.004   1.00 21.46 ? 278 GLU A O   1 
ATOM   524 C  CB  . GLU A 1 78  ? -7.389  6.626   0.580   1.00 19.04 ? 278 GLU A CB  1 
ATOM   525 C  CG  . GLU A 1 78  ? -8.466  7.607   1.020   1.00 23.72 ? 278 GLU A CG  1 
ATOM   526 C  CD  . GLU A 1 78  ? -9.540  7.810   -0.035  1.00 32.31 ? 278 GLU A CD  1 
ATOM   527 O  OE1 . GLU A 1 78  ? -10.079 8.935   -0.121  1.00 41.31 ? 278 GLU A OE1 1 
ATOM   528 O  OE2 . GLU A 1 78  ? -9.857  6.846   -0.767  1.00 39.14 ? 278 GLU A OE2 1 
ATOM   529 N  N   . PRO A 1 79  ? -5.079  4.265   1.841   1.00 14.92 ? 279 PRO A N   1 
ATOM   530 C  CA  . PRO A 1 79  ? -4.187  3.147   1.520   1.00 12.41 ? 279 PRO A CA  1 
ATOM   531 C  C   . PRO A 1 79  ? -4.274  2.649   0.080   1.00 16.75 ? 279 PRO A C   1 
ATOM   532 O  O   . PRO A 1 79  ? -3.236  2.397   -0.542  1.00 20.75 ? 279 PRO A O   1 
ATOM   533 C  CB  . PRO A 1 79  ? -4.624  2.081   2.529   1.00 11.89 ? 279 PRO A CB  1 
ATOM   534 C  CG  . PRO A 1 79  ? -4.893  2.899   3.740   1.00 11.75 ? 279 PRO A CG  1 
ATOM   535 C  CD  . PRO A 1 79  ? -5.730  4.039   3.142   1.00 9.88  ? 279 PRO A CD  1 
ATOM   536 N  N   . TRP A 1 80  ? -5.488  2.519   -0.444  1.00 10.84 ? 280 TRP A N   1 
ATOM   537 C  CA  . TRP A 1 80  ? -5.712  2.036   -1.794  1.00 8.21  ? 280 TRP A CA  1 
ATOM   538 C  C   . TRP A 1 80  ? -5.249  3.001   -2.865  1.00 12.27 ? 280 TRP A C   1 
ATOM   539 O  O   . TRP A 1 80  ? -4.715  2.579   -3.894  1.00 10.60 ? 280 TRP A O   1 
ATOM   540 C  CB  . TRP A 1 80  ? -7.176  1.685   -1.990  1.00 4.84  ? 280 TRP A CB  1 
ATOM   541 C  CG  . TRP A 1 80  ? -7.562  0.265   -1.641  1.00 8.13  ? 280 TRP A CG  1 
ATOM   542 C  CD1 . TRP A 1 80  ? -8.577  -0.113  -0.833  1.00 4.52  ? 280 TRP A CD1 1 
ATOM   543 C  CD2 . TRP A 1 80  ? -6.972  -0.942  -2.158  1.00 12.73 ? 280 TRP A CD2 1 
ATOM   544 N  NE1 . TRP A 1 80  ? -8.685  -1.478  -0.805  1.00 7.37  ? 280 TRP A NE1 1 
ATOM   545 C  CE2 . TRP A 1 80  ? -7.722  -2.013  -1.606  1.00 7.32  ? 280 TRP A CE2 1 
ATOM   546 C  CE3 . TRP A 1 80  ? -5.917  -1.236  -3.014  1.00 6.58  ? 280 TRP A CE3 1 
ATOM   547 C  CZ2 . TRP A 1 80  ? -7.439  -3.346  -1.899  1.00 5.50  ? 280 TRP A CZ2 1 
ATOM   548 C  CZ3 . TRP A 1 80  ? -5.633  -2.573  -3.309  1.00 8.88  ? 280 TRP A CZ3 1 
ATOM   549 C  CH2 . TRP A 1 80  ? -6.399  -3.605  -2.748  1.00 11.15 ? 280 TRP A CH2 1 
ATOM   550 N  N   . GLU A 1 81  ? -5.502  4.286   -2.630  1.00 13.23 ? 281 GLU A N   1 
ATOM   551 C  CA  . GLU A 1 81  ? -5.125  5.340   -3.559  1.00 10.66 ? 281 GLU A CA  1 
ATOM   552 C  C   . GLU A 1 81  ? -3.605  5.447   -3.675  1.00 12.13 ? 281 GLU A C   1 
ATOM   553 O  O   . GLU A 1 81  ? -3.061  5.568   -4.780  1.00 16.73 ? 281 GLU A O   1 
ATOM   554 C  CB  . GLU A 1 81  ? -5.705  6.690   -3.112  1.00 12.45 ? 281 GLU A CB  1 
ATOM   555 C  CG  . GLU A 1 81  ? -7.210  6.811   -3.340  1.00 9.75  ? 281 GLU A CG  1 
ATOM   556 C  CD  . GLU A 1 81  ? -7.753  8.207   -3.134  1.00 7.55  ? 281 GLU A CD  1 
ATOM   557 O  OE1 . GLU A 1 81  ? -7.074  9.044   -2.506  1.00 8.79  ? 281 GLU A OE1 1 
ATOM   558 O  OE2 . GLU A 1 81  ? -8.871  8.463   -3.622  1.00 9.09  ? 281 GLU A OE2 1 
ATOM   559 N  N   . GLN A 1 82  ? -2.935  5.418   -2.523  1.00 10.19 ? 282 GLN A N   1 
ATOM   560 C  CA  . GLN A 1 82  ? -1.482  5.514   -2.445  1.00 7.34  ? 282 GLN A CA  1 
ATOM   561 C  C   . GLN A 1 82  ? -0.830  4.304   -3.104  1.00 6.90  ? 282 GLN A C   1 
ATOM   562 O  O   . GLN A 1 82  ? 0.247   4.396   -3.709  1.00 7.72  ? 282 GLN A O   1 
ATOM   563 C  CB  . GLN A 1 82  ? -1.047  5.665   -0.975  1.00 4.52  ? 282 GLN A CB  1 
ATOM   564 C  CG  . GLN A 1 82  ? -1.531  6.959   -0.299  1.00 2.98  ? 282 GLN A CG  1 
ATOM   565 C  CD  . GLN A 1 82  ? -0.943  8.213   -0.932  1.00 3.04  ? 282 GLN A CD  1 
ATOM   566 O  OE1 . GLN A 1 82  ? 0.196   8.581   -0.653  1.00 11.18 ? 282 GLN A OE1 1 
ATOM   567 N  NE2 . GLN A 1 82  ? -1.721  8.880   -1.770  1.00 7.79  ? 282 GLN A NE2 1 
ATOM   568 N  N   . HIS A 1 83  ? -1.513  3.171   -2.987  1.00 11.28 ? 283 HIS A N   1 
ATOM   569 C  CA  . HIS A 1 83  ? -1.083  1.897   -3.544  1.00 13.53 ? 283 HIS A CA  1 
ATOM   570 C  C   . HIS A 1 83  ? -1.090  1.966   -5.072  1.00 15.48 ? 283 HIS A C   1 
ATOM   571 O  O   . HIS A 1 83  ? -0.103  1.640   -5.727  1.00 17.76 ? 283 HIS A O   1 
ATOM   572 C  CB  . HIS A 1 83  ? -2.041  0.789   -3.073  1.00 20.30 ? 283 HIS A CB  1 
ATOM   573 C  CG  . HIS A 1 83  ? -1.422  -0.569  -2.983  1.00 22.93 ? 283 HIS A CG  1 
ATOM   574 N  ND1 . HIS A 1 83  ? -2.162  -1.726  -2.835  1.00 31.15 ? 283 HIS A ND1 1 
ATOM   575 C  CD2 . HIS A 1 83  ? -0.132  -0.959  -2.969  1.00 24.62 ? 283 HIS A CD2 1 
ATOM   576 C  CE1 . HIS A 1 83  ? -1.339  -2.759  -2.726  1.00 26.49 ? 283 HIS A CE1 1 
ATOM   577 N  NE2 . HIS A 1 83  ? -0.107  -2.314  -2.796  1.00 25.50 ? 283 HIS A NE2 1 
ATOM   578 N  N   . ALA A 1 84  ? -2.241  2.343   -5.620  1.00 14.41 ? 284 ALA A N   1 
ATOM   579 C  CA  . ALA A 1 84  ? -2.439  2.459   -7.067  1.00 10.34 ? 284 ALA A CA  1 
ATOM   580 C  C   . ALA A 1 84  ? -1.624  3.589   -7.708  1.00 12.78 ? 284 ALA A C   1 
ATOM   581 O  O   . ALA A 1 84  ? -1.193  3.464   -8.849  1.00 15.29 ? 284 ALA A O   1 
ATOM   582 C  CB  . ALA A 1 84  ? -3.943  2.645   -7.386  1.00 3.05  ? 284 ALA A CB  1 
ATOM   583 N  N   . LEU A 1 85  ? -1.424  4.681   -6.972  1.00 10.67 ? 285 LEU A N   1 
ATOM   584 C  CA  . LEU A 1 85  ? -0.679  5.842   -7.474  1.00 9.58  ? 285 LEU A CA  1 
ATOM   585 C  C   . LEU A 1 85  ? 0.810   5.548   -7.626  1.00 9.65  ? 285 LEU A C   1 
ATOM   586 O  O   . LEU A 1 85  ? 1.402   5.842   -8.655  1.00 13.93 ? 285 LEU A O   1 
ATOM   587 C  CB  . LEU A 1 85  ? -0.874  7.047   -6.531  1.00 9.16  ? 285 LEU A CB  1 
ATOM   588 C  CG  . LEU A 1 85  ? -0.512  8.523   -6.821  1.00 5.91  ? 285 LEU A CG  1 
ATOM   589 C  CD1 . LEU A 1 85  ? 0.888   8.877   -6.356  1.00 16.21 ? 285 LEU A CD1 1 
ATOM   590 C  CD2 . LEU A 1 85  ? -0.736  8.920   -8.282  1.00 7.23  ? 285 LEU A CD2 1 
ATOM   591 N  N   . TRP A 1 86  ? 1.418   5.014   -6.575  1.00 10.46 ? 286 TRP A N   1 
ATOM   592 C  CA  . TRP A 1 86  ? 2.845   4.724   -6.594  1.00 8.01  ? 286 TRP A CA  1 
ATOM   593 C  C   . TRP A 1 86  ? 3.233   3.384   -7.199  1.00 14.35 ? 286 TRP A C   1 
ATOM   594 O  O   . TRP A 1 86  ? 4.258   3.282   -7.859  1.00 19.18 ? 286 TRP A O   1 
ATOM   595 C  CB  . TRP A 1 86  ? 3.415   4.822   -5.182  1.00 7.23  ? 286 TRP A CB  1 
ATOM   596 C  CG  . TRP A 1 86  ? 3.391   6.210   -4.575  1.00 8.14  ? 286 TRP A CG  1 
ATOM   597 C  CD1 . TRP A 1 86  ? 2.662   6.611   -3.511  1.00 6.03  ? 286 TRP A CD1 1 
ATOM   598 C  CD2 . TRP A 1 86  ? 4.171   7.341   -4.996  1.00 8.83  ? 286 TRP A CD2 1 
ATOM   599 N  NE1 . TRP A 1 86  ? 2.923   7.921   -3.216  1.00 2.96  ? 286 TRP A NE1 1 
ATOM   600 C  CE2 . TRP A 1 86  ? 3.838   8.400   -4.107  1.00 7.51  ? 286 TRP A CE2 1 
ATOM   601 C  CE3 . TRP A 1 86  ? 5.096   7.585   -6.005  1.00 6.37  ? 286 TRP A CE3 1 
ATOM   602 C  CZ2 . TRP A 1 86  ? 4.422   9.667   -4.208  1.00 2.00  ? 286 TRP A CZ2 1 
ATOM   603 C  CZ3 . TRP A 1 86  ? 5.677   8.848   -6.109  1.00 3.57  ? 286 TRP A CZ3 1 
ATOM   604 C  CH2 . TRP A 1 86  ? 5.326   9.871   -5.216  1.00 3.01  ? 286 TRP A CH2 1 
ATOM   605 N  N   . LEU A 1 87  ? 2.458   2.350   -6.891  1.00 19.08 ? 287 LEU A N   1 
ATOM   606 C  CA  . LEU A 1 87  ? 2.712   0.989   -7.375  1.00 15.10 ? 287 LEU A CA  1 
ATOM   607 C  C   . LEU A 1 87  ? 1.600   0.523   -8.335  1.00 17.11 ? 287 LEU A C   1 
ATOM   608 O  O   . LEU A 1 87  ? 0.920   -0.487  -8.080  1.00 20.75 ? 287 LEU A O   1 
ATOM   609 C  CB  . LEU A 1 87  ? 2.778   0.042   -6.167  1.00 10.27 ? 287 LEU A CB  1 
ATOM   610 C  CG  . LEU A 1 87  ? 3.717   0.456   -5.020  1.00 8.54  ? 287 LEU A CG  1 
ATOM   611 C  CD1 . LEU A 1 87  ? 3.405   -0.319  -3.725  1.00 12.34 ? 287 LEU A CD1 1 
ATOM   612 C  CD2 . LEU A 1 87  ? 5.164   0.200   -5.439  1.00 4.47  ? 287 LEU A CD2 1 
ATOM   613 N  N   . SER A 1 88  ? 1.406   1.276   -9.412  1.00 18.67 ? 288 SER A N   1 
ATOM   614 C  CA  . SER A 1 88  ? 0.381   1.019   -10.426 1.00 15.28 ? 288 SER A CA  1 
ATOM   615 C  C   . SER A 1 88  ? 0.503   -0.334  -11.153 1.00 15.62 ? 288 SER A C   1 
ATOM   616 O  O   . SER A 1 88  ? -0.472  -0.834  -11.712 1.00 13.75 ? 288 SER A O   1 
ATOM   617 C  CB  . SER A 1 88  ? 0.356   2.166   -11.449 1.00 13.81 ? 288 SER A CB  1 
ATOM   618 O  OG  . SER A 1 88  ? 1.627   2.374   -12.032 1.00 13.27 ? 288 SER A OG  1 
ATOM   619 N  N   . GLN A 1 89  ? 1.690   -0.929  -11.131 1.00 14.11 ? 289 GLN A N   1 
ATOM   620 C  CA  . GLN A 1 89  ? 1.933   -2.201  -11.799 1.00 15.83 ? 289 GLN A CA  1 
ATOM   621 C  C   . GLN A 1 89  ? 1.617   -3.398  -10.908 1.00 15.64 ? 289 GLN A C   1 
ATOM   622 O  O   . GLN A 1 89  ? 1.652   -4.552  -11.367 1.00 16.55 ? 289 GLN A O   1 
ATOM   623 C  CB  . GLN A 1 89  ? 3.387   -2.268  -12.295 1.00 22.07 ? 289 GLN A CB  1 
ATOM   624 C  CG  . GLN A 1 89  ? 3.816   -1.167  -13.279 1.00 30.43 ? 289 GLN A CG  1 
ATOM   625 C  CD  . GLN A 1 89  ? 2.835   -0.954  -14.423 1.00 35.77 ? 289 GLN A CD  1 
ATOM   626 O  OE1 . GLN A 1 89  ? 2.452   0.179   -14.722 1.00 37.88 ? 289 GLN A OE1 1 
ATOM   627 N  NE2 . GLN A 1 89  ? 2.493   -2.032  -15.120 1.00 31.91 ? 289 GLN A NE2 1 
ATOM   628 N  N   . CYS A 1 90  ? 1.274   -3.123  -9.651  1.00 17.39 ? 290 CYS A N   1 
ATOM   629 C  CA  . CYS A 1 90  ? 0.960   -4.142  -8.658  1.00 15.53 ? 290 CYS A CA  1 
ATOM   630 C  C   . CYS A 1 90  ? -0.258  -4.986  -9.020  1.00 15.25 ? 290 CYS A C   1 
ATOM   631 O  O   . CYS A 1 90  ? -1.349  -4.461  -9.272  1.00 17.68 ? 290 CYS A O   1 
ATOM   632 C  CB  . CYS A 1 90  ? 0.768   -3.509  -7.275  1.00 13.50 ? 290 CYS A CB  1 
ATOM   633 S  SG  . CYS A 1 90  ? 0.389   -4.684  -5.960  1.00 14.51 ? 290 CYS A SG  1 
ATOM   634 N  N   . ARG A 1 91  ? -0.042  -6.300  -9.011  1.00 18.56 ? 291 ARG A N   1 
ATOM   635 C  CA  . ARG A 1 91  ? -1.053  -7.285  -9.353  1.00 19.19 ? 291 ARG A CA  1 
ATOM   636 C  C   . ARG A 1 91  ? -2.251  -7.279  -8.405  1.00 15.36 ? 291 ARG A C   1 
ATOM   637 O  O   . ARG A 1 91  ? -3.392  -7.401  -8.841  1.00 15.99 ? 291 ARG A O   1 
ATOM   638 C  CB  . ARG A 1 91  ? -0.409  -8.672  -9.420  1.00 23.05 ? 291 ARG A CB  1 
ATOM   639 C  CG  . ARG A 1 91  ? 0.391   -8.927  -10.707 1.00 38.09 ? 291 ARG A CG  1 
ATOM   640 C  CD  . ARG A 1 91  ? -0.486  -8.840  -11.966 1.00 43.81 ? 291 ARG A CD  1 
ATOM   641 N  NE  . ARG A 1 91  ? 0.196   -9.403  -13.136 1.00 51.93 ? 291 ARG A NE  1 
ATOM   642 C  CZ  . ARG A 1 91  ? 0.047   -10.654 -13.580 1.00 52.83 ? 291 ARG A CZ  1 
ATOM   643 N  NH1 . ARG A 1 91  ? -0.776  -11.495 -12.964 1.00 48.65 ? 291 ARG A NH1 1 
ATOM   644 N  NH2 . ARG A 1 91  ? 0.727   -11.072 -14.639 1.00 53.16 ? 291 ARG A NH2 1 
ATOM   645 N  N   . PHE A 1 92  ? -1.987  -7.119  -7.108  1.00 13.62 ? 292 PHE A N   1 
ATOM   646 C  CA  . PHE A 1 92  ? -3.053  -7.120  -6.102  1.00 13.69 ? 292 PHE A CA  1 
ATOM   647 C  C   . PHE A 1 92  ? -4.003  -5.940  -6.274  1.00 14.87 ? 292 PHE A C   1 
ATOM   648 O  O   . PHE A 1 92  ? -5.183  -6.046  -5.925  1.00 24.00 ? 292 PHE A O   1 
ATOM   649 C  CB  . PHE A 1 92  ? -2.460  -7.135  -4.678  1.00 9.72  ? 292 PHE A CB  1 
ATOM   650 C  CG  . PHE A 1 92  ? -3.469  -7.387  -3.584  1.00 18.08 ? 292 PHE A CG  1 
ATOM   651 C  CD1 . PHE A 1 92  ? -4.157  -8.598  -3.510  1.00 17.05 ? 292 PHE A CD1 1 
ATOM   652 C  CD2 . PHE A 1 92  ? -3.739  -6.418  -2.624  1.00 18.58 ? 292 PHE A CD2 1 
ATOM   653 C  CE1 . PHE A 1 92  ? -5.084  -8.826  -2.506  1.00 14.68 ? 292 PHE A CE1 1 
ATOM   654 C  CE2 . PHE A 1 92  ? -4.681  -6.661  -1.618  1.00 18.76 ? 292 PHE A CE2 1 
ATOM   655 C  CZ  . PHE A 1 92  ? -5.338  -7.857  -1.566  1.00 15.99 ? 292 PHE A CZ  1 
ATOM   656 N  N   . VAL A 1 93  ? -3.465  -4.795  -6.696  1.00 10.98 ? 293 VAL A N   1 
ATOM   657 C  CA  . VAL A 1 93  ? -4.276  -3.609  -6.929  1.00 8.68  ? 293 VAL A CA  1 
ATOM   658 C  C   . VAL A 1 93  ? -5.159  -3.870  -8.149  1.00 13.76 ? 293 VAL A C   1 
ATOM   659 O  O   . VAL A 1 93  ? -6.363  -3.610  -8.101  1.00 13.84 ? 293 VAL A O   1 
ATOM   660 C  CB  . VAL A 1 93  ? -3.412  -2.334  -7.190  1.00 7.70  ? 293 VAL A CB  1 
ATOM   661 C  CG1 . VAL A 1 93  ? -4.297  -1.092  -7.266  1.00 3.73  ? 293 VAL A CG1 1 
ATOM   662 C  CG2 . VAL A 1 93  ? -2.401  -2.136  -6.096  1.00 9.65  ? 293 VAL A CG2 1 
ATOM   663 N  N   . LYS A 1 94  ? -4.544  -4.346  -9.235  1.00 4.60  ? 294 LYS A N   1 
ATOM   664 C  CA  . LYS A 1 94  ? -5.259  -4.654  -10.477 1.00 8.82  ? 294 LYS A CA  1 
ATOM   665 C  C   . LYS A 1 94  ? -6.384  -5.647  -10.211 1.00 11.95 ? 294 LYS A C   1 
ATOM   666 O  O   . LYS A 1 94  ? -7.503  -5.490  -10.717 1.00 14.82 ? 294 LYS A O   1 
ATOM   667 C  CB  . LYS A 1 94  ? -4.311  -5.254  -11.530 1.00 6.83  ? 294 LYS A CB  1 
ATOM   668 C  CG  . LYS A 1 94  ? -3.208  -4.337  -12.047 1.00 13.42 ? 294 LYS A CG  1 
ATOM   669 C  CD  . LYS A 1 94  ? -2.486  -4.971  -13.218 1.00 21.93 ? 294 LYS A CD  1 
ATOM   670 C  CE  . LYS A 1 94  ? -1.245  -4.200  -13.619 1.00 26.77 ? 294 LYS A CE  1 
ATOM   671 N  NZ  . LYS A 1 94  ? -1.545  -2.842  -14.145 1.00 34.37 ? 294 LYS A NZ  1 
ATOM   672 N  N   . LEU A 1 95  ? -6.076  -6.648  -9.390  1.00 11.75 ? 295 LEU A N   1 
ATOM   673 C  CA  . LEU A 1 95  ? -7.010  -7.704  -9.025  1.00 17.27 ? 295 LEU A CA  1 
ATOM   674 C  C   . LEU A 1 95  ? -8.220  -7.209  -8.231  1.00 16.24 ? 295 LEU A C   1 
ATOM   675 O  O   . LEU A 1 95  ? -9.359  -7.473  -8.604  1.00 19.87 ? 295 LEU A O   1 
ATOM   676 C  CB  . LEU A 1 95  ? -6.285  -8.799  -8.225  1.00 14.89 ? 295 LEU A CB  1 
ATOM   677 C  CG  . LEU A 1 95  ? -7.078  -9.998  -7.675  1.00 16.37 ? 295 LEU A CG  1 
ATOM   678 C  CD1 . LEU A 1 95  ? -7.609  -10.874 -8.804  1.00 18.93 ? 295 LEU A CD1 1 
ATOM   679 C  CD2 . LEU A 1 95  ? -6.192  -10.831 -6.748  1.00 21.45 ? 295 LEU A CD2 1 
ATOM   680 N  N   . MET A 1 96  ? -7.965  -6.524  -7.122  1.00 13.50 ? 296 MET A N   1 
ATOM   681 C  CA  . MET A 1 96  ? -9.051  -6.041  -6.276  1.00 11.49 ? 296 MET A CA  1 
ATOM   682 C  C   . MET A 1 96  ? -9.741  -4.761  -6.735  1.00 12.85 ? 296 MET A C   1 
ATOM   683 O  O   . MET A 1 96  ? -10.955 -4.653  -6.639  1.00 16.56 ? 296 MET A O   1 
ATOM   684 C  CB  . MET A 1 96  ? -8.563  -5.845  -4.836  1.00 8.24  ? 296 MET A CB  1 
ATOM   685 C  CG  . MET A 1 96  ? -7.926  -7.074  -4.181  1.00 16.99 ? 296 MET A CG  1 
ATOM   686 S  SD  . MET A 1 96  ? -8.836  -8.651  -4.362  1.00 15.67 ? 296 MET A SD  1 
ATOM   687 C  CE  . MET A 1 96  ? -9.996  -8.504  -3.090  1.00 4.87  ? 296 MET A CE  1 
ATOM   688 N  N   . LYS A 1 97  ? -8.962  -3.810  -7.238  1.00 11.97 ? 297 LYS A N   1 
ATOM   689 C  CA  . LYS A 1 97  ? -9.501  -2.524  -7.659  1.00 9.10  ? 297 LYS A CA  1 
ATOM   690 C  C   . LYS A 1 97  ? -9.811  -2.344  -9.135  1.00 8.67  ? 297 LYS A C   1 
ATOM   691 O  O   . LYS A 1 97  ? -10.626 -1.508  -9.490  1.00 15.29 ? 297 LYS A O   1 
ATOM   692 C  CB  . LYS A 1 97  ? -8.572  -1.386  -7.191  1.00 3.63  ? 297 LYS A CB  1 
ATOM   693 C  CG  . LYS A 1 97  ? -8.359  -1.305  -5.667  1.00 10.12 ? 297 LYS A CG  1 
ATOM   694 C  CD  . LYS A 1 97  ? -9.685  -1.220  -4.883  1.00 7.30  ? 297 LYS A CD  1 
ATOM   695 C  CE  . LYS A 1 97  ? -10.341 0.169   -4.942  1.00 8.67  ? 297 LYS A CE  1 
ATOM   696 N  NZ  . LYS A 1 97  ? -11.664 0.214   -4.222  1.00 18.13 ? 297 LYS A NZ  1 
ATOM   697 N  N   . GLY A 1 98  ? -9.054  -3.015  -9.990  1.00 9.23  ? 298 GLY A N   1 
ATOM   698 C  CA  . GLY A 1 98  ? -9.275  -2.864  -11.412 1.00 9.51  ? 298 GLY A CA  1 
ATOM   699 C  C   . GLY A 1 98  ? -8.345  -1.831  -12.030 1.00 14.91 ? 298 GLY A C   1 
ATOM   700 O  O   . GLY A 1 98  ? -7.763  -0.994  -11.316 1.00 14.66 ? 298 GLY A O   1 
ATOM   701 N  N   . GLN A 1 99  ? -8.172  -1.899  -13.352 1.00 15.51 ? 299 GLN A N   1 
ATOM   702 C  CA  . GLN A 1 99  ? -7.299  -0.989  -14.082 1.00 13.75 ? 299 GLN A CA  1 
ATOM   703 C  C   . GLN A 1 99  ? -7.824  0.446   -14.129 1.00 13.57 ? 299 GLN A C   1 
ATOM   704 O  O   . GLN A 1 99  ? -7.041  1.391   -14.060 1.00 14.86 ? 299 GLN A O   1 
ATOM   705 C  CB  . GLN A 1 99  ? -7.050  -1.512  -15.505 1.00 15.14 ? 299 GLN A CB  1 
ATOM   706 C  CG  . GLN A 1 99  ? -5.900  -0.819  -16.263 1.00 17.38 ? 299 GLN A CG  1 
ATOM   707 C  CD  . GLN A 1 99  ? -4.585  -0.836  -15.483 1.00 18.90 ? 299 GLN A CD  1 
ATOM   708 O  OE1 . GLN A 1 99  ? -4.087  -1.897  -15.100 1.00 25.65 ? 299 GLN A OE1 1 
ATOM   709 N  NE2 . GLN A 1 99  ? -4.038  0.343   -15.221 1.00 17.44 ? 299 GLN A NE2 1 
ATOM   710 N  N   . LEU A 1 100 ? -9.140  0.599   -14.266 1.00 15.73 ? 300 LEU A N   1 
ATOM   711 C  CA  . LEU A 1 100 ? -9.775  1.923   -14.348 1.00 13.75 ? 300 LEU A CA  1 
ATOM   712 C  C   . LEU A 1 100 ? -9.534  2.749   -13.087 1.00 10.68 ? 300 LEU A C   1 
ATOM   713 O  O   . LEU A 1 100 ? -9.285  3.958   -13.157 1.00 8.28  ? 300 LEU A O   1 
ATOM   714 C  CB  . LEU A 1 100 ? -11.276 1.786   -14.624 1.00 13.10 ? 300 LEU A CB  1 
ATOM   715 C  CG  . LEU A 1 100 ? -11.639 1.228   -16.005 1.00 13.95 ? 300 LEU A CG  1 
ATOM   716 C  CD1 . LEU A 1 100 ? -13.139 1.038   -16.074 1.00 5.68  ? 300 LEU A CD1 1 
ATOM   717 C  CD2 . LEU A 1 100 ? -11.146 2.153   -17.125 1.00 12.26 ? 300 LEU A CD2 1 
ATOM   718 N  N   . TYR A 1 101 ? -9.564  2.076   -11.937 1.00 10.09 ? 301 TYR A N   1 
ATOM   719 C  CA  . TYR A 1 101 ? -9.337  2.726   -10.646 1.00 11.87 ? 301 TYR A CA  1 
ATOM   720 C  C   . TYR A 1 101 ? -7.927  3.303   -10.634 1.00 12.30 ? 301 TYR A C   1 
ATOM   721 O  O   . TYR A 1 101 ? -7.712  4.436   -10.204 1.00 8.43  ? 301 TYR A O   1 
ATOM   722 C  CB  . TYR A 1 101 ? -9.511  1.738   -9.472  1.00 8.88  ? 301 TYR A CB  1 
ATOM   723 C  CG  . TYR A 1 101 ? -9.200  2.307   -8.096  1.00 11.37 ? 301 TYR A CG  1 
ATOM   724 C  CD1 . TYR A 1 101 ? -10.090 3.150   -7.453  1.00 8.50  ? 301 TYR A CD1 1 
ATOM   725 C  CD2 . TYR A 1 101 ? -8.002  2.036   -7.453  1.00 7.26  ? 301 TYR A CD2 1 
ATOM   726 C  CE1 . TYR A 1 101 ? -9.807  3.695   -6.183  1.00 19.01 ? 301 TYR A CE1 1 
ATOM   727 C  CE2 . TYR A 1 101 ? -7.716  2.561   -6.186  1.00 12.87 ? 301 TYR A CE2 1 
ATOM   728 C  CZ  . TYR A 1 101 ? -8.614  3.398   -5.567  1.00 18.45 ? 301 TYR A CZ  1 
ATOM   729 O  OH  . TYR A 1 101 ? -8.319  3.898   -4.313  1.00 15.63 ? 301 TYR A OH  1 
ATOM   730 N  N   . ILE A 1 102 ? -6.973  2.475   -11.053 1.00 13.16 ? 302 ILE A N   1 
ATOM   731 C  CA  . ILE A 1 102 ? -5.558  2.841   -11.123 1.00 11.82 ? 302 ILE A CA  1 
ATOM   732 C  C   . ILE A 1 102 ? -5.373  4.088   -11.994 1.00 11.91 ? 302 ILE A C   1 
ATOM   733 O  O   . ILE A 1 102 ? -4.695  5.031   -11.596 1.00 11.25 ? 302 ILE A O   1 
ATOM   734 C  CB  . ILE A 1 102 ? -4.713  1.644   -11.679 1.00 15.36 ? 302 ILE A CB  1 
ATOM   735 C  CG1 . ILE A 1 102 ? -4.769  0.466   -10.703 1.00 15.25 ? 302 ILE A CG1 1 
ATOM   736 C  CG2 . ILE A 1 102 ? -3.253  2.054   -11.944 1.00 13.77 ? 302 ILE A CG2 1 
ATOM   737 C  CD1 . ILE A 1 102 ? -4.119  -0.814  -11.207 1.00 14.04 ? 302 ILE A CD1 1 
ATOM   738 N  N   . ASP A 1 103 ? -6.061  4.103   -13.136 1.00 10.34 ? 303 ASP A N   1 
ATOM   739 C  CA  . ASP A 1 103 ? -6.007  5.221   -14.082 1.00 6.94  ? 303 ASP A CA  1 
ATOM   740 C  C   . ASP A 1 103 ? -6.668  6.492   -13.515 1.00 8.54  ? 303 ASP A C   1 
ATOM   741 O  O   . ASP A 1 103 ? -6.209  7.613   -13.758 1.00 11.23 ? 303 ASP A O   1 
ATOM   742 C  CB  . ASP A 1 103 ? -6.703  4.828   -15.400 1.00 2.00  ? 303 ASP A CB  1 
ATOM   743 C  CG  . ASP A 1 103 ? -5.969  3.740   -16.177 1.00 9.76  ? 303 ASP A CG  1 
ATOM   744 O  OD1 . ASP A 1 103 ? -4.749  3.562   -15.971 1.00 16.17 ? 303 ASP A OD1 1 
ATOM   745 O  OD2 . ASP A 1 103 ? -6.620  3.079   -17.015 1.00 14.00 ? 303 ASP A OD2 1 
ATOM   746 N  N   . THR A 1 104 ? -7.779  6.310   -12.803 1.00 8.97  ? 304 THR A N   1 
ATOM   747 C  CA  . THR A 1 104 ? -8.532  7.412   -12.202 1.00 12.60 ? 304 THR A CA  1 
ATOM   748 C  C   . THR A 1 104 ? -7.759  8.045   -11.035 1.00 9.06  ? 304 THR A C   1 
ATOM   749 O  O   . THR A 1 104 ? -7.764  9.268   -10.863 1.00 11.29 ? 304 THR A O   1 
ATOM   750 C  CB  . THR A 1 104 ? -9.960  6.926   -11.755 1.00 15.61 ? 304 THR A CB  1 
ATOM   751 O  OG1 . THR A 1 104 ? -10.685 6.453   -12.898 1.00 19.11 ? 304 THR A OG1 1 
ATOM   752 C  CG2 . THR A 1 104 ? -10.773 8.043   -11.106 1.00 2.00  ? 304 THR A CG2 1 
ATOM   753 N  N   . VAL A 1 105 ? -7.078  7.207   -10.257 1.00 14.48 ? 305 VAL A N   1 
ATOM   754 C  CA  . VAL A 1 105 ? -6.282  7.652   -9.113  1.00 13.05 ? 305 VAL A CA  1 
ATOM   755 C  C   . VAL A 1 105 ? -5.216  8.639   -9.577  1.00 12.77 ? 305 VAL A C   1 
ATOM   756 O  O   . VAL A 1 105 ? -5.047  9.714   -8.994  1.00 18.28 ? 305 VAL A O   1 
ATOM   757 C  CB  . VAL A 1 105 ? -5.633  6.422   -8.388  1.00 11.80 ? 305 VAL A CB  1 
ATOM   758 C  CG1 . VAL A 1 105 ? -4.495  6.825   -7.449  1.00 13.77 ? 305 VAL A CG1 1 
ATOM   759 C  CG2 . VAL A 1 105 ? -6.686  5.723   -7.558  1.00 10.78 ? 305 VAL A CG2 1 
ATOM   760 N  N   . ALA A 1 106 ? -4.545  8.267   -10.657 1.00 16.94 ? 306 ALA A N   1 
ATOM   761 C  CA  . ALA A 1 106 ? -3.481  9.054   -11.245 1.00 12.28 ? 306 ALA A CA  1 
ATOM   762 C  C   . ALA A 1 106 ? -3.998  10.352  -11.902 1.00 11.03 ? 306 ALA A C   1 
ATOM   763 O  O   . ALA A 1 106 ? -3.255  11.317  -12.062 1.00 10.76 ? 306 ALA A O   1 
ATOM   764 C  CB  . ALA A 1 106 ? -2.706  8.165   -12.215 1.00 13.15 ? 306 ALA A CB  1 
ATOM   765 N  N   . ALA A 1 107 ? -5.304  10.400  -12.166 1.00 16.73 ? 307 ALA A N   1 
ATOM   766 C  CA  . ALA A 1 107 ? -5.948  11.566  -12.772 1.00 15.75 ? 307 ALA A CA  1 
ATOM   767 C  C   . ALA A 1 107 ? -6.378  12.621  -11.741 1.00 14.26 ? 307 ALA A C   1 
ATOM   768 O  O   . ALA A 1 107 ? -6.564  13.791  -12.090 1.00 14.06 ? 307 ALA A O   1 
ATOM   769 C  CB  . ALA A 1 107 ? -7.148  11.112  -13.611 1.00 21.14 ? 307 ALA A CB  1 
ATOM   770 N  N   . LYS A 1 108 ? -6.622  12.204  -10.496 1.00 16.98 ? 308 LYS A N   1 
ATOM   771 C  CA  . LYS A 1 108 ? -7.025  13.113  -9.418  1.00 14.04 ? 308 LYS A CA  1 
ATOM   772 C  C   . LYS A 1 108 ? -5.874  14.094  -9.165  1.00 13.88 ? 308 LYS A C   1 
ATOM   773 O  O   . LYS A 1 108 ? -4.786  13.680  -8.788  1.00 13.98 ? 308 LYS A O   1 
ATOM   774 C  CB  . LYS A 1 108 ? -7.326  12.312  -8.140  1.00 17.64 ? 308 LYS A CB  1 
ATOM   775 C  CG  . LYS A 1 108 ? -8.616  11.476  -8.180  1.00 23.41 ? 308 LYS A CG  1 
ATOM   776 C  CD  . LYS A 1 108 ? -8.838  10.597  -6.946  1.00 28.82 ? 308 LYS A CD  1 
ATOM   777 C  CE  . LYS A 1 108 ? -8.886  11.399  -5.647  1.00 34.73 ? 308 LYS A CE  1 
ATOM   778 N  NZ  . LYS A 1 108 ? -9.795  12.577  -5.684  1.00 37.47 ? 308 LYS A NZ  1 
ATOM   779 N  N   . PRO A 1 109 ? -6.124  15.411  -9.303  1.00 15.47 ? 309 PRO A N   1 
ATOM   780 C  CA  . PRO A 1 109 ? -5.143  16.485  -9.111  1.00 17.17 ? 309 PRO A CA  1 
ATOM   781 C  C   . PRO A 1 109 ? -4.209  16.370  -7.897  1.00 16.28 ? 309 PRO A C   1 
ATOM   782 O  O   . PRO A 1 109 ? -2.982  16.371  -8.071  1.00 17.72 ? 309 PRO A O   1 
ATOM   783 C  CB  . PRO A 1 109 ? -6.019  17.761  -9.090  1.00 13.41 ? 309 PRO A CB  1 
ATOM   784 C  CG  . PRO A 1 109 ? -7.389  17.267  -8.793  1.00 19.27 ? 309 PRO A CG  1 
ATOM   785 C  CD  . PRO A 1 109 ? -7.441  15.989  -9.588  1.00 13.38 ? 309 PRO A CD  1 
ATOM   786 N  N   . VAL A 1 110 ? -4.775  16.272  -6.688  1.00 17.32 ? 310 VAL A N   1 
ATOM   787 C  CA  . VAL A 1 110 ? -4.002  16.152  -5.438  1.00 18.39 ? 310 VAL A CA  1 
ATOM   788 C  C   . VAL A 1 110 ? -2.994  14.989  -5.481  1.00 16.69 ? 310 VAL A C   1 
ATOM   789 O  O   . VAL A 1 110 ? -1.848  15.128  -5.041  1.00 21.86 ? 310 VAL A O   1 
ATOM   790 C  CB  . VAL A 1 110 ? -4.956  16.072  -4.170  1.00 18.60 ? 310 VAL A CB  1 
ATOM   791 C  CG1 . VAL A 1 110 ? -5.930  14.886  -4.263  1.00 27.00 ? 310 VAL A CG1 1 
ATOM   792 C  CG2 . VAL A 1 110 ? -4.170  15.999  -2.865  1.00 18.00 ? 310 VAL A CG2 1 
ATOM   793 N  N   . LEU A 1 111 ? -3.445  13.860  -6.024  1.00 11.82 ? 311 LEU A N   1 
ATOM   794 C  CA  . LEU A 1 111 ? -2.617  12.659  -6.151  1.00 13.75 ? 311 LEU A CA  1 
ATOM   795 C  C   . LEU A 1 111 ? -1.576  12.788  -7.266  1.00 12.34 ? 311 LEU A C   1 
ATOM   796 O  O   . LEU A 1 111 ? -0.414  12.390  -7.105  1.00 17.31 ? 311 LEU A O   1 
ATOM   797 C  CB  . LEU A 1 111 ? -3.525  11.433  -6.365  1.00 12.14 ? 311 LEU A CB  1 
ATOM   798 C  CG  . LEU A 1 111 ? -4.515  11.146  -5.227  1.00 16.63 ? 311 LEU A CG  1 
ATOM   799 C  CD1 . LEU A 1 111 ? -5.305  9.915   -5.568  1.00 12.75 ? 311 LEU A CD1 1 
ATOM   800 C  CD2 . LEU A 1 111 ? -3.794  10.952  -3.898  1.00 18.31 ? 311 LEU A CD2 1 
ATOM   801 N  N   . ALA A 1 112 ? -2.002  13.367  -8.382  1.00 6.72  ? 312 ALA A N   1 
ATOM   802 C  CA  . ALA A 1 112 ? -1.164  13.582  -9.553  1.00 8.46  ? 312 ALA A CA  1 
ATOM   803 C  C   . ALA A 1 112 ? 0.063   14.407  -9.149  1.00 11.13 ? 312 ALA A C   1 
ATOM   804 O  O   . ALA A 1 112 ? 1.172   14.170  -9.622  1.00 16.74 ? 312 ALA A O   1 
ATOM   805 C  CB  . ALA A 1 112 ? -1.987  14.319  -10.650 1.00 8.54  ? 312 ALA A CB  1 
ATOM   806 N  N   . GLU A 1 113 ? -0.157  15.377  -8.259  1.00 10.36 ? 313 GLU A N   1 
ATOM   807 C  CA  . GLU A 1 113 ? 0.900   16.254  -7.759  1.00 8.35  ? 313 GLU A CA  1 
ATOM   808 C  C   . GLU A 1 113 ? 1.889   15.553  -6.821  1.00 10.23 ? 313 GLU A C   1 
ATOM   809 O  O   . GLU A 1 113 ? 3.067   15.934  -6.776  1.00 8.88  ? 313 GLU A O   1 
ATOM   810 C  CB  . GLU A 1 113 ? 0.284   17.466  -7.050  1.00 7.90  ? 313 GLU A CB  1 
ATOM   811 C  CG  . GLU A 1 113 ? -0.663  18.235  -7.944  1.00 10.36 ? 313 GLU A CG  1 
ATOM   812 C  CD  . GLU A 1 113 ? -0.986  19.637  -7.479  1.00 14.82 ? 313 GLU A CD  1 
ATOM   813 O  OE1 . GLU A 1 113 ? -0.953  19.917  -6.264  1.00 16.59 ? 313 GLU A OE1 1 
ATOM   814 O  OE2 . GLU A 1 113 ? -1.284  20.460  -8.368  1.00 7.16  ? 313 GLU A OE2 1 
ATOM   815 N  N   . GLU A 1 114 ? 1.398   14.578  -6.046  1.00 12.70 ? 314 GLU A N   1 
ATOM   816 C  CA  . GLU A 1 114 ? 2.229   13.805  -5.114  1.00 17.96 ? 314 GLU A CA  1 
ATOM   817 C  C   . GLU A 1 114 ? 3.277   13.096  -5.963  1.00 21.92 ? 314 GLU A C   1 
ATOM   818 O  O   . GLU A 1 114 ? 4.454   12.990  -5.591  1.00 24.46 ? 314 GLU A O   1 
ATOM   819 C  CB  . GLU A 1 114 ? 1.398   12.723  -4.403  1.00 17.27 ? 314 GLU A CB  1 
ATOM   820 C  CG  . GLU A 1 114 ? 0.503   13.167  -3.242  1.00 23.36 ? 314 GLU A CG  1 
ATOM   821 C  CD  . GLU A 1 114 ? -0.048  11.989  -2.453  1.00 26.44 ? 314 GLU A CD  1 
ATOM   822 O  OE1 . GLU A 1 114 ? 0.732   11.058  -2.163  1.00 26.58 ? 314 GLU A OE1 1 
ATOM   823 O  OE2 . GLU A 1 114 ? -1.257  11.992  -2.130  1.00 27.18 ? 314 GLU A OE2 1 
ATOM   824 N  N   . LYS A 1 115 ? 2.787   12.531  -7.066  1.00 20.82 ? 315 LYS A N   1 
ATOM   825 C  CA  . LYS A 1 115 ? 3.583   11.802  -8.043  1.00 22.67 ? 315 LYS A CA  1 
ATOM   826 C  C   . LYS A 1 115 ? 4.634   12.670  -8.732  1.00 20.38 ? 315 LYS A C   1 
ATOM   827 O  O   . LYS A 1 115 ? 5.778   12.239  -8.911  1.00 28.81 ? 315 LYS A O   1 
ATOM   828 C  CB  . LYS A 1 115 ? 2.640   11.187  -9.090  1.00 25.38 ? 315 LYS A CB  1 
ATOM   829 C  CG  . LYS A 1 115 ? 3.289   10.262  -10.122 1.00 24.89 ? 315 LYS A CG  1 
ATOM   830 C  CD  . LYS A 1 115 ? 3.647   8.909   -9.526  1.00 29.19 ? 315 LYS A CD  1 
ATOM   831 C  CE  . LYS A 1 115 ? 4.236   7.981   -10.573 1.00 33.27 ? 315 LYS A CE  1 
ATOM   832 N  NZ  . LYS A 1 115 ? 3.287   7.763   -11.700 1.00 42.30 ? 315 LYS A NZ  1 
ATOM   833 N  N   . GLU A 1 116 ? 4.235   13.910  -9.021  1.00 25.84 ? 316 GLU A N   1 
ATOM   834 C  CA  . GLU A 1 116 ? 5.022   14.951  -9.722  1.00 35.61 ? 316 GLU A CA  1 
ATOM   835 C  C   . GLU A 1 116 ? 5.114   14.798  -11.249 1.00 43.53 ? 316 GLU A C   1 
ATOM   836 O  O   . GLU A 1 116 ? 5.168   15.837  -11.961 1.00 42.20 ? 316 GLU A O   1 
ATOM   837 C  CB  . GLU A 1 116 ? 6.426   15.176  -9.121  1.00 33.94 ? 316 GLU A CB  1 
ATOM   838 C  CG  . GLU A 1 116 ? 6.472   16.131  -7.928  1.00 38.64 ? 316 GLU A CG  1 
ATOM   839 C  CD  . GLU A 1 116 ? 6.977   15.474  -6.651  1.00 44.86 ? 316 GLU A CD  1 
ATOM   840 O  OE1 . GLU A 1 116 ? 6.270   15.555  -5.623  1.00 45.61 ? 316 GLU A OE1 1 
ATOM   841 O  OE2 . GLU A 1 116 ? 8.072   14.871  -6.673  1.00 48.85 ? 316 GLU A OE2 1 
ATOM   842 N  N   . ALA B 2 1   ? 1.752   9.891   1.170   1.00 3.34  ? 1   ALA B N   1 
ATOM   843 C  CA  . ALA B 2 1   ? 2.844   8.916   1.414   1.00 5.54  ? 1   ALA B CA  1 
ATOM   844 C  C   . ALA B 2 1   ? 3.884   8.963   0.287   1.00 9.75  ? 1   ALA B C   1 
ATOM   845 O  O   . ALA B 2 1   ? 3.584   9.386   -0.834  1.00 8.41  ? 1   ALA B O   1 
ATOM   846 C  CB  . ALA B 2 1   ? 2.256   7.507   1.584   1.00 5.39  ? 1   ALA B CB  1 
ATOM   847 N  N   . VAL B 2 2   ? 5.124   8.582   0.607   1.00 19.55 ? 2   VAL B N   1 
ATOM   848 C  CA  . VAL B 2 2   ? 6.231   8.554   -0.352  1.00 26.10 ? 2   VAL B CA  1 
ATOM   849 C  C   . VAL B 2 2   ? 6.866   7.149   -0.293  1.00 19.36 ? 2   VAL B C   1 
ATOM   850 O  O   . VAL B 2 2   ? 6.862   6.513   0.753   1.00 25.18 ? 2   VAL B O   1 
ATOM   851 C  CB  . VAL B 2 2   ? 7.265   9.707   -0.039  1.00 25.90 ? 2   VAL B CB  1 
ATOM   852 C  CG1 . VAL B 2 2   ? 8.517   9.581   -0.905  1.00 32.48 ? 2   VAL B CG1 1 
ATOM   853 C  CG2 . VAL B 2 2   ? 6.627   11.066  -0.300  1.00 30.13 ? 2   VAL B CG2 1 
ATOM   854 N  N   . PRO B 2 3   ? 7.245   6.583   -1.434  1.00 12.62 ? 3   PRO B N   1 
ATOM   855 C  CA  . PRO B 2 3   ? 7.860   5.254   -1.339  1.00 13.95 ? 3   PRO B CA  1 
ATOM   856 C  C   . PRO B 2 3   ? 9.301   5.270   -0.831  1.00 16.83 ? 3   PRO B C   1 
ATOM   857 O  O   . PRO B 2 3   ? 10.019  6.261   -1.011  1.00 13.91 ? 3   PRO B O   1 
ATOM   858 C  CB  . PRO B 2 3   ? 7.805   4.775   -2.789  1.00 9.55  ? 3   PRO B CB  1 
ATOM   859 C  CG  . PRO B 2 3   ? 7.971   6.027   -3.562  1.00 2.00  ? 3   PRO B CG  1 
ATOM   860 C  CD  . PRO B 2 3   ? 6.973   6.932   -2.832  1.00 12.49 ? 3   PRO B CD  1 
ATOM   861 N  N   . PHE B 2 4   ? 9.701   4.191   -0.171  1.00 16.36 ? 4   PHE B N   1 
ATOM   862 C  CA  . PHE B 2 4   ? 11.077  4.062   0.297   1.00 21.14 ? 4   PHE B CA  1 
ATOM   863 C  C   . PHE B 2 4   ? 11.725  2.933   -0.492  1.00 28.87 ? 4   PHE B C   1 
ATOM   864 O  O   . PHE B 2 4   ? 12.948  2.730   -0.447  1.00 34.75 ? 4   PHE B O   1 
ATOM   865 C  CB  . PHE B 2 4   ? 11.182  3.832   1.822   1.00 16.88 ? 4   PHE B CB  1 
ATOM   866 C  CG  . PHE B 2 4   ? 10.471  2.599   2.340   1.00 13.12 ? 4   PHE B CG  1 
ATOM   867 C  CD1 . PHE B 2 4   ? 11.100  1.357   2.379   1.00 17.71 ? 4   PHE B CD1 1 
ATOM   868 C  CD2 . PHE B 2 4   ? 9.187   2.690   2.864   1.00 16.06 ? 4   PHE B CD2 1 
ATOM   869 C  CE1 . PHE B 2 4   ? 10.452  0.250   2.940   1.00 23.39 ? 4   PHE B CE1 1 
ATOM   870 C  CE2 . PHE B 2 4   ? 8.550   1.573   3.425   1.00 19.98 ? 4   PHE B CE2 1 
ATOM   871 C  CZ  . PHE B 2 4   ? 9.180   0.371   3.460   1.00 24.92 ? 4   PHE B CZ  1 
ATOM   872 N  N   . TYR B 2 5   ? 10.894  2.240   -1.272  1.00 34.75 ? 5   TYR B N   1 
ATOM   873 C  CA  . TYR B 2 5   ? 11.303  1.120   -2.126  1.00 41.08 ? 5   TYR B CA  1 
ATOM   874 C  C   . TYR B 2 5   ? 10.246  0.892   -3.205  1.00 44.79 ? 5   TYR B C   1 
ATOM   875 O  O   . TYR B 2 5   ? 9.053   0.846   -2.915  1.00 47.32 ? 5   TYR B O   1 
ATOM   876 C  CB  . TYR B 2 5   ? 11.504  -0.185  -1.312  1.00 45.54 ? 5   TYR B CB  1 
ATOM   877 C  CG  . TYR B 2 5   ? 11.745  -1.415  -2.179  1.00 51.11 ? 5   TYR B CG  1 
ATOM   878 C  CD1 . TYR B 2 5   ? 12.954  -1.610  -2.843  1.00 52.32 ? 5   TYR B CD1 1 
ATOM   879 C  CD2 . TYR B 2 5   ? 10.753  -2.363  -2.379  1.00 51.03 ? 5   TYR B CD2 1 
ATOM   880 C  CE1 . TYR B 2 5   ? 13.160  -2.719  -3.684  1.00 50.89 ? 5   TYR B CE1 1 
ATOM   881 C  CE2 . TYR B 2 5   ? 10.954  -3.471  -3.219  1.00 52.14 ? 5   TYR B CE2 1 
ATOM   882 C  CZ  . TYR B 2 5   ? 12.151  -3.636  -3.864  1.00 53.14 ? 5   TYR B CZ  1 
ATOM   883 O  OH  . TYR B 2 5   ? 12.311  -4.707  -4.718  1.00 56.28 ? 5   TYR B OH  1 
ATOM   884 N  N   . LEU B 2 6   ? 10.707  0.792   -4.451  1.00 49.22 ? 6   LEU B N   1 
ATOM   885 C  CA  . LEU B 2 6   ? 9.869   0.551   -5.616  1.00 54.66 ? 6   LEU B CA  1 
ATOM   886 C  C   . LEU B 2 6   ? 10.506  -0.629  -6.359  1.00 60.89 ? 6   LEU B C   1 
ATOM   887 O  O   . LEU B 2 6   ? 11.720  -0.769  -6.362  1.00 65.14 ? 6   LEU B O   1 
ATOM   888 C  CB  . LEU B 2 6   ? 9.854   1.798   -6.511  1.00 52.64 ? 6   LEU B CB  1 
ATOM   889 C  CG  . LEU B 2 6   ? 9.145   3.064   -6.008  1.00 50.12 ? 6   LEU B CG  1 
ATOM   890 C  CD1 . LEU B 2 6   ? 9.389   4.229   -6.970  1.00 46.21 ? 6   LEU B CD1 1 
ATOM   891 C  CD2 . LEU B 2 6   ? 7.642   2.800   -5.910  1.00 43.96 ? 6   LEU B CD2 1 
ATOM   892 N  N   . PRO B 2 7   ? 9.689   -1.527  -6.941  1.00 66.16 ? 7   PRO B N   1 
ATOM   893 C  CA  . PRO B 2 7   ? 10.215  -2.691  -7.677  1.00 69.62 ? 7   PRO B CA  1 
ATOM   894 C  C   . PRO B 2 7   ? 11.091  -2.221  -8.834  1.00 74.23 ? 7   PRO B C   1 
ATOM   895 O  O   . PRO B 2 7   ? 10.859  -1.130  -9.383  1.00 73.69 ? 7   PRO B O   1 
ATOM   896 C  CB  . PRO B 2 7   ? 8.940   -3.364  -8.201  1.00 68.61 ? 7   PRO B CB  1 
ATOM   897 C  CG  . PRO B 2 7   ? 7.934   -3.051  -7.161  1.00 64.23 ? 7   PRO B CG  1 
ATOM   898 C  CD  . PRO B 2 7   ? 8.225   -1.578  -6.865  1.00 65.29 ? 7   PRO B CD  1 
ATOM   899 N  N   . GLU B 2 8   ? 12.072  -3.046  -9.208  1.00 79.22 ? 8   GLU B N   1 
ATOM   900 C  CA  . GLU B 2 8   ? 13.004  -2.730  -10.292 1.00 85.03 ? 8   GLU B CA  1 
ATOM   901 C  C   . GLU B 2 8   ? 12.289  -2.615  -11.640 1.00 87.31 ? 8   GLU B C   1 
ATOM   902 O  O   . GLU B 2 8   ? 11.369  -3.422  -11.908 1.00 88.04 ? 8   GLU B O   1 
ATOM   903 C  CB  . GLU B 2 8   ? 14.122  -3.788  -10.379 1.00 86.22 ? 8   GLU B CB  1 
ATOM   904 C  CG  . GLU B 2 8   ? 15.039  -3.886  -9.151  1.00 90.13 ? 8   GLU B CG  1 
ATOM   905 C  CD  . GLU B 2 8   ? 14.497  -4.811  -8.072  1.00 91.42 ? 8   GLU B CD  1 
ATOM   906 O  OE1 . GLU B 2 8   ? 14.682  -6.043  -8.196  1.00 91.34 ? 8   GLU B OE1 1 
ATOM   907 O  OE2 . GLU B 2 8   ? 13.889  -4.311  -7.105  1.00 90.88 ? 8   GLU B OE2 1 
HETATM 908 ZN ZN  . ZN  C 3 .   ? 1.379   -3.803  -4.361  1.00 17.78 ? 501 ZN  A ZN  1 
# 
